data_1GH5
# 
_entry.id   1GH5 
# 
_audit_conform.dict_name       mmcif_pdbx.dic 
_audit_conform.dict_version    5.398 
_audit_conform.dict_location   http://mmcif.pdb.org/dictionaries/ascii/mmcif_pdbx.dic 
# 
loop_
_database_2.database_id 
_database_2.database_code 
_database_2.pdbx_database_accession 
_database_2.pdbx_DOI 
PDB   1GH5         pdb_00001gh5 10.2210/pdb1gh5/pdb 
RCSB  RCSB001509   ?            ?                   
WWPDB D_1000001509 ?            ?                   
# 
loop_
_pdbx_audit_revision_history.ordinal 
_pdbx_audit_revision_history.data_content_type 
_pdbx_audit_revision_history.major_revision 
_pdbx_audit_revision_history.minor_revision 
_pdbx_audit_revision_history.revision_date 
1 'Structure model' 1 0 2001-03-28 
2 'Structure model' 1 1 2008-04-26 
3 'Structure model' 1 2 2011-07-13 
4 'Structure model' 1 3 2022-02-23 
5 'Structure model' 1 4 2022-12-21 
6 'Structure model' 1 5 2024-10-30 
# 
_pdbx_audit_revision_details.ordinal             1 
_pdbx_audit_revision_details.revision_ordinal    1 
_pdbx_audit_revision_details.data_content_type   'Structure model' 
_pdbx_audit_revision_details.provider            repository 
_pdbx_audit_revision_details.type                'Initial release' 
_pdbx_audit_revision_details.description         ? 
_pdbx_audit_revision_details.details             ? 
# 
loop_
_pdbx_audit_revision_group.ordinal 
_pdbx_audit_revision_group.revision_ordinal 
_pdbx_audit_revision_group.data_content_type 
_pdbx_audit_revision_group.group 
1 2 'Structure model' 'Version format compliance' 
2 3 'Structure model' 'Version format compliance' 
3 4 'Structure model' 'Data collection'           
4 4 'Structure model' 'Database references'       
5 4 'Structure model' 'Derived calculations'      
6 5 'Structure model' 'Database references'       
7 6 'Structure model' 'Data collection'           
8 6 'Structure model' 'Structure summary'         
# 
loop_
_pdbx_audit_revision_category.ordinal 
_pdbx_audit_revision_category.revision_ordinal 
_pdbx_audit_revision_category.data_content_type 
_pdbx_audit_revision_category.category 
1 4 'Structure model' database_2                
2 4 'Structure model' pdbx_nmr_software         
3 4 'Structure model' pdbx_struct_assembly      
4 4 'Structure model' pdbx_struct_oper_list     
5 5 'Structure model' struct_ref_seq_dif        
6 6 'Structure model' chem_comp_atom            
7 6 'Structure model' chem_comp_bond            
8 6 'Structure model' pdbx_entry_details        
9 6 'Structure model' pdbx_modification_feature 
# 
loop_
_pdbx_audit_revision_item.ordinal 
_pdbx_audit_revision_item.revision_ordinal 
_pdbx_audit_revision_item.data_content_type 
_pdbx_audit_revision_item.item 
1 4 'Structure model' '_database_2.pdbx_DOI'                
2 4 'Structure model' '_database_2.pdbx_database_accession' 
3 4 'Structure model' '_pdbx_nmr_software.name'             
4 5 'Structure model' '_struct_ref_seq_dif.details'         
# 
_pdbx_database_status.status_code                     REL 
_pdbx_database_status.entry_id                        1GH5 
_pdbx_database_status.recvd_initial_deposition_date   2000-11-04 
_pdbx_database_status.deposit_site                    RCSB 
_pdbx_database_status.process_site                    RCSB 
_pdbx_database_status.status_code_mr                  REL 
_pdbx_database_status.SG_entry                        . 
_pdbx_database_status.pdb_format_compatible           Y 
_pdbx_database_status.status_code_sf                  ? 
_pdbx_database_status.status_code_cs                  ? 
_pdbx_database_status.status_code_nmr_data            ? 
_pdbx_database_status.methods_development_category    ? 
# 
loop_
_pdbx_database_related.db_name 
_pdbx_database_related.db_id 
_pdbx_database_related.details 
_pdbx_database_related.content_type 
BMRB 4833 '1H, 13C, and 15N Assignments for the Antifungal Protein from Streptomyces tendae Tu901' unspecified 
PDB  1g6e '30 conformer ensemble'                                                                  unspecified 
# 
loop_
_audit_author.name 
_audit_author.pdbx_ordinal 
'Campos-Olivas, R.' 1 
'Bormann, C.'       2 
'Hoerr, I.'         3 
'Jung, G.'          4 
'Gronenborn, A.M.'  5 
# 
_citation.id                        primary 
_citation.title                     
'Solution structure, backbone dynamics and chitin binding of the anti-fungal protein from Streptomyces tendae TU901.' 
_citation.journal_abbrev            J.Mol.Biol. 
_citation.journal_volume            308 
_citation.page_first                765 
_citation.page_last                 782 
_citation.year                      2001 
_citation.journal_id_ASTM           JMOBAK 
_citation.country                   UK 
_citation.journal_id_ISSN           0022-2836 
_citation.journal_id_CSD            0070 
_citation.book_publisher            ? 
_citation.pdbx_database_id_PubMed   11350173 
_citation.pdbx_database_id_DOI      10.1006/jmbi.2001.4622 
# 
loop_
_citation_author.citation_id 
_citation_author.name 
_citation_author.ordinal 
_citation_author.identifier_ORCID 
primary 'Campos-Olivas, R.' 1 ? 
primary 'Horr, I.'          2 ? 
primary 'Bormann, C.'       3 ? 
primary 'Jung, G.'          4 ? 
primary 'Gronenborn, A.M.'  5 ? 
# 
_entity.id                         1 
_entity.type                       polymer 
_entity.src_method                 man 
_entity.pdbx_description           'ANTIFUNGAL PROTEIN' 
_entity.formula_weight             10000.162 
_entity.pdbx_number_of_molecules   1 
_entity.pdbx_ec                    ? 
_entity.pdbx_mutation              ? 
_entity.pdbx_fragment              AFP1 
_entity.details                    ? 
# 
_entity_poly.entity_id                      1 
_entity_poly.type                           'polypeptide(L)' 
_entity_poly.nstd_linkage                   no 
_entity_poly.nstd_monomer                   no 
_entity_poly.pdbx_seq_one_letter_code       
;MINRTDCNENSYLEIHNNEGRDTLCFANAGTMPVAIYGVNWVESGNNVVTLQFQRNLSDPRLETITLQKWGSWNPGHIHE
ILSIRIY
;
_entity_poly.pdbx_seq_one_letter_code_can   
;MINRTDCNENSYLEIHNNEGRDTLCFANAGTMPVAIYGVNWVESGNNVVTLQFQRNLSDPRLETITLQKWGSWNPGHIHE
ILSIRIY
;
_entity_poly.pdbx_strand_id                 A 
_entity_poly.pdbx_target_identifier         ? 
# 
loop_
_entity_poly_seq.entity_id 
_entity_poly_seq.num 
_entity_poly_seq.mon_id 
_entity_poly_seq.hetero 
1 1  MET n 
1 2  ILE n 
1 3  ASN n 
1 4  ARG n 
1 5  THR n 
1 6  ASP n 
1 7  CYS n 
1 8  ASN n 
1 9  GLU n 
1 10 ASN n 
1 11 SER n 
1 12 TYR n 
1 13 LEU n 
1 14 GLU n 
1 15 ILE n 
1 16 HIS n 
1 17 ASN n 
1 18 ASN n 
1 19 GLU n 
1 20 GLY n 
1 21 ARG n 
1 22 ASP n 
1 23 THR n 
1 24 LEU n 
1 25 CYS n 
1 26 PHE n 
1 27 ALA n 
1 28 ASN n 
1 29 ALA n 
1 30 GLY n 
1 31 THR n 
1 32 MET n 
1 33 PRO n 
1 34 VAL n 
1 35 ALA n 
1 36 ILE n 
1 37 TYR n 
1 38 GLY n 
1 39 VAL n 
1 40 ASN n 
1 41 TRP n 
1 42 VAL n 
1 43 GLU n 
1 44 SER n 
1 45 GLY n 
1 46 ASN n 
1 47 ASN n 
1 48 VAL n 
1 49 VAL n 
1 50 THR n 
1 51 LEU n 
1 52 GLN n 
1 53 PHE n 
1 54 GLN n 
1 55 ARG n 
1 56 ASN n 
1 57 LEU n 
1 58 SER n 
1 59 ASP n 
1 60 PRO n 
1 61 ARG n 
1 62 LEU n 
1 63 GLU n 
1 64 THR n 
1 65 ILE n 
1 66 THR n 
1 67 LEU n 
1 68 GLN n 
1 69 LYS n 
1 70 TRP n 
1 71 GLY n 
1 72 SER n 
1 73 TRP n 
1 74 ASN n 
1 75 PRO n 
1 76 GLY n 
1 77 HIS n 
1 78 ILE n 
1 79 HIS n 
1 80 GLU n 
1 81 ILE n 
1 82 LEU n 
1 83 SER n 
1 84 ILE n 
1 85 ARG n 
1 86 ILE n 
1 87 TYR n 
# 
_entity_src_gen.entity_id                          1 
_entity_src_gen.pdbx_src_id                        1 
_entity_src_gen.pdbx_alt_source_flag               sample 
_entity_src_gen.pdbx_seq_type                      ? 
_entity_src_gen.pdbx_beg_seq_num                   ? 
_entity_src_gen.pdbx_end_seq_num                   ? 
_entity_src_gen.gene_src_common_name               ? 
_entity_src_gen.gene_src_genus                     Streptomyces 
_entity_src_gen.pdbx_gene_src_gene                 AFP 
_entity_src_gen.gene_src_species                   ? 
_entity_src_gen.gene_src_strain                    TU901 
_entity_src_gen.gene_src_tissue                    ? 
_entity_src_gen.gene_src_tissue_fraction           ? 
_entity_src_gen.gene_src_details                   ? 
_entity_src_gen.pdbx_gene_src_fragment             ? 
_entity_src_gen.pdbx_gene_src_scientific_name      'Streptomyces tendae' 
_entity_src_gen.pdbx_gene_src_ncbi_taxonomy_id     1932 
_entity_src_gen.pdbx_gene_src_variant              ? 
_entity_src_gen.pdbx_gene_src_cell_line            ? 
_entity_src_gen.pdbx_gene_src_atcc                 ? 
_entity_src_gen.pdbx_gene_src_organ                ? 
_entity_src_gen.pdbx_gene_src_organelle            ? 
_entity_src_gen.pdbx_gene_src_cell                 ? 
_entity_src_gen.pdbx_gene_src_cellular_location    ? 
_entity_src_gen.host_org_common_name               ? 
_entity_src_gen.pdbx_host_org_scientific_name      'Escherichia coli BL21(DE3)' 
_entity_src_gen.pdbx_host_org_ncbi_taxonomy_id     469008 
_entity_src_gen.host_org_genus                     Escherichia 
_entity_src_gen.pdbx_host_org_gene                 ? 
_entity_src_gen.pdbx_host_org_organ                ? 
_entity_src_gen.host_org_species                   'Escherichia coli' 
_entity_src_gen.pdbx_host_org_tissue               ? 
_entity_src_gen.pdbx_host_org_tissue_fraction      ? 
_entity_src_gen.pdbx_host_org_strain               'BL21(DE3)' 
_entity_src_gen.pdbx_host_org_variant              ? 
_entity_src_gen.pdbx_host_org_cell_line            ? 
_entity_src_gen.pdbx_host_org_atcc                 ? 
_entity_src_gen.pdbx_host_org_culture_collection   ? 
_entity_src_gen.pdbx_host_org_cell                 ? 
_entity_src_gen.pdbx_host_org_organelle            ? 
_entity_src_gen.pdbx_host_org_cellular_location    ? 
_entity_src_gen.pdbx_host_org_vector_type          PLASMID 
_entity_src_gen.pdbx_host_org_vector               ? 
_entity_src_gen.host_org_details                   ? 
_entity_src_gen.expression_system_id               ? 
_entity_src_gen.plasmid_name                       'PET11A(NOVAGEN)' 
_entity_src_gen.plasmid_details                    ? 
_entity_src_gen.pdbx_description                   ? 
# 
loop_
_chem_comp.id 
_chem_comp.type 
_chem_comp.mon_nstd_flag 
_chem_comp.name 
_chem_comp.pdbx_synonyms 
_chem_comp.formula 
_chem_comp.formula_weight 
ALA 'L-peptide linking' y ALANINE         ? 'C3 H7 N O2'     89.093  
ARG 'L-peptide linking' y ARGININE        ? 'C6 H15 N4 O2 1' 175.209 
ASN 'L-peptide linking' y ASPARAGINE      ? 'C4 H8 N2 O3'    132.118 
ASP 'L-peptide linking' y 'ASPARTIC ACID' ? 'C4 H7 N O4'     133.103 
CYS 'L-peptide linking' y CYSTEINE        ? 'C3 H7 N O2 S'   121.158 
GLN 'L-peptide linking' y GLUTAMINE       ? 'C5 H10 N2 O3'   146.144 
GLU 'L-peptide linking' y 'GLUTAMIC ACID' ? 'C5 H9 N O4'     147.129 
GLY 'peptide linking'   y GLYCINE         ? 'C2 H5 N O2'     75.067  
HIS 'L-peptide linking' y HISTIDINE       ? 'C6 H10 N3 O2 1' 156.162 
ILE 'L-peptide linking' y ISOLEUCINE      ? 'C6 H13 N O2'    131.173 
LEU 'L-peptide linking' y LEUCINE         ? 'C6 H13 N O2'    131.173 
LYS 'L-peptide linking' y LYSINE          ? 'C6 H15 N2 O2 1' 147.195 
MET 'L-peptide linking' y METHIONINE      ? 'C5 H11 N O2 S'  149.211 
PHE 'L-peptide linking' y PHENYLALANINE   ? 'C9 H11 N O2'    165.189 
PRO 'L-peptide linking' y PROLINE         ? 'C5 H9 N O2'     115.130 
SER 'L-peptide linking' y SERINE          ? 'C3 H7 N O3'     105.093 
THR 'L-peptide linking' y THREONINE       ? 'C4 H9 N O3'     119.119 
TRP 'L-peptide linking' y TRYPTOPHAN      ? 'C11 H12 N2 O2'  204.225 
TYR 'L-peptide linking' y TYROSINE        ? 'C9 H11 N O3'    181.189 
VAL 'L-peptide linking' y VALINE          ? 'C5 H11 N O2'    117.146 
# 
loop_
_pdbx_poly_seq_scheme.asym_id 
_pdbx_poly_seq_scheme.entity_id 
_pdbx_poly_seq_scheme.seq_id 
_pdbx_poly_seq_scheme.mon_id 
_pdbx_poly_seq_scheme.ndb_seq_num 
_pdbx_poly_seq_scheme.pdb_seq_num 
_pdbx_poly_seq_scheme.auth_seq_num 
_pdbx_poly_seq_scheme.pdb_mon_id 
_pdbx_poly_seq_scheme.auth_mon_id 
_pdbx_poly_seq_scheme.pdb_strand_id 
_pdbx_poly_seq_scheme.pdb_ins_code 
_pdbx_poly_seq_scheme.hetero 
A 1 1  MET 1  1  1  MET MET A . n 
A 1 2  ILE 2  2  2  ILE ILE A . n 
A 1 3  ASN 3  3  3  ASN ASN A . n 
A 1 4  ARG 4  4  4  ARG ARG A . n 
A 1 5  THR 5  5  5  THR THR A . n 
A 1 6  ASP 6  6  6  ASP ASP A . n 
A 1 7  CYS 7  7  7  CYS CYS A . n 
A 1 8  ASN 8  8  8  ASN ASN A . n 
A 1 9  GLU 9  9  9  GLU GLU A . n 
A 1 10 ASN 10 10 10 ASN ASN A . n 
A 1 11 SER 11 11 11 SER SER A . n 
A 1 12 TYR 12 12 12 TYR TYR A . n 
A 1 13 LEU 13 13 13 LEU LEU A . n 
A 1 14 GLU 14 14 14 GLU GLU A . n 
A 1 15 ILE 15 15 15 ILE ILE A . n 
A 1 16 HIS 16 16 16 HIS HIS A . n 
A 1 17 ASN 17 17 17 ASN ASN A . n 
A 1 18 ASN 18 18 18 ASN ASN A . n 
A 1 19 GLU 19 19 19 GLU GLU A . n 
A 1 20 GLY 20 20 20 GLY GLY A . n 
A 1 21 ARG 21 21 21 ARG ARG A . n 
A 1 22 ASP 22 22 22 ASP ASP A . n 
A 1 23 THR 23 23 23 THR THR A . n 
A 1 24 LEU 24 24 24 LEU LEU A . n 
A 1 25 CYS 25 25 25 CYS CYS A . n 
A 1 26 PHE 26 26 26 PHE PHE A . n 
A 1 27 ALA 27 27 27 ALA ALA A . n 
A 1 28 ASN 28 28 28 ASN ASN A . n 
A 1 29 ALA 29 29 29 ALA ALA A . n 
A 1 30 GLY 30 30 30 GLY GLY A . n 
A 1 31 THR 31 31 31 THR THR A . n 
A 1 32 MET 32 32 32 MET MET A . n 
A 1 33 PRO 33 33 33 PRO PRO A . n 
A 1 34 VAL 34 34 34 VAL VAL A . n 
A 1 35 ALA 35 35 35 ALA ALA A . n 
A 1 36 ILE 36 36 36 ILE ILE A . n 
A 1 37 TYR 37 37 37 TYR TYR A . n 
A 1 38 GLY 38 38 38 GLY GLY A . n 
A 1 39 VAL 39 39 39 VAL VAL A . n 
A 1 40 ASN 40 40 40 ASN ASN A . n 
A 1 41 TRP 41 41 41 TRP TRP A . n 
A 1 42 VAL 42 42 42 VAL VAL A . n 
A 1 43 GLU 43 43 43 GLU GLU A . n 
A 1 44 SER 44 44 44 SER SER A . n 
A 1 45 GLY 45 45 45 GLY GLY A . n 
A 1 46 ASN 46 46 46 ASN ASN A . n 
A 1 47 ASN 47 47 47 ASN ASN A . n 
A 1 48 VAL 48 48 48 VAL VAL A . n 
A 1 49 VAL 49 49 49 VAL VAL A . n 
A 1 50 THR 50 50 50 THR THR A . n 
A 1 51 LEU 51 51 51 LEU LEU A . n 
A 1 52 GLN 52 52 52 GLN GLN A . n 
A 1 53 PHE 53 53 53 PHE PHE A . n 
A 1 54 GLN 54 54 54 GLN GLN A . n 
A 1 55 ARG 55 55 55 ARG ARG A . n 
A 1 56 ASN 56 56 56 ASN ASN A . n 
A 1 57 LEU 57 57 57 LEU LEU A . n 
A 1 58 SER 58 58 58 SER SER A . n 
A 1 59 ASP 59 59 59 ASP ASP A . n 
A 1 60 PRO 60 60 60 PRO PRO A . n 
A 1 61 ARG 61 61 61 ARG ARG A . n 
A 1 62 LEU 62 62 62 LEU LEU A . n 
A 1 63 GLU 63 63 63 GLU GLU A . n 
A 1 64 THR 64 64 64 THR THR A . n 
A 1 65 ILE 65 65 65 ILE ILE A . n 
A 1 66 THR 66 66 66 THR THR A . n 
A 1 67 LEU 67 67 67 LEU LEU A . n 
A 1 68 GLN 68 68 68 GLN GLN A . n 
A 1 69 LYS 69 69 69 LYS LYS A . n 
A 1 70 TRP 70 70 70 TRP TRP A . n 
A 1 71 GLY 71 71 71 GLY GLY A . n 
A 1 72 SER 72 72 72 SER SER A . n 
A 1 73 TRP 73 73 73 TRP TRP A . n 
A 1 74 ASN 74 74 74 ASN ASN A . n 
A 1 75 PRO 75 75 75 PRO PRO A . n 
A 1 76 GLY 76 76 76 GLY GLY A . n 
A 1 77 HIS 77 77 77 HIS HIS A . n 
A 1 78 ILE 78 78 78 ILE ILE A . n 
A 1 79 HIS 79 79 79 HIS HIS A . n 
A 1 80 GLU 80 80 80 GLU GLU A . n 
A 1 81 ILE 81 81 81 ILE ILE A . n 
A 1 82 LEU 82 82 82 LEU LEU A . n 
A 1 83 SER 83 83 83 SER SER A . n 
A 1 84 ILE 84 84 84 ILE ILE A . n 
A 1 85 ARG 85 85 85 ARG ARG A . n 
A 1 86 ILE 86 86 86 ILE ILE A . n 
A 1 87 TYR 87 87 87 TYR TYR A . n 
# 
_cell.entry_id           1GH5 
_cell.length_a           1.000 
_cell.length_b           1.000 
_cell.length_c           1.000 
_cell.angle_alpha        90.00 
_cell.angle_beta         90.00 
_cell.angle_gamma        90.00 
_cell.Z_PDB              1 
_cell.pdbx_unique_axis   ? 
# 
_symmetry.entry_id                         1GH5 
_symmetry.space_group_name_H-M             'P 1' 
_symmetry.pdbx_full_space_group_name_H-M   ? 
_symmetry.cell_setting                     ? 
_symmetry.Int_Tables_number                1 
# 
_exptl.entry_id          1GH5 
_exptl.method            'SOLUTION NMR' 
_exptl.crystals_number   ? 
# 
_struct.entry_id                  1GH5 
_struct.title                     'ANTIFUNGAL PROTEIN FROM STREPTOMYCES TENDAE TU901, NMR AVERAGE STRUCTURE' 
_struct.pdbx_model_details        ? 
_struct.pdbx_CASP_flag            ? 
_struct.pdbx_model_type_details   ? 
# 
_struct_keywords.entry_id        1GH5 
_struct_keywords.pdbx_keywords   'ANTIFUNGAL PROTEIN' 
_struct_keywords.text            'ALL-BETA, TWO ANTIPARALLEL BETA-SHEETS, PARALLEL BETA-SANDWICH, ANTIFUNGAL PROTEIN' 
# 
_struct_asym.id                            A 
_struct_asym.pdbx_blank_PDB_chainid_flag   N 
_struct_asym.pdbx_modified                 N 
_struct_asym.entity_id                     1 
_struct_asym.details                       ? 
# 
_struct_ref.id                         1 
_struct_ref.db_name                    UNP 
_struct_ref.db_code                    Q9RCK8_STRTE 
_struct_ref.entity_id                  1 
_struct_ref.pdbx_seq_one_letter_code   
;INRTDCNENSYLEIHNNEGRDTLCFANAGTMPVAIYGVNWVESGNNVVTLQFQRNLSDPRLETITLQKWGSWNPGHIHEI
LSIRIY
;
_struct_ref.pdbx_align_begin           43 
_struct_ref.pdbx_db_accession          Q9RCK8 
_struct_ref.pdbx_db_isoform            ? 
# 
_struct_ref_seq.align_id                      1 
_struct_ref_seq.ref_id                        1 
_struct_ref_seq.pdbx_PDB_id_code              1GH5 
_struct_ref_seq.pdbx_strand_id                A 
_struct_ref_seq.seq_align_beg                 2 
_struct_ref_seq.pdbx_seq_align_beg_ins_code   ? 
_struct_ref_seq.seq_align_end                 87 
_struct_ref_seq.pdbx_seq_align_end_ins_code   ? 
_struct_ref_seq.pdbx_db_accession             Q9RCK8 
_struct_ref_seq.db_align_beg                  43 
_struct_ref_seq.pdbx_db_align_beg_ins_code    ? 
_struct_ref_seq.db_align_end                  128 
_struct_ref_seq.pdbx_db_align_end_ins_code    ? 
_struct_ref_seq.pdbx_auth_seq_align_beg       2 
_struct_ref_seq.pdbx_auth_seq_align_end       87 
# 
_struct_ref_seq_dif.align_id                     1 
_struct_ref_seq_dif.pdbx_pdb_id_code             1GH5 
_struct_ref_seq_dif.mon_id                       MET 
_struct_ref_seq_dif.pdbx_pdb_strand_id           A 
_struct_ref_seq_dif.seq_num                      1 
_struct_ref_seq_dif.pdbx_pdb_ins_code            ? 
_struct_ref_seq_dif.pdbx_seq_db_name             UNP 
_struct_ref_seq_dif.pdbx_seq_db_accession_code   Q9RCK8 
_struct_ref_seq_dif.db_mon_id                    ? 
_struct_ref_seq_dif.pdbx_seq_db_seq_num          ? 
_struct_ref_seq_dif.details                      'initiating methionine' 
_struct_ref_seq_dif.pdbx_auth_seq_num            1 
_struct_ref_seq_dif.pdbx_ordinal                 1 
# 
_pdbx_struct_assembly.id                   1 
_pdbx_struct_assembly.details              author_defined_assembly 
_pdbx_struct_assembly.method_details       ? 
_pdbx_struct_assembly.oligomeric_details   monomeric 
_pdbx_struct_assembly.oligomeric_count     1 
# 
_pdbx_struct_assembly_gen.assembly_id       1 
_pdbx_struct_assembly_gen.oper_expression   1 
_pdbx_struct_assembly_gen.asym_id_list      A 
# 
_pdbx_struct_oper_list.id                   1 
_pdbx_struct_oper_list.type                 'identity operation' 
_pdbx_struct_oper_list.name                 1_555 
_pdbx_struct_oper_list.symmetry_operation   x,y,z 
_pdbx_struct_oper_list.matrix[1][1]         1.0000000000 
_pdbx_struct_oper_list.matrix[1][2]         0.0000000000 
_pdbx_struct_oper_list.matrix[1][3]         0.0000000000 
_pdbx_struct_oper_list.vector[1]            0.0000000000 
_pdbx_struct_oper_list.matrix[2][1]         0.0000000000 
_pdbx_struct_oper_list.matrix[2][2]         1.0000000000 
_pdbx_struct_oper_list.matrix[2][3]         0.0000000000 
_pdbx_struct_oper_list.vector[2]            0.0000000000 
_pdbx_struct_oper_list.matrix[3][1]         0.0000000000 
_pdbx_struct_oper_list.matrix[3][2]         0.0000000000 
_pdbx_struct_oper_list.matrix[3][3]         1.0000000000 
_pdbx_struct_oper_list.vector[3]            0.0000000000 
# 
_struct_biol.id   1 
# 
_struct_conn.id                            disulf1 
_struct_conn.conn_type_id                  disulf 
_struct_conn.pdbx_leaving_atom_flag        ? 
_struct_conn.pdbx_PDB_id                   ? 
_struct_conn.ptnr1_label_asym_id           A 
_struct_conn.ptnr1_label_comp_id           CYS 
_struct_conn.ptnr1_label_seq_id            7 
_struct_conn.ptnr1_label_atom_id           SG 
_struct_conn.pdbx_ptnr1_label_alt_id       ? 
_struct_conn.pdbx_ptnr1_PDB_ins_code       ? 
_struct_conn.pdbx_ptnr1_standard_comp_id   ? 
_struct_conn.ptnr1_symmetry                1_555 
_struct_conn.ptnr2_label_asym_id           A 
_struct_conn.ptnr2_label_comp_id           CYS 
_struct_conn.ptnr2_label_seq_id            25 
_struct_conn.ptnr2_label_atom_id           SG 
_struct_conn.pdbx_ptnr2_label_alt_id       ? 
_struct_conn.pdbx_ptnr2_PDB_ins_code       ? 
_struct_conn.ptnr1_auth_asym_id            A 
_struct_conn.ptnr1_auth_comp_id            CYS 
_struct_conn.ptnr1_auth_seq_id             7 
_struct_conn.ptnr2_auth_asym_id            A 
_struct_conn.ptnr2_auth_comp_id            CYS 
_struct_conn.ptnr2_auth_seq_id             25 
_struct_conn.ptnr2_symmetry                1_555 
_struct_conn.pdbx_ptnr3_label_atom_id      ? 
_struct_conn.pdbx_ptnr3_label_seq_id       ? 
_struct_conn.pdbx_ptnr3_label_comp_id      ? 
_struct_conn.pdbx_ptnr3_label_asym_id      ? 
_struct_conn.pdbx_ptnr3_label_alt_id       ? 
_struct_conn.pdbx_ptnr3_PDB_ins_code       ? 
_struct_conn.details                       ? 
_struct_conn.pdbx_dist_value               2.068 
_struct_conn.pdbx_value_order              ? 
_struct_conn.pdbx_role                     ? 
# 
_struct_conn_type.id          disulf 
_struct_conn_type.criteria    ? 
_struct_conn_type.reference   ? 
# 
_pdbx_modification_feature.ordinal                            1 
_pdbx_modification_feature.label_comp_id                      CYS 
_pdbx_modification_feature.label_asym_id                      A 
_pdbx_modification_feature.label_seq_id                       7 
_pdbx_modification_feature.label_alt_id                       ? 
_pdbx_modification_feature.modified_residue_label_comp_id     CYS 
_pdbx_modification_feature.modified_residue_label_asym_id     A 
_pdbx_modification_feature.modified_residue_label_seq_id      25 
_pdbx_modification_feature.modified_residue_label_alt_id      ? 
_pdbx_modification_feature.auth_comp_id                       CYS 
_pdbx_modification_feature.auth_asym_id                       A 
_pdbx_modification_feature.auth_seq_id                        7 
_pdbx_modification_feature.PDB_ins_code                       ? 
_pdbx_modification_feature.symmetry                           1_555 
_pdbx_modification_feature.modified_residue_auth_comp_id      CYS 
_pdbx_modification_feature.modified_residue_auth_asym_id      A 
_pdbx_modification_feature.modified_residue_auth_seq_id       25 
_pdbx_modification_feature.modified_residue_PDB_ins_code      ? 
_pdbx_modification_feature.modified_residue_symmetry          1_555 
_pdbx_modification_feature.comp_id_linking_atom               SG 
_pdbx_modification_feature.modified_residue_id_linking_atom   SG 
_pdbx_modification_feature.modified_residue_id                . 
_pdbx_modification_feature.ref_pcm_id                         . 
_pdbx_modification_feature.ref_comp_id                        . 
_pdbx_modification_feature.type                               None 
_pdbx_modification_feature.category                           'Disulfide bridge' 
# 
loop_
_struct_sheet.id 
_struct_sheet.type 
_struct_sheet.number_strands 
_struct_sheet.details 
A ? 5 ? 
B ? 4 ? 
# 
loop_
_struct_sheet_order.sheet_id 
_struct_sheet_order.range_id_1 
_struct_sheet_order.range_id_2 
_struct_sheet_order.offset 
_struct_sheet_order.sense 
A 1 2 ? anti-parallel 
A 2 3 ? anti-parallel 
A 3 4 ? anti-parallel 
A 4 5 ? anti-parallel 
B 1 2 ? anti-parallel 
B 2 3 ? anti-parallel 
B 3 4 ? anti-parallel 
# 
loop_
_struct_sheet_range.sheet_id 
_struct_sheet_range.id 
_struct_sheet_range.beg_label_comp_id 
_struct_sheet_range.beg_label_asym_id 
_struct_sheet_range.beg_label_seq_id 
_struct_sheet_range.pdbx_beg_PDB_ins_code 
_struct_sheet_range.end_label_comp_id 
_struct_sheet_range.end_label_asym_id 
_struct_sheet_range.end_label_seq_id 
_struct_sheet_range.pdbx_end_PDB_ins_code 
_struct_sheet_range.beg_auth_comp_id 
_struct_sheet_range.beg_auth_asym_id 
_struct_sheet_range.beg_auth_seq_id 
_struct_sheet_range.end_auth_comp_id 
_struct_sheet_range.end_auth_asym_id 
_struct_sheet_range.end_auth_seq_id 
A 1 ARG A 4  ? THR A 5  ? ARG A 4  THR A 5  
A 2 ASP A 22 ? PHE A 26 ? ASP A 22 PHE A 26 
A 3 LEU A 13 ? ASN A 17 ? LEU A 13 ASN A 17 
A 4 VAL A 39 ? SER A 44 ? VAL A 39 SER A 44 
A 5 GLY A 71 ? TRP A 73 ? GLY A 71 TRP A 73 
B 1 THR A 31 ? MET A 32 ? THR A 31 MET A 32 
B 2 GLU A 80 ? ILE A 86 ? GLU A 80 ILE A 86 
B 3 VAL A 49 ? GLN A 54 ? VAL A 49 GLN A 54 
B 4 LEU A 62 ? LEU A 67 ? LEU A 62 LEU A 67 
# 
loop_
_pdbx_struct_sheet_hbond.sheet_id 
_pdbx_struct_sheet_hbond.range_id_1 
_pdbx_struct_sheet_hbond.range_id_2 
_pdbx_struct_sheet_hbond.range_1_label_atom_id 
_pdbx_struct_sheet_hbond.range_1_label_comp_id 
_pdbx_struct_sheet_hbond.range_1_label_asym_id 
_pdbx_struct_sheet_hbond.range_1_label_seq_id 
_pdbx_struct_sheet_hbond.range_1_PDB_ins_code 
_pdbx_struct_sheet_hbond.range_1_auth_atom_id 
_pdbx_struct_sheet_hbond.range_1_auth_comp_id 
_pdbx_struct_sheet_hbond.range_1_auth_asym_id 
_pdbx_struct_sheet_hbond.range_1_auth_seq_id 
_pdbx_struct_sheet_hbond.range_2_label_atom_id 
_pdbx_struct_sheet_hbond.range_2_label_comp_id 
_pdbx_struct_sheet_hbond.range_2_label_asym_id 
_pdbx_struct_sheet_hbond.range_2_label_seq_id 
_pdbx_struct_sheet_hbond.range_2_PDB_ins_code 
_pdbx_struct_sheet_hbond.range_2_auth_atom_id 
_pdbx_struct_sheet_hbond.range_2_auth_comp_id 
_pdbx_struct_sheet_hbond.range_2_auth_asym_id 
_pdbx_struct_sheet_hbond.range_2_auth_seq_id 
A 1 2 N THR A 5  ? N THR A 5  O CYS A 25 ? O CYS A 25 
A 2 3 N PHE A 26 ? N PHE A 26 O LEU A 13 ? O LEU A 13 
A 3 4 O HIS A 16 ? O HIS A 16 N ASN A 40 ? N ASN A 40 
A 4 5 O SER A 44 ? O SER A 44 N GLY A 71 ? N GLY A 71 
B 1 2 O MET A 32 ? O MET A 32 N ILE A 84 ? N ILE A 84 
B 2 3 N ARG A 85 ? N ARG A 85 O THR A 50 ? O THR A 50 
B 3 4 O PHE A 53 ? O PHE A 53 N GLU A 63 ? N GLU A 63 
# 
_pdbx_entry_details.entry_id                   1GH5 
_pdbx_entry_details.compound_details           ? 
_pdbx_entry_details.source_details             ? 
_pdbx_entry_details.nonpolymer_details         ? 
_pdbx_entry_details.sequence_details           ? 
_pdbx_entry_details.has_ligand_of_interest     ? 
_pdbx_entry_details.has_protein_modification   Y 
# 
loop_
_pdbx_validate_close_contact.id 
_pdbx_validate_close_contact.PDB_model_num 
_pdbx_validate_close_contact.auth_atom_id_1 
_pdbx_validate_close_contact.auth_asym_id_1 
_pdbx_validate_close_contact.auth_comp_id_1 
_pdbx_validate_close_contact.auth_seq_id_1 
_pdbx_validate_close_contact.PDB_ins_code_1 
_pdbx_validate_close_contact.label_alt_id_1 
_pdbx_validate_close_contact.auth_atom_id_2 
_pdbx_validate_close_contact.auth_asym_id_2 
_pdbx_validate_close_contact.auth_comp_id_2 
_pdbx_validate_close_contact.auth_seq_id_2 
_pdbx_validate_close_contact.PDB_ins_code_2 
_pdbx_validate_close_contact.label_alt_id_2 
_pdbx_validate_close_contact.dist 
1  1 H    A GLY 38 ? ? O    A ILE 78 ? ? 0.68 
2  1 CD2  A TYR 37 ? ? HB2  A GLU 80 ? ? 0.81 
3  1 H    A VAL 39 ? ? H    A ILE 78 ? ? 0.92 
4  1 HB   A VAL 39 ? ? HG13 A ILE 78 ? ? 0.97 
5  1 HG21 A VAL 34 ? ? HG13 A ILE 84 ? ? 0.99 
6  1 H    A ILE 36 ? ? H    A ILE 81 ? ? 1.03 
7  1 HG23 A ILE 2  ? ? HG2  A MET 32 ? ? 1.07 
8  1 CE1  A TYR 37 ? ? HG3  A GLU 80 ? ? 1.08 
9  1 H    A VAL 34 ? ? HA   A SER 83 ? ? 1.09 
10 1 HB   A ILE 36 ? ? HG13 A ILE 81 ? ? 1.17 
11 1 HB   A ILE 36 ? ? HG12 A ILE 81 ? ? 1.24 
12 1 HA   A PRO 33 ? ? HG   A SER 83 ? ? 1.26 
13 1 HB1  A ALA 35 ? ? OE2  A GLU 80 ? ? 1.27 
14 1 HB   A ILE 36 ? ? CG1  A ILE 81 ? ? 1.27 
15 1 HA   A ALA 35 ? ? O    A ILE 81 ? ? 1.28 
16 1 HG23 A VAL 39 ? ? HB   A ILE 78 ? ? 1.28 
17 1 HA   A TRP 41 ? ? O    A TRP 73 ? ? 1.29 
18 1 N    A VAL 39 ? ? H    A ILE 78 ? ? 1.29 
19 1 HH   A TYR 37 ? ? CD   A GLU 80 ? ? 1.31 
20 1 CD1  A TYR 37 ? ? HG3  A GLU 80 ? ? 1.33 
21 1 HD13 A ILE 36 ? ? HG13 A ILE 81 ? ? 1.35 
22 1 HH   A TYR 37 ? ? OE2  A GLU 80 ? ? 1.40 
23 1 HH   A TYR 37 ? ? OE1  A GLU 80 ? ? 1.44 
24 1 CE2  A TYR 37 ? ? HB2  A GLU 80 ? ? 1.45 
25 1 HB   A VAL 39 ? ? CG1  A ILE 78 ? ? 1.51 
26 1 HG23 A ILE 2  ? ? CG   A MET 32 ? ? 1.52 
27 1 O    A GLY 45 ? ? H    A ASN 47 ? ? 1.53 
28 1 HB3  A TYR 37 ? ? O    A HIS 79 ? ? 1.54 
29 1 H    A ILE 36 ? ? N    A ILE 81 ? ? 1.55 
30 1 N    A ILE 36 ? ? H    A ILE 81 ? ? 1.55 
31 1 HA   A TYR 37 ? ? O    A HIS 79 ? ? 1.57 
32 1 H    A VAL 39 ? ? N    A ILE 78 ? ? 1.59 
33 1 N    A GLY 38 ? ? O    A ILE 78 ? ? 1.64 
34 1 OH   A TYR 37 ? ? CD   A GLU 80 ? ? 1.80 
35 1 CZ   A TYR 37 ? ? CD   A GLU 80 ? ? 1.82 
36 1 OH   A TYR 37 ? ? OE2  A GLU 80 ? ? 1.82 
37 1 CD2  A TYR 37 ? ? CB   A GLU 80 ? ? 1.89 
38 1 CE2  A TYR 37 ? ? CB   A GLU 80 ? ? 1.94 
39 1 CE1  A TYR 37 ? ? CG   A GLU 80 ? ? 1.95 
40 1 CZ   A TYR 37 ? ? CG   A GLU 80 ? ? 1.98 
41 1 CB   A TYR 37 ? ? O    A HIS 79 ? ? 2.00 
42 1 CA   A TRP 41 ? ? O    A TRP 73 ? ? 2.08 
43 1 CA   A TYR 37 ? ? O    A HIS 79 ? ? 2.08 
44 1 OH   A TYR 37 ? ? OE1  A GLU 80 ? ? 2.11 
45 1 CB   A ALA 35 ? ? OE2  A GLU 80 ? ? 2.12 
46 1 O    A VAL 34 ? ? O    A LEU 82 ? ? 2.16 
47 1 O    A VAL 34 ? ? O    A ILE 81 ? ? 2.19 
48 1 OE1  A GLU 14 ? ? OE2  A GLU 43 ? ? 2.19 
# 
loop_
_pdbx_validate_torsion.id 
_pdbx_validate_torsion.PDB_model_num 
_pdbx_validate_torsion.auth_comp_id 
_pdbx_validate_torsion.auth_asym_id 
_pdbx_validate_torsion.auth_seq_id 
_pdbx_validate_torsion.PDB_ins_code 
_pdbx_validate_torsion.label_alt_id 
_pdbx_validate_torsion.phi 
_pdbx_validate_torsion.psi 
1  1 ASP A 6  ? ? -91.63  38.53   
2  1 CYS A 7  ? ? 54.99   93.81   
3  1 GLU A 9  ? ? -133.32 -153.49 
4  1 SER A 11 ? ? 87.56   66.51   
5  1 ASN A 28 ? ? 65.37   145.65  
6  1 SER A 44 ? ? -154.74 82.68   
7  1 ASN A 46 ? ? -67.58  56.04   
8  1 ARG A 55 ? ? -50.28  -70.13  
9  1 PRO A 60 ? ? -72.37  46.12   
10 1 PRO A 75 ? ? -72.30  -87.37  
11 1 HIS A 77 ? ? 66.01   98.45   
12 1 HIS A 79 ? ? -46.89  -78.42  
# 
_pdbx_nmr_ensemble.entry_id                             1GH5 
_pdbx_nmr_ensemble.conformers_calculated_total_number   ? 
_pdbx_nmr_ensemble.conformers_submitted_total_number    1 
_pdbx_nmr_ensemble.conformer_selection_criteria         ? 
# 
loop_
_pdbx_nmr_sample_details.solution_id 
_pdbx_nmr_sample_details.contents 
_pdbx_nmr_sample_details.solvent_system 
1 '0.5-0.8 mM AFP1 [U-99% 15N; U-10% 13C] 20 mM phosphate, pH 8.0. 0.1 M NaCl. 0.02 mM EDTA. 0.01% NaN3.' '91.7% H2O. 8.3% D2O.' 
2 '0.5-0.8 mM AFP1 [U-99% 15N; U-10% 13C] 20 mM phosphate, pH 8.0. 0.1 M NaCl. 0.02 mM EDTA. 0.01% NaN3.' '100% D2O'             
3 '0.5-0.8 mM AFP1 [U-99% 15N; U-13C] 20 mM phosphate, pH 8.0. 0.1 M NaCl. 0.02 mM EDTA. 0.01% NaN3.'     '91.7% H2O. 8.3% D2O.' 
4 '0.5-0.8 mM AFP1 [U-99% 15N; U-13C] 20 mM phosphate, pH 8.0. 0.1 M NaCl. 0.02 mM EDTA. 0.01% NaN3.'     '100% D2O'             
# 
loop_
_pdbx_nmr_exptl_sample_conditions.conditions_id 
_pdbx_nmr_exptl_sample_conditions.temperature 
_pdbx_nmr_exptl_sample_conditions.pressure 
_pdbx_nmr_exptl_sample_conditions.pH 
_pdbx_nmr_exptl_sample_conditions.ionic_strength 
_pdbx_nmr_exptl_sample_conditions.pressure_units 
_pdbx_nmr_exptl_sample_conditions.temperature_units 
1 293 ambient 8.0 '0.32 M' ? K 
2 277 ambient 8.0 '0.32 M' ? K 
# 
loop_
_pdbx_nmr_exptl.experiment_id 
_pdbx_nmr_exptl.solution_id 
_pdbx_nmr_exptl.conditions_id 
_pdbx_nmr_exptl.type 
1 1 1 '2D NOESY'                
2 1 1 3D_15N-separated_NOESY    
3 1 1 HNHA                      
4 1 1 HNHB                      
5 4 1 4D_13C-separated_NOESY    
6 3 1 'HN(CO)CG_arom/HNCG_arom' 
7 1 2 '2D NOESY'                
8 2 1 '2D NOESY'                
# 
_pdbx_nmr_refine.entry_id           1GH5 
_pdbx_nmr_refine.method             'Torsion angle dynamics with DYANA.' 
_pdbx_nmr_refine.details            ? 
_pdbx_nmr_refine.software_ordinal   1 
# 
loop_
_pdbx_nmr_software.name 
_pdbx_nmr_software.version 
_pdbx_nmr_software.classification 
_pdbx_nmr_software.authors 
_pdbx_nmr_software.ordinal 
NMRPipe X.X   processing           Delaglio 1 
XwinNMR 4.1.1 'data analysis'      Johnson  2 
DYANA   1.5   'structure solution' Guentert 3 
DYANA   1.5   refinement           Guentert 4 
# 
loop_
_chem_comp_atom.comp_id 
_chem_comp_atom.atom_id 
_chem_comp_atom.type_symbol 
_chem_comp_atom.pdbx_aromatic_flag 
_chem_comp_atom.pdbx_stereo_config 
_chem_comp_atom.pdbx_ordinal 
ALA N    N N N 1   
ALA CA   C N S 2   
ALA C    C N N 3   
ALA O    O N N 4   
ALA CB   C N N 5   
ALA OXT  O N N 6   
ALA H    H N N 7   
ALA H2   H N N 8   
ALA HA   H N N 9   
ALA HB1  H N N 10  
ALA HB2  H N N 11  
ALA HB3  H N N 12  
ALA HXT  H N N 13  
ARG N    N N N 14  
ARG CA   C N S 15  
ARG C    C N N 16  
ARG O    O N N 17  
ARG CB   C N N 18  
ARG CG   C N N 19  
ARG CD   C N N 20  
ARG NE   N N N 21  
ARG CZ   C N N 22  
ARG NH1  N N N 23  
ARG NH2  N N N 24  
ARG OXT  O N N 25  
ARG H    H N N 26  
ARG H2   H N N 27  
ARG HA   H N N 28  
ARG HB2  H N N 29  
ARG HB3  H N N 30  
ARG HG2  H N N 31  
ARG HG3  H N N 32  
ARG HD2  H N N 33  
ARG HD3  H N N 34  
ARG HE   H N N 35  
ARG HH11 H N N 36  
ARG HH12 H N N 37  
ARG HH21 H N N 38  
ARG HH22 H N N 39  
ARG HXT  H N N 40  
ASN N    N N N 41  
ASN CA   C N S 42  
ASN C    C N N 43  
ASN O    O N N 44  
ASN CB   C N N 45  
ASN CG   C N N 46  
ASN OD1  O N N 47  
ASN ND2  N N N 48  
ASN OXT  O N N 49  
ASN H    H N N 50  
ASN H2   H N N 51  
ASN HA   H N N 52  
ASN HB2  H N N 53  
ASN HB3  H N N 54  
ASN HD21 H N N 55  
ASN HD22 H N N 56  
ASN HXT  H N N 57  
ASP N    N N N 58  
ASP CA   C N S 59  
ASP C    C N N 60  
ASP O    O N N 61  
ASP CB   C N N 62  
ASP CG   C N N 63  
ASP OD1  O N N 64  
ASP OD2  O N N 65  
ASP OXT  O N N 66  
ASP H    H N N 67  
ASP H2   H N N 68  
ASP HA   H N N 69  
ASP HB2  H N N 70  
ASP HB3  H N N 71  
ASP HD2  H N N 72  
ASP HXT  H N N 73  
CYS N    N N N 74  
CYS CA   C N R 75  
CYS C    C N N 76  
CYS O    O N N 77  
CYS CB   C N N 78  
CYS SG   S N N 79  
CYS OXT  O N N 80  
CYS H    H N N 81  
CYS H2   H N N 82  
CYS HA   H N N 83  
CYS HB2  H N N 84  
CYS HB3  H N N 85  
CYS HG   H N N 86  
CYS HXT  H N N 87  
GLN N    N N N 88  
GLN CA   C N S 89  
GLN C    C N N 90  
GLN O    O N N 91  
GLN CB   C N N 92  
GLN CG   C N N 93  
GLN CD   C N N 94  
GLN OE1  O N N 95  
GLN NE2  N N N 96  
GLN OXT  O N N 97  
GLN H    H N N 98  
GLN H2   H N N 99  
GLN HA   H N N 100 
GLN HB2  H N N 101 
GLN HB3  H N N 102 
GLN HG2  H N N 103 
GLN HG3  H N N 104 
GLN HE21 H N N 105 
GLN HE22 H N N 106 
GLN HXT  H N N 107 
GLU N    N N N 108 
GLU CA   C N S 109 
GLU C    C N N 110 
GLU O    O N N 111 
GLU CB   C N N 112 
GLU CG   C N N 113 
GLU CD   C N N 114 
GLU OE1  O N N 115 
GLU OE2  O N N 116 
GLU OXT  O N N 117 
GLU H    H N N 118 
GLU H2   H N N 119 
GLU HA   H N N 120 
GLU HB2  H N N 121 
GLU HB3  H N N 122 
GLU HG2  H N N 123 
GLU HG3  H N N 124 
GLU HE2  H N N 125 
GLU HXT  H N N 126 
GLY N    N N N 127 
GLY CA   C N N 128 
GLY C    C N N 129 
GLY O    O N N 130 
GLY OXT  O N N 131 
GLY H    H N N 132 
GLY H2   H N N 133 
GLY HA2  H N N 134 
GLY HA3  H N N 135 
GLY HXT  H N N 136 
HIS N    N N N 137 
HIS CA   C N S 138 
HIS C    C N N 139 
HIS O    O N N 140 
HIS CB   C N N 141 
HIS CG   C Y N 142 
HIS ND1  N Y N 143 
HIS CD2  C Y N 144 
HIS CE1  C Y N 145 
HIS NE2  N Y N 146 
HIS OXT  O N N 147 
HIS H    H N N 148 
HIS H2   H N N 149 
HIS HA   H N N 150 
HIS HB2  H N N 151 
HIS HB3  H N N 152 
HIS HD1  H N N 153 
HIS HD2  H N N 154 
HIS HE1  H N N 155 
HIS HE2  H N N 156 
HIS HXT  H N N 157 
ILE N    N N N 158 
ILE CA   C N S 159 
ILE C    C N N 160 
ILE O    O N N 161 
ILE CB   C N S 162 
ILE CG1  C N N 163 
ILE CG2  C N N 164 
ILE CD1  C N N 165 
ILE OXT  O N N 166 
ILE H    H N N 167 
ILE H2   H N N 168 
ILE HA   H N N 169 
ILE HB   H N N 170 
ILE HG12 H N N 171 
ILE HG13 H N N 172 
ILE HG21 H N N 173 
ILE HG22 H N N 174 
ILE HG23 H N N 175 
ILE HD11 H N N 176 
ILE HD12 H N N 177 
ILE HD13 H N N 178 
ILE HXT  H N N 179 
LEU N    N N N 180 
LEU CA   C N S 181 
LEU C    C N N 182 
LEU O    O N N 183 
LEU CB   C N N 184 
LEU CG   C N N 185 
LEU CD1  C N N 186 
LEU CD2  C N N 187 
LEU OXT  O N N 188 
LEU H    H N N 189 
LEU H2   H N N 190 
LEU HA   H N N 191 
LEU HB2  H N N 192 
LEU HB3  H N N 193 
LEU HG   H N N 194 
LEU HD11 H N N 195 
LEU HD12 H N N 196 
LEU HD13 H N N 197 
LEU HD21 H N N 198 
LEU HD22 H N N 199 
LEU HD23 H N N 200 
LEU HXT  H N N 201 
LYS N    N N N 202 
LYS CA   C N S 203 
LYS C    C N N 204 
LYS O    O N N 205 
LYS CB   C N N 206 
LYS CG   C N N 207 
LYS CD   C N N 208 
LYS CE   C N N 209 
LYS NZ   N N N 210 
LYS OXT  O N N 211 
LYS H    H N N 212 
LYS H2   H N N 213 
LYS HA   H N N 214 
LYS HB2  H N N 215 
LYS HB3  H N N 216 
LYS HG2  H N N 217 
LYS HG3  H N N 218 
LYS HD2  H N N 219 
LYS HD3  H N N 220 
LYS HE2  H N N 221 
LYS HE3  H N N 222 
LYS HZ1  H N N 223 
LYS HZ2  H N N 224 
LYS HZ3  H N N 225 
LYS HXT  H N N 226 
MET N    N N N 227 
MET CA   C N S 228 
MET C    C N N 229 
MET O    O N N 230 
MET CB   C N N 231 
MET CG   C N N 232 
MET SD   S N N 233 
MET CE   C N N 234 
MET OXT  O N N 235 
MET H    H N N 236 
MET H2   H N N 237 
MET HA   H N N 238 
MET HB2  H N N 239 
MET HB3  H N N 240 
MET HG2  H N N 241 
MET HG3  H N N 242 
MET HE1  H N N 243 
MET HE2  H N N 244 
MET HE3  H N N 245 
MET HXT  H N N 246 
PHE N    N N N 247 
PHE CA   C N S 248 
PHE C    C N N 249 
PHE O    O N N 250 
PHE CB   C N N 251 
PHE CG   C Y N 252 
PHE CD1  C Y N 253 
PHE CD2  C Y N 254 
PHE CE1  C Y N 255 
PHE CE2  C Y N 256 
PHE CZ   C Y N 257 
PHE OXT  O N N 258 
PHE H    H N N 259 
PHE H2   H N N 260 
PHE HA   H N N 261 
PHE HB2  H N N 262 
PHE HB3  H N N 263 
PHE HD1  H N N 264 
PHE HD2  H N N 265 
PHE HE1  H N N 266 
PHE HE2  H N N 267 
PHE HZ   H N N 268 
PHE HXT  H N N 269 
PRO N    N N N 270 
PRO CA   C N S 271 
PRO C    C N N 272 
PRO O    O N N 273 
PRO CB   C N N 274 
PRO CG   C N N 275 
PRO CD   C N N 276 
PRO OXT  O N N 277 
PRO H    H N N 278 
PRO HA   H N N 279 
PRO HB2  H N N 280 
PRO HB3  H N N 281 
PRO HG2  H N N 282 
PRO HG3  H N N 283 
PRO HD2  H N N 284 
PRO HD3  H N N 285 
PRO HXT  H N N 286 
SER N    N N N 287 
SER CA   C N S 288 
SER C    C N N 289 
SER O    O N N 290 
SER CB   C N N 291 
SER OG   O N N 292 
SER OXT  O N N 293 
SER H    H N N 294 
SER H2   H N N 295 
SER HA   H N N 296 
SER HB2  H N N 297 
SER HB3  H N N 298 
SER HG   H N N 299 
SER HXT  H N N 300 
THR N    N N N 301 
THR CA   C N S 302 
THR C    C N N 303 
THR O    O N N 304 
THR CB   C N R 305 
THR OG1  O N N 306 
THR CG2  C N N 307 
THR OXT  O N N 308 
THR H    H N N 309 
THR H2   H N N 310 
THR HA   H N N 311 
THR HB   H N N 312 
THR HG1  H N N 313 
THR HG21 H N N 314 
THR HG22 H N N 315 
THR HG23 H N N 316 
THR HXT  H N N 317 
TRP N    N N N 318 
TRP CA   C N S 319 
TRP C    C N N 320 
TRP O    O N N 321 
TRP CB   C N N 322 
TRP CG   C Y N 323 
TRP CD1  C Y N 324 
TRP CD2  C Y N 325 
TRP NE1  N Y N 326 
TRP CE2  C Y N 327 
TRP CE3  C Y N 328 
TRP CZ2  C Y N 329 
TRP CZ3  C Y N 330 
TRP CH2  C Y N 331 
TRP OXT  O N N 332 
TRP H    H N N 333 
TRP H2   H N N 334 
TRP HA   H N N 335 
TRP HB2  H N N 336 
TRP HB3  H N N 337 
TRP HD1  H N N 338 
TRP HE1  H N N 339 
TRP HE3  H N N 340 
TRP HZ2  H N N 341 
TRP HZ3  H N N 342 
TRP HH2  H N N 343 
TRP HXT  H N N 344 
TYR N    N N N 345 
TYR CA   C N S 346 
TYR C    C N N 347 
TYR O    O N N 348 
TYR CB   C N N 349 
TYR CG   C Y N 350 
TYR CD1  C Y N 351 
TYR CD2  C Y N 352 
TYR CE1  C Y N 353 
TYR CE2  C Y N 354 
TYR CZ   C Y N 355 
TYR OH   O N N 356 
TYR OXT  O N N 357 
TYR H    H N N 358 
TYR H2   H N N 359 
TYR HA   H N N 360 
TYR HB2  H N N 361 
TYR HB3  H N N 362 
TYR HD1  H N N 363 
TYR HD2  H N N 364 
TYR HE1  H N N 365 
TYR HE2  H N N 366 
TYR HH   H N N 367 
TYR HXT  H N N 368 
VAL N    N N N 369 
VAL CA   C N S 370 
VAL C    C N N 371 
VAL O    O N N 372 
VAL CB   C N N 373 
VAL CG1  C N N 374 
VAL CG2  C N N 375 
VAL OXT  O N N 376 
VAL H    H N N 377 
VAL H2   H N N 378 
VAL HA   H N N 379 
VAL HB   H N N 380 
VAL HG11 H N N 381 
VAL HG12 H N N 382 
VAL HG13 H N N 383 
VAL HG21 H N N 384 
VAL HG22 H N N 385 
VAL HG23 H N N 386 
VAL HXT  H N N 387 
# 
loop_
_chem_comp_bond.comp_id 
_chem_comp_bond.atom_id_1 
_chem_comp_bond.atom_id_2 
_chem_comp_bond.value_order 
_chem_comp_bond.pdbx_aromatic_flag 
_chem_comp_bond.pdbx_stereo_config 
_chem_comp_bond.pdbx_ordinal 
ALA N   CA   sing N N 1   
ALA N   H    sing N N 2   
ALA N   H2   sing N N 3   
ALA CA  C    sing N N 4   
ALA CA  CB   sing N N 5   
ALA CA  HA   sing N N 6   
ALA C   O    doub N N 7   
ALA C   OXT  sing N N 8   
ALA CB  HB1  sing N N 9   
ALA CB  HB2  sing N N 10  
ALA CB  HB3  sing N N 11  
ALA OXT HXT  sing N N 12  
ARG N   CA   sing N N 13  
ARG N   H    sing N N 14  
ARG N   H2   sing N N 15  
ARG CA  C    sing N N 16  
ARG CA  CB   sing N N 17  
ARG CA  HA   sing N N 18  
ARG C   O    doub N N 19  
ARG C   OXT  sing N N 20  
ARG CB  CG   sing N N 21  
ARG CB  HB2  sing N N 22  
ARG CB  HB3  sing N N 23  
ARG CG  CD   sing N N 24  
ARG CG  HG2  sing N N 25  
ARG CG  HG3  sing N N 26  
ARG CD  NE   sing N N 27  
ARG CD  HD2  sing N N 28  
ARG CD  HD3  sing N N 29  
ARG NE  CZ   sing N N 30  
ARG NE  HE   sing N N 31  
ARG CZ  NH1  sing N N 32  
ARG CZ  NH2  doub N N 33  
ARG NH1 HH11 sing N N 34  
ARG NH1 HH12 sing N N 35  
ARG NH2 HH21 sing N N 36  
ARG NH2 HH22 sing N N 37  
ARG OXT HXT  sing N N 38  
ASN N   CA   sing N N 39  
ASN N   H    sing N N 40  
ASN N   H2   sing N N 41  
ASN CA  C    sing N N 42  
ASN CA  CB   sing N N 43  
ASN CA  HA   sing N N 44  
ASN C   O    doub N N 45  
ASN C   OXT  sing N N 46  
ASN CB  CG   sing N N 47  
ASN CB  HB2  sing N N 48  
ASN CB  HB3  sing N N 49  
ASN CG  OD1  doub N N 50  
ASN CG  ND2  sing N N 51  
ASN ND2 HD21 sing N N 52  
ASN ND2 HD22 sing N N 53  
ASN OXT HXT  sing N N 54  
ASP N   CA   sing N N 55  
ASP N   H    sing N N 56  
ASP N   H2   sing N N 57  
ASP CA  C    sing N N 58  
ASP CA  CB   sing N N 59  
ASP CA  HA   sing N N 60  
ASP C   O    doub N N 61  
ASP C   OXT  sing N N 62  
ASP CB  CG   sing N N 63  
ASP CB  HB2  sing N N 64  
ASP CB  HB3  sing N N 65  
ASP CG  OD1  doub N N 66  
ASP CG  OD2  sing N N 67  
ASP OD2 HD2  sing N N 68  
ASP OXT HXT  sing N N 69  
CYS N   CA   sing N N 70  
CYS N   H    sing N N 71  
CYS N   H2   sing N N 72  
CYS CA  C    sing N N 73  
CYS CA  CB   sing N N 74  
CYS CA  HA   sing N N 75  
CYS C   O    doub N N 76  
CYS C   OXT  sing N N 77  
CYS CB  SG   sing N N 78  
CYS CB  HB2  sing N N 79  
CYS CB  HB3  sing N N 80  
CYS SG  HG   sing N N 81  
CYS OXT HXT  sing N N 82  
GLN N   CA   sing N N 83  
GLN N   H    sing N N 84  
GLN N   H2   sing N N 85  
GLN CA  C    sing N N 86  
GLN CA  CB   sing N N 87  
GLN CA  HA   sing N N 88  
GLN C   O    doub N N 89  
GLN C   OXT  sing N N 90  
GLN CB  CG   sing N N 91  
GLN CB  HB2  sing N N 92  
GLN CB  HB3  sing N N 93  
GLN CG  CD   sing N N 94  
GLN CG  HG2  sing N N 95  
GLN CG  HG3  sing N N 96  
GLN CD  OE1  doub N N 97  
GLN CD  NE2  sing N N 98  
GLN NE2 HE21 sing N N 99  
GLN NE2 HE22 sing N N 100 
GLN OXT HXT  sing N N 101 
GLU N   CA   sing N N 102 
GLU N   H    sing N N 103 
GLU N   H2   sing N N 104 
GLU CA  C    sing N N 105 
GLU CA  CB   sing N N 106 
GLU CA  HA   sing N N 107 
GLU C   O    doub N N 108 
GLU C   OXT  sing N N 109 
GLU CB  CG   sing N N 110 
GLU CB  HB2  sing N N 111 
GLU CB  HB3  sing N N 112 
GLU CG  CD   sing N N 113 
GLU CG  HG2  sing N N 114 
GLU CG  HG3  sing N N 115 
GLU CD  OE1  doub N N 116 
GLU CD  OE2  sing N N 117 
GLU OE2 HE2  sing N N 118 
GLU OXT HXT  sing N N 119 
GLY N   CA   sing N N 120 
GLY N   H    sing N N 121 
GLY N   H2   sing N N 122 
GLY CA  C    sing N N 123 
GLY CA  HA2  sing N N 124 
GLY CA  HA3  sing N N 125 
GLY C   O    doub N N 126 
GLY C   OXT  sing N N 127 
GLY OXT HXT  sing N N 128 
HIS N   CA   sing N N 129 
HIS N   H    sing N N 130 
HIS N   H2   sing N N 131 
HIS CA  C    sing N N 132 
HIS CA  CB   sing N N 133 
HIS CA  HA   sing N N 134 
HIS C   O    doub N N 135 
HIS C   OXT  sing N N 136 
HIS CB  CG   sing N N 137 
HIS CB  HB2  sing N N 138 
HIS CB  HB3  sing N N 139 
HIS CG  ND1  sing Y N 140 
HIS CG  CD2  doub Y N 141 
HIS ND1 CE1  doub Y N 142 
HIS ND1 HD1  sing N N 143 
HIS CD2 NE2  sing Y N 144 
HIS CD2 HD2  sing N N 145 
HIS CE1 NE2  sing Y N 146 
HIS CE1 HE1  sing N N 147 
HIS NE2 HE2  sing N N 148 
HIS OXT HXT  sing N N 149 
ILE N   CA   sing N N 150 
ILE N   H    sing N N 151 
ILE N   H2   sing N N 152 
ILE CA  C    sing N N 153 
ILE CA  CB   sing N N 154 
ILE CA  HA   sing N N 155 
ILE C   O    doub N N 156 
ILE C   OXT  sing N N 157 
ILE CB  CG1  sing N N 158 
ILE CB  CG2  sing N N 159 
ILE CB  HB   sing N N 160 
ILE CG1 CD1  sing N N 161 
ILE CG1 HG12 sing N N 162 
ILE CG1 HG13 sing N N 163 
ILE CG2 HG21 sing N N 164 
ILE CG2 HG22 sing N N 165 
ILE CG2 HG23 sing N N 166 
ILE CD1 HD11 sing N N 167 
ILE CD1 HD12 sing N N 168 
ILE CD1 HD13 sing N N 169 
ILE OXT HXT  sing N N 170 
LEU N   CA   sing N N 171 
LEU N   H    sing N N 172 
LEU N   H2   sing N N 173 
LEU CA  C    sing N N 174 
LEU CA  CB   sing N N 175 
LEU CA  HA   sing N N 176 
LEU C   O    doub N N 177 
LEU C   OXT  sing N N 178 
LEU CB  CG   sing N N 179 
LEU CB  HB2  sing N N 180 
LEU CB  HB3  sing N N 181 
LEU CG  CD1  sing N N 182 
LEU CG  CD2  sing N N 183 
LEU CG  HG   sing N N 184 
LEU CD1 HD11 sing N N 185 
LEU CD1 HD12 sing N N 186 
LEU CD1 HD13 sing N N 187 
LEU CD2 HD21 sing N N 188 
LEU CD2 HD22 sing N N 189 
LEU CD2 HD23 sing N N 190 
LEU OXT HXT  sing N N 191 
LYS N   CA   sing N N 192 
LYS N   H    sing N N 193 
LYS N   H2   sing N N 194 
LYS CA  C    sing N N 195 
LYS CA  CB   sing N N 196 
LYS CA  HA   sing N N 197 
LYS C   O    doub N N 198 
LYS C   OXT  sing N N 199 
LYS CB  CG   sing N N 200 
LYS CB  HB2  sing N N 201 
LYS CB  HB3  sing N N 202 
LYS CG  CD   sing N N 203 
LYS CG  HG2  sing N N 204 
LYS CG  HG3  sing N N 205 
LYS CD  CE   sing N N 206 
LYS CD  HD2  sing N N 207 
LYS CD  HD3  sing N N 208 
LYS CE  NZ   sing N N 209 
LYS CE  HE2  sing N N 210 
LYS CE  HE3  sing N N 211 
LYS NZ  HZ1  sing N N 212 
LYS NZ  HZ2  sing N N 213 
LYS NZ  HZ3  sing N N 214 
LYS OXT HXT  sing N N 215 
MET N   CA   sing N N 216 
MET N   H    sing N N 217 
MET N   H2   sing N N 218 
MET CA  C    sing N N 219 
MET CA  CB   sing N N 220 
MET CA  HA   sing N N 221 
MET C   O    doub N N 222 
MET C   OXT  sing N N 223 
MET CB  CG   sing N N 224 
MET CB  HB2  sing N N 225 
MET CB  HB3  sing N N 226 
MET CG  SD   sing N N 227 
MET CG  HG2  sing N N 228 
MET CG  HG3  sing N N 229 
MET SD  CE   sing N N 230 
MET CE  HE1  sing N N 231 
MET CE  HE2  sing N N 232 
MET CE  HE3  sing N N 233 
MET OXT HXT  sing N N 234 
PHE N   CA   sing N N 235 
PHE N   H    sing N N 236 
PHE N   H2   sing N N 237 
PHE CA  C    sing N N 238 
PHE CA  CB   sing N N 239 
PHE CA  HA   sing N N 240 
PHE C   O    doub N N 241 
PHE C   OXT  sing N N 242 
PHE CB  CG   sing N N 243 
PHE CB  HB2  sing N N 244 
PHE CB  HB3  sing N N 245 
PHE CG  CD1  doub Y N 246 
PHE CG  CD2  sing Y N 247 
PHE CD1 CE1  sing Y N 248 
PHE CD1 HD1  sing N N 249 
PHE CD2 CE2  doub Y N 250 
PHE CD2 HD2  sing N N 251 
PHE CE1 CZ   doub Y N 252 
PHE CE1 HE1  sing N N 253 
PHE CE2 CZ   sing Y N 254 
PHE CE2 HE2  sing N N 255 
PHE CZ  HZ   sing N N 256 
PHE OXT HXT  sing N N 257 
PRO N   CA   sing N N 258 
PRO N   CD   sing N N 259 
PRO N   H    sing N N 260 
PRO CA  C    sing N N 261 
PRO CA  CB   sing N N 262 
PRO CA  HA   sing N N 263 
PRO C   O    doub N N 264 
PRO C   OXT  sing N N 265 
PRO CB  CG   sing N N 266 
PRO CB  HB2  sing N N 267 
PRO CB  HB3  sing N N 268 
PRO CG  CD   sing N N 269 
PRO CG  HG2  sing N N 270 
PRO CG  HG3  sing N N 271 
PRO CD  HD2  sing N N 272 
PRO CD  HD3  sing N N 273 
PRO OXT HXT  sing N N 274 
SER N   CA   sing N N 275 
SER N   H    sing N N 276 
SER N   H2   sing N N 277 
SER CA  C    sing N N 278 
SER CA  CB   sing N N 279 
SER CA  HA   sing N N 280 
SER C   O    doub N N 281 
SER C   OXT  sing N N 282 
SER CB  OG   sing N N 283 
SER CB  HB2  sing N N 284 
SER CB  HB3  sing N N 285 
SER OG  HG   sing N N 286 
SER OXT HXT  sing N N 287 
THR N   CA   sing N N 288 
THR N   H    sing N N 289 
THR N   H2   sing N N 290 
THR CA  C    sing N N 291 
THR CA  CB   sing N N 292 
THR CA  HA   sing N N 293 
THR C   O    doub N N 294 
THR C   OXT  sing N N 295 
THR CB  OG1  sing N N 296 
THR CB  CG2  sing N N 297 
THR CB  HB   sing N N 298 
THR OG1 HG1  sing N N 299 
THR CG2 HG21 sing N N 300 
THR CG2 HG22 sing N N 301 
THR CG2 HG23 sing N N 302 
THR OXT HXT  sing N N 303 
TRP N   CA   sing N N 304 
TRP N   H    sing N N 305 
TRP N   H2   sing N N 306 
TRP CA  C    sing N N 307 
TRP CA  CB   sing N N 308 
TRP CA  HA   sing N N 309 
TRP C   O    doub N N 310 
TRP C   OXT  sing N N 311 
TRP CB  CG   sing N N 312 
TRP CB  HB2  sing N N 313 
TRP CB  HB3  sing N N 314 
TRP CG  CD1  doub Y N 315 
TRP CG  CD2  sing Y N 316 
TRP CD1 NE1  sing Y N 317 
TRP CD1 HD1  sing N N 318 
TRP CD2 CE2  doub Y N 319 
TRP CD2 CE3  sing Y N 320 
TRP NE1 CE2  sing Y N 321 
TRP NE1 HE1  sing N N 322 
TRP CE2 CZ2  sing Y N 323 
TRP CE3 CZ3  doub Y N 324 
TRP CE3 HE3  sing N N 325 
TRP CZ2 CH2  doub Y N 326 
TRP CZ2 HZ2  sing N N 327 
TRP CZ3 CH2  sing Y N 328 
TRP CZ3 HZ3  sing N N 329 
TRP CH2 HH2  sing N N 330 
TRP OXT HXT  sing N N 331 
TYR N   CA   sing N N 332 
TYR N   H    sing N N 333 
TYR N   H2   sing N N 334 
TYR CA  C    sing N N 335 
TYR CA  CB   sing N N 336 
TYR CA  HA   sing N N 337 
TYR C   O    doub N N 338 
TYR C   OXT  sing N N 339 
TYR CB  CG   sing N N 340 
TYR CB  HB2  sing N N 341 
TYR CB  HB3  sing N N 342 
TYR CG  CD1  doub Y N 343 
TYR CG  CD2  sing Y N 344 
TYR CD1 CE1  sing Y N 345 
TYR CD1 HD1  sing N N 346 
TYR CD2 CE2  doub Y N 347 
TYR CD2 HD2  sing N N 348 
TYR CE1 CZ   doub Y N 349 
TYR CE1 HE1  sing N N 350 
TYR CE2 CZ   sing Y N 351 
TYR CE2 HE2  sing N N 352 
TYR CZ  OH   sing N N 353 
TYR OH  HH   sing N N 354 
TYR OXT HXT  sing N N 355 
VAL N   CA   sing N N 356 
VAL N   H    sing N N 357 
VAL N   H2   sing N N 358 
VAL CA  C    sing N N 359 
VAL CA  CB   sing N N 360 
VAL CA  HA   sing N N 361 
VAL C   O    doub N N 362 
VAL C   OXT  sing N N 363 
VAL CB  CG1  sing N N 364 
VAL CB  CG2  sing N N 365 
VAL CB  HB   sing N N 366 
VAL CG1 HG11 sing N N 367 
VAL CG1 HG12 sing N N 368 
VAL CG1 HG13 sing N N 369 
VAL CG2 HG21 sing N N 370 
VAL CG2 HG22 sing N N 371 
VAL CG2 HG23 sing N N 372 
VAL OXT HXT  sing N N 373 
# 
loop_
_pdbx_nmr_spectrometer.spectrometer_id 
_pdbx_nmr_spectrometer.type 
_pdbx_nmr_spectrometer.manufacturer 
_pdbx_nmr_spectrometer.model 
_pdbx_nmr_spectrometer.field_strength 
1 ? Bruker DMX 500 
2 ? Bruker DMX 600 
3 ? Bruker DMX 750 
4 ? Bruker DRX 800 
# 
_atom_sites.entry_id                    1GH5 
_atom_sites.fract_transf_matrix[1][1]   1.000000 
_atom_sites.fract_transf_matrix[1][2]   0.000000 
_atom_sites.fract_transf_matrix[1][3]   0.000000 
_atom_sites.fract_transf_matrix[2][1]   0.000000 
_atom_sites.fract_transf_matrix[2][2]   1.000000 
_atom_sites.fract_transf_matrix[2][3]   0.000000 
_atom_sites.fract_transf_matrix[3][1]   0.000000 
_atom_sites.fract_transf_matrix[3][2]   0.000000 
_atom_sites.fract_transf_matrix[3][3]   1.000000 
_atom_sites.fract_transf_vector[1]      0.00000 
_atom_sites.fract_transf_vector[2]      0.00000 
_atom_sites.fract_transf_vector[3]      0.00000 
# 
loop_
_atom_type.symbol 
C 
H 
N 
O 
S 
# 
loop_
_atom_site.group_PDB 
_atom_site.id 
_atom_site.type_symbol 
_atom_site.label_atom_id 
_atom_site.label_alt_id 
_atom_site.label_comp_id 
_atom_site.label_asym_id 
_atom_site.label_entity_id 
_atom_site.label_seq_id 
_atom_site.pdbx_PDB_ins_code 
_atom_site.Cartn_x 
_atom_site.Cartn_y 
_atom_site.Cartn_z 
_atom_site.occupancy 
_atom_site.B_iso_or_equiv 
_atom_site.pdbx_formal_charge 
_atom_site.auth_seq_id 
_atom_site.auth_comp_id 
_atom_site.auth_asym_id 
_atom_site.auth_atom_id 
_atom_site.pdbx_PDB_model_num 
ATOM 1    N N    . MET A 1 1  ? -13.241 3.826   -7.796  1.00 0.00 ? 1  MET A N    1 
ATOM 2    C CA   . MET A 1 1  ? -12.132 4.247   -8.628  1.00 0.00 ? 1  MET A CA   1 
ATOM 3    C C    . MET A 1 1  ? -10.981 4.725   -7.754  1.00 0.00 ? 1  MET A C    1 
ATOM 4    O O    . MET A 1 1  ? -11.072 5.775   -7.121  1.00 0.00 ? 1  MET A O    1 
ATOM 5    C CB   . MET A 1 1  ? -12.595 5.359   -9.565  1.00 0.00 ? 1  MET A CB   1 
ATOM 6    C CG   . MET A 1 1  ? -13.387 4.754   -10.721 1.00 0.00 ? 1  MET A CG   1 
ATOM 7    S SD   . MET A 1 1  ? -14.873 5.688   -11.162 1.00 0.00 ? 1  MET A SD   1 
ATOM 8    C CE   . MET A 1 1  ? -15.081 5.113   -12.866 1.00 0.00 ? 1  MET A CE   1 
ATOM 9    H H    . MET A 1 1  ? -14.077 3.483   -8.247  1.00 0.00 ? 1  MET A H    1 
ATOM 10   H HA   . MET A 1 1  ? -11.795 3.401   -9.225  1.00 0.00 ? 1  MET A HA   1 
ATOM 11   H HB2  . MET A 1 1  ? -13.229 6.057   -9.016  1.00 0.00 ? 1  MET A HB2  1 
ATOM 12   H HB3  . MET A 1 1  ? -11.727 5.888   -9.958  1.00 0.00 ? 1  MET A HB3  1 
ATOM 13   H HG2  . MET A 1 1  ? -12.737 4.703   -11.594 1.00 0.00 ? 1  MET A HG2  1 
ATOM 14   H HG3  . MET A 1 1  ? -13.683 3.742   -10.445 1.00 0.00 ? 1  MET A HG3  1 
ATOM 15   H HE1  . MET A 1 1  ? -14.145 5.241   -13.409 1.00 0.00 ? 1  MET A HE1  1 
ATOM 16   H HE2  . MET A 1 1  ? -15.357 4.059   -12.862 1.00 0.00 ? 1  MET A HE2  1 
ATOM 17   H HE3  . MET A 1 1  ? -15.865 5.693   -13.352 1.00 0.00 ? 1  MET A HE3  1 
ATOM 18   N N    . ILE A 1 2  ? -9.895  3.949   -7.721  1.00 0.00 ? 2  ILE A N    1 
ATOM 19   C CA   . ILE A 1 2  ? -8.731  4.294   -6.928  1.00 0.00 ? 2  ILE A CA   1 
ATOM 20   C C    . ILE A 1 2  ? -7.920  5.365   -7.645  1.00 0.00 ? 2  ILE A C    1 
ATOM 21   O O    . ILE A 1 2  ? -7.692  5.271   -8.849  1.00 0.00 ? 2  ILE A O    1 
ATOM 22   C CB   . ILE A 1 2  ? -7.890  3.043   -6.693  1.00 0.00 ? 2  ILE A CB   1 
ATOM 23   C CG1  . ILE A 1 2  ? -6.582  3.432   -6.009  1.00 0.00 ? 2  ILE A CG1  1 
ATOM 24   C CG2  . ILE A 1 2  ? -7.586  2.375   -8.030  1.00 0.00 ? 2  ILE A CG2  1 
ATOM 25   C CD1  . ILE A 1 2  ? -5.856  2.172   -5.546  1.00 0.00 ? 2  ILE A CD1  1 
ATOM 26   H H    . ILE A 1 2  ? -9.872  3.095   -8.260  1.00 0.00 ? 2  ILE A H    1 
ATOM 27   H HA   . ILE A 1 2  ? -9.061  4.685   -5.966  1.00 0.00 ? 2  ILE A HA   1 
ATOM 28   H HB   . ILE A 1 2  ? -8.440  2.350   -6.056  1.00 0.00 ? 2  ILE A HB   1 
ATOM 29   H HG12 . ILE A 1 2  ? -5.951  3.975   -6.713  1.00 0.00 ? 2  ILE A HG12 1 
ATOM 30   H HG13 . ILE A 1 2  ? -6.795  4.064   -5.148  1.00 0.00 ? 2  ILE A HG13 1 
ATOM 31   H HG21 . ILE A 1 2  ? -8.439  1.768   -8.335  1.00 0.00 ? 2  ILE A HG21 1 
ATOM 32   H HG22 . ILE A 1 2  ? -7.396  3.138   -8.783  1.00 0.00 ? 2  ILE A HG22 1 
ATOM 33   H HG23 . ILE A 1 2  ? -6.707  1.739   -7.927  1.00 0.00 ? 2  ILE A HG23 1 
ATOM 34   H HD11 . ILE A 1 2  ? -4.819  2.205   -5.879  1.00 0.00 ? 2  ILE A HD11 1 
ATOM 35   H HD12 . ILE A 1 2  ? -5.887  2.113   -4.458  1.00 0.00 ? 2  ILE A HD12 1 
ATOM 36   H HD13 . ILE A 1 2  ? -6.345  1.294   -5.970  1.00 0.00 ? 2  ILE A HD13 1 
ATOM 37   N N    . ASN A 1 3  ? -7.482  6.383   -6.901  1.00 0.00 ? 3  ASN A N    1 
ATOM 38   C CA   . ASN A 1 3  ? -6.699  7.462   -7.469  1.00 0.00 ? 3  ASN A CA   1 
ATOM 39   C C    . ASN A 1 3  ? -5.593  7.864   -6.504  1.00 0.00 ? 3  ASN A C    1 
ATOM 40   O O    . ASN A 1 3  ? -5.777  7.816   -5.290  1.00 0.00 ? 3  ASN A O    1 
ATOM 41   C CB   . ASN A 1 3  ? -7.612  8.647   -7.769  1.00 0.00 ? 3  ASN A CB   1 
ATOM 42   C CG   . ASN A 1 3  ? -7.940  8.719   -9.253  1.00 0.00 ? 3  ASN A CG   1 
ATOM 43   O OD1  . ASN A 1 3  ? -7.728  7.754   -9.984  1.00 0.00 ? 3  ASN A OD1  1 
ATOM 44   N ND2  . ASN A 1 3  ? -8.460  9.865   -9.697  1.00 0.00 ? 3  ASN A ND2  1 
ATOM 45   H H    . ASN A 1 3  ? -7.696  6.412   -5.914  1.00 0.00 ? 3  ASN A H    1 
ATOM 46   H HA   . ASN A 1 3  ? -6.248  7.119   -8.399  1.00 0.00 ? 3  ASN A HA   1 
ATOM 47   H HB2  . ASN A 1 3  ? -8.537  8.539   -7.202  1.00 0.00 ? 3  ASN A HB2  1 
ATOM 48   H HB3  . ASN A 1 3  ? -7.113  9.568   -7.468  1.00 0.00 ? 3  ASN A HB3  1 
ATOM 49   H HD21 . ASN A 1 3  ? -8.617  10.629  -9.056  1.00 0.00 ? 3  ASN A HD21 1 
ATOM 50   H HD22 . ASN A 1 3  ? -8.697  9.966   -10.674 1.00 0.00 ? 3  ASN A HD22 1 
ATOM 51   N N    . ARG A 1 4  ? -4.441  8.262   -7.048  1.00 0.00 ? 4  ARG A N    1 
ATOM 52   C CA   . ARG A 1 4  ? -3.312  8.670   -6.236  1.00 0.00 ? 4  ARG A CA   1 
ATOM 53   C C    . ARG A 1 4  ? -3.568  10.054  -5.655  1.00 0.00 ? 4  ARG A C    1 
ATOM 54   O O    . ARG A 1 4  ? -3.563  11.044  -6.381  1.00 0.00 ? 4  ARG A O    1 
ATOM 55   C CB   . ARG A 1 4  ? -2.047  8.668   -7.089  1.00 0.00 ? 4  ARG A CB   1 
ATOM 56   C CG   . ARG A 1 4  ? -0.831  8.443   -6.195  1.00 0.00 ? 4  ARG A CG   1 
ATOM 57   C CD   . ARG A 1 4  ? 0.430   8.894   -6.926  1.00 0.00 ? 4  ARG A CD   1 
ATOM 58   N NE   . ARG A 1 4  ? 0.394   10.332  -7.195  1.00 0.00 ? 4  ARG A NE   1 
ATOM 59   C CZ   . ARG A 1 4  ? 1.104   10.905  -8.178  1.00 0.00 ? 4  ARG A CZ   1 
ATOM 60   N NH1  . ARG A 1 4  ? 1.887   10.153  -8.964  1.00 0.00 ? 4  ARG A NH1  1 
ATOM 61   N NH2  . ARG A 1 4  ? 1.031   12.228  -8.373  1.00 0.00 ? 4  ARG A NH2  1 
ATOM 62   H H    . ARG A 1 4  ? -4.342  8.283   -8.054  1.00 0.00 ? 4  ARG A H    1 
ATOM 63   H HA   . ARG A 1 4  ? -3.189  7.960   -5.419  1.00 0.00 ? 4  ARG A HA   1 
ATOM 64   H HB2  . ARG A 1 4  ? -2.108  7.870   -7.828  1.00 0.00 ? 4  ARG A HB2  1 
ATOM 65   H HB3  . ARG A 1 4  ? -1.950  9.628   -7.598  1.00 0.00 ? 4  ARG A HB3  1 
ATOM 66   H HG2  . ARG A 1 4  ? -0.944  9.018   -5.276  1.00 0.00 ? 4  ARG A HG2  1 
ATOM 67   H HG3  . ARG A 1 4  ? -0.750  7.383   -5.952  1.00 0.00 ? 4  ARG A HG3  1 
ATOM 68   H HD2  . ARG A 1 4  ? 1.301   8.667   -6.312  1.00 0.00 ? 4  ARG A HD2  1 
ATOM 69   H HD3  . ARG A 1 4  ? 0.508   8.355   -7.871  1.00 0.00 ? 4  ARG A HD3  1 
ATOM 70   H HE   . ARG A 1 4  ? -0.193  10.907  -6.608  1.00 0.00 ? 4  ARG A HE   1 
ATOM 71   H HH11 . ARG A 1 4  ? 1.942   9.156   -8.816  1.00 0.00 ? 4  ARG A HH11 1 
ATOM 72   H HH12 . ARG A 1 4  ? 2.422   10.584  -9.704  1.00 0.00 ? 4  ARG A HH12 1 
ATOM 73   H HH21 . ARG A 1 4  ? 0.440   12.795  -7.781  1.00 0.00 ? 4  ARG A HH21 1 
ATOM 74   H HH22 . ARG A 1 4  ? 1.566   12.659  -9.114  1.00 0.00 ? 4  ARG A HH22 1 
ATOM 75   N N    . THR A 1 5  ? -3.792  10.119  -4.340  1.00 0.00 ? 5  THR A N    1 
ATOM 76   C CA   . THR A 1 5  ? -4.046  11.380  -3.673  1.00 0.00 ? 5  THR A CA   1 
ATOM 77   C C    . THR A 1 5  ? -2.902  11.705  -2.723  1.00 0.00 ? 5  THR A C    1 
ATOM 78   O O    . THR A 1 5  ? -2.257  10.803  -2.193  1.00 0.00 ? 5  THR A O    1 
ATOM 79   C CB   . THR A 1 5  ? -5.370  11.297  -2.917  1.00 0.00 ? 5  THR A CB   1 
ATOM 80   O OG1  . THR A 1 5  ? -5.625  12.528  -2.281  1.00 0.00 ? 5  THR A OG1  1 
ATOM 81   C CG2  . THR A 1 5  ? -5.288  10.190  -1.870  1.00 0.00 ? 5  THR A CG2  1 
ATOM 82   H H    . THR A 1 5  ? -3.786  9.274   -3.786  1.00 0.00 ? 5  THR A H    1 
ATOM 83   H HA   . THR A 1 5  ? -4.117  12.168  -4.423  1.00 0.00 ? 5  THR A HA   1 
ATOM 84   H HB   . THR A 1 5  ? -6.175  11.075  -3.618  1.00 0.00 ? 5  THR A HB   1 
ATOM 85   H HG1  . THR A 1 5  ? -6.295  12.997  -2.783  1.00 0.00 ? 5  THR A HG1  1 
ATOM 86   H HG21 . THR A 1 5  ? -4.315  10.224  -1.380  1.00 0.00 ? 5  THR A HG21 1 
ATOM 87   H HG22 . THR A 1 5  ? -6.074  10.333  -1.128  1.00 0.00 ? 5  THR A HG22 1 
ATOM 88   H HG23 . THR A 1 5  ? -5.418  9.221   -2.354  1.00 0.00 ? 5  THR A HG23 1 
ATOM 89   N N    . ASP A 1 6  ? -2.653  12.998  -2.510  1.00 0.00 ? 6  ASP A N    1 
ATOM 90   C CA   . ASP A 1 6  ? -1.589  13.435  -1.628  1.00 0.00 ? 6  ASP A CA   1 
ATOM 91   C C    . ASP A 1 6  ? -2.134  13.623  -0.220  1.00 0.00 ? 6  ASP A C    1 
ATOM 92   O O    . ASP A 1 6  ? -1.747  14.559  0.477   1.00 0.00 ? 6  ASP A O    1 
ATOM 93   C CB   . ASP A 1 6  ? -0.994  14.737  -2.156  1.00 0.00 ? 6  ASP A CB   1 
ATOM 94   C CG   . ASP A 1 6  ? 0.526   14.661  -2.202  1.00 0.00 ? 6  ASP A CG   1 
ATOM 95   O OD1  . ASP A 1 6  ? 1.105   14.255  -1.173  1.00 0.00 ? 6  ASP A OD1  1 
ATOM 96   O OD2  . ASP A 1 6  ? 1.079   15.011  -3.267  1.00 0.00 ? 6  ASP A OD2  1 
ATOM 97   H H    . ASP A 1 6  ? -3.212  13.701  -2.972  1.00 0.00 ? 6  ASP A H    1 
ATOM 98   H HA   . ASP A 1 6  ? -0.810  12.674  -1.607  1.00 0.00 ? 6  ASP A HA   1 
ATOM 99   H HB2  . ASP A 1 6  ? -1.374  14.923  -3.160  1.00 0.00 ? 6  ASP A HB2  1 
ATOM 100  H HB3  . ASP A 1 6  ? -1.291  15.558  -1.504  1.00 0.00 ? 6  ASP A HB3  1 
ATOM 101  N N    . CYS A 1 7  ? -3.035  12.732  0.198   1.00 0.00 ? 7  CYS A N    1 
ATOM 102  C CA   . CYS A 1 7  ? -3.628  12.804  1.518   1.00 0.00 ? 7  CYS A CA   1 
ATOM 103  C C    . CYS A 1 7  ? -4.257  14.174  1.726   1.00 0.00 ? 7  CYS A C    1 
ATOM 104  O O    . CYS A 1 7  ? -3.580  15.113  2.138   1.00 0.00 ? 7  CYS A O    1 
ATOM 105  C CB   . CYS A 1 7  ? -2.557  12.534  2.572   1.00 0.00 ? 7  CYS A CB   1 
ATOM 106  S SG   . CYS A 1 7  ? -0.939  12.106  1.882   1.00 0.00 ? 7  CYS A SG   1 
ATOM 107  H H    . CYS A 1 7  ? -3.319  11.981  -0.415  1.00 0.00 ? 7  CYS A H    1 
ATOM 108  H HA   . CYS A 1 7  ? -4.403  12.042  1.600   1.00 0.00 ? 7  CYS A HA   1 
ATOM 109  H HB2  . CYS A 1 7  ? -2.445  13.427  3.187   1.00 0.00 ? 7  CYS A HB2  1 
ATOM 110  H HB3  . CYS A 1 7  ? -2.892  11.712  3.205   1.00 0.00 ? 7  CYS A HB3  1 
ATOM 111  N N    . ASN A 1 8  ? -5.556  14.286  1.441   1.00 0.00 ? 8  ASN A N    1 
ATOM 112  C CA   . ASN A 1 8  ? -6.266  15.539  1.599   1.00 0.00 ? 8  ASN A CA   1 
ATOM 113  C C    . ASN A 1 8  ? -6.987  15.563  2.939   1.00 0.00 ? 8  ASN A C    1 
ATOM 114  O O    . ASN A 1 8  ? -7.330  16.629  3.444   1.00 0.00 ? 8  ASN A O    1 
ATOM 115  C CB   . ASN A 1 8  ? -7.256  15.709  0.451   1.00 0.00 ? 8  ASN A CB   1 
ATOM 116  C CG   . ASN A 1 8  ? -8.025  14.420  0.201   1.00 0.00 ? 8  ASN A CG   1 
ATOM 117  O OD1  . ASN A 1 8  ? -9.181  14.297  0.599   1.00 0.00 ? 8  ASN A OD1  1 
ATOM 118  N ND2  . ASN A 1 8  ? -7.379  13.457  -0.463  1.00 0.00 ? 8  ASN A ND2  1 
ATOM 119  H H    . ASN A 1 8  ? -6.068  13.483  1.105   1.00 0.00 ? 8  ASN A H    1 
ATOM 120  H HA   . ASN A 1 8  ? -5.548  16.359  1.571   1.00 0.00 ? 8  ASN A HA   1 
ATOM 121  H HB2  . ASN A 1 8  ? -7.959  16.504  0.699   1.00 0.00 ? 8  ASN A HB2  1 
ATOM 122  H HB3  . ASN A 1 8  ? -6.712  15.982  -0.454  1.00 0.00 ? 8  ASN A HB3  1 
ATOM 123  H HD21 . ASN A 1 8  ? -6.430  13.607  -0.770  1.00 0.00 ? 8  ASN A HD21 1 
ATOM 124  H HD22 . ASN A 1 8  ? -7.844  12.581  -0.657  1.00 0.00 ? 8  ASN A HD22 1 
ATOM 125  N N    . GLU A 1 9  ? -7.215  14.380  3.517   1.00 0.00 ? 9  GLU A N    1 
ATOM 126  C CA   . GLU A 1 9  ? -7.891  14.274  4.794   1.00 0.00 ? 9  GLU A CA   1 
ATOM 127  C C    . GLU A 1 9  ? -7.131  13.321  5.705   1.00 0.00 ? 9  GLU A C    1 
ATOM 128  O O    . GLU A 1 9  ? -5.922  13.152  5.562   1.00 0.00 ? 9  GLU A O    1 
ATOM 129  C CB   . GLU A 1 9  ? -9.320  13.785  4.572   1.00 0.00 ? 9  GLU A CB   1 
ATOM 130  C CG   . GLU A 1 9  ? -10.277 14.608  5.430   1.00 0.00 ? 9  GLU A CG   1 
ATOM 131  C CD   . GLU A 1 9  ? -11.413 13.744  5.958   1.00 0.00 ? 9  GLU A CD   1 
ATOM 132  O OE1  . GLU A 1 9  ? -11.104 12.634  6.441   1.00 0.00 ? 9  GLU A OE1  1 
ATOM 133  O OE2  . GLU A 1 9  ? -12.569 14.209  5.866   1.00 0.00 ? 9  GLU A OE2  1 
ATOM 134  H H    . GLU A 1 9  ? -6.912  13.531  3.060   1.00 0.00 ? 9  GLU A H    1 
ATOM 135  H HA   . GLU A 1 9  ? -7.922  15.258  5.260   1.00 0.00 ? 9  GLU A HA   1 
ATOM 136  H HB2  . GLU A 1 9  ? -9.584  13.900  3.521   1.00 0.00 ? 9  GLU A HB2  1 
ATOM 137  H HB3  . GLU A 1 9  ? -9.392  12.735  4.853   1.00 0.00 ? 9  GLU A HB3  1 
ATOM 138  H HG2  . GLU A 1 9  ? -9.730  15.032  6.272   1.00 0.00 ? 9  GLU A HG2  1 
ATOM 139  H HG3  . GLU A 1 9  ? -10.692 15.417  4.828   1.00 0.00 ? 9  GLU A HG3  1 
ATOM 140  N N    . ASN A 1 10 ? -7.844  12.697  6.647   1.00 0.00 ? 10 ASN A N    1 
ATOM 141  C CA   . ASN A 1 10 ? -7.234  11.766  7.574   1.00 0.00 ? 10 ASN A CA   1 
ATOM 142  C C    . ASN A 1 10 ? -8.003  10.452  7.572   1.00 0.00 ? 10 ASN A C    1 
ATOM 143  O O    . ASN A 1 10 ? -9.216  10.441  7.370   1.00 0.00 ? 10 ASN A O    1 
ATOM 144  C CB   . ASN A 1 10 ? -7.215  12.380  8.971   1.00 0.00 ? 10 ASN A CB   1 
ATOM 145  C CG   . ASN A 1 10 ? -5.806  12.804  9.359   1.00 0.00 ? 10 ASN A CG   1 
ATOM 146  O OD1  . ASN A 1 10 ? -4.899  12.782  8.530   1.00 0.00 ? 10 ASN A OD1  1 
ATOM 147  N ND2  . ASN A 1 10 ? -5.624  13.191  10.623  1.00 0.00 ? 10 ASN A ND2  1 
ATOM 148  H H    . ASN A 1 10 ? -8.836  12.871  6.723   1.00 0.00 ? 10 ASN A H    1 
ATOM 149  H HA   . ASN A 1 10 ? -6.208  11.573  7.259   1.00 0.00 ? 10 ASN A HA   1 
ATOM 150  H HB2  . ASN A 1 10 ? -7.869  13.252  8.987   1.00 0.00 ? 10 ASN A HB2  1 
ATOM 151  H HB3  . ASN A 1 10 ? -7.578  11.646  9.690   1.00 0.00 ? 10 ASN A HB3  1 
ATOM 152  H HD21 . ASN A 1 10 ? -6.402  13.192  11.268  1.00 0.00 ? 10 ASN A HD21 1 
ATOM 153  H HD22 . ASN A 1 10 ? -4.709  13.483  10.935  1.00 0.00 ? 10 ASN A HD22 1 
ATOM 154  N N    . SER A 1 11 ? -7.296  9.345   7.801   1.00 0.00 ? 11 SER A N    1 
ATOM 155  C CA   . SER A 1 11 ? -7.915  8.034   7.826   1.00 0.00 ? 11 SER A CA   1 
ATOM 156  C C    . SER A 1 11 ? -7.953  7.454   6.420   1.00 0.00 ? 11 SER A C    1 
ATOM 157  O O    . SER A 1 11 ? -9.027  7.276   5.848   1.00 0.00 ? 11 SER A O    1 
ATOM 158  C CB   . SER A 1 11 ? -9.323  8.150   8.402   1.00 0.00 ? 11 SER A CB   1 
ATOM 159  O OG   . SER A 1 11 ? -10.236 8.417   7.361   1.00 0.00 ? 11 SER A OG   1 
ATOM 160  H H    . SER A 1 11 ? -6.301  9.408   7.962   1.00 0.00 ? 11 SER A H    1 
ATOM 161  H HA   . SER A 1 11 ? -7.325  7.376   8.464   1.00 0.00 ? 11 SER A HA   1 
ATOM 162  H HB2  . SER A 1 11 ? -9.593  7.214   8.892   1.00 0.00 ? 11 SER A HB2  1 
ATOM 163  H HB3  . SER A 1 11 ? -9.353  8.962   9.128   1.00 0.00 ? 11 SER A HB3  1 
ATOM 164  H HG   . SER A 1 11 ? -9.762  8.835   6.640   1.00 0.00 ? 11 SER A HG   1 
ATOM 165  N N    . TYR A 1 12 ? -6.777  7.157   5.862   1.00 0.00 ? 12 TYR A N    1 
ATOM 166  C CA   . TYR A 1 12 ? -6.685  6.599   4.529   1.00 0.00 ? 12 TYR A CA   1 
ATOM 167  C C    . TYR A 1 12 ? -5.475  5.680   4.436   1.00 0.00 ? 12 TYR A C    1 
ATOM 168  O O    . TYR A 1 12 ? -4.709  5.561   5.389   1.00 0.00 ? 12 TYR A O    1 
ATOM 169  C CB   . TYR A 1 12 ? -6.582  7.732   3.512   1.00 0.00 ? 12 TYR A CB   1 
ATOM 170  C CG   . TYR A 1 12 ? -7.914  8.350   3.160   1.00 0.00 ? 12 TYR A CG   1 
ATOM 171  C CD1  . TYR A 1 12 ? -8.961  7.541   2.702   1.00 0.00 ? 12 TYR A CD1  1 
ATOM 172  C CD2  . TYR A 1 12 ? -8.102  9.730   3.293   1.00 0.00 ? 12 TYR A CD2  1 
ATOM 173  C CE1  . TYR A 1 12 ? -10.197 8.115   2.377   1.00 0.00 ? 12 TYR A CE1  1 
ATOM 174  C CE2  . TYR A 1 12 ? -9.338  10.304  2.967   1.00 0.00 ? 12 TYR A CE2  1 
ATOM 175  C CZ   . TYR A 1 12 ? -10.385 9.496   2.510   1.00 0.00 ? 12 TYR A CZ   1 
ATOM 176  O OH   . TYR A 1 12 ? -11.589 10.053  2.194   1.00 0.00 ? 12 TYR A OH   1 
ATOM 177  H H    . TYR A 1 12 ? -5.922  7.322   6.374   1.00 0.00 ? 12 TYR A H    1 
ATOM 178  H HA   . TYR A 1 12 ? -7.585  6.020   4.323   1.00 0.00 ? 12 TYR A HA   1 
ATOM 179  H HB2  . TYR A 1 12 ? -5.935  8.509   3.920   1.00 0.00 ? 12 TYR A HB2  1 
ATOM 180  H HB3  . TYR A 1 12 ? -6.129  7.342   2.600   1.00 0.00 ? 12 TYR A HB3  1 
ATOM 181  H HD1  . TYR A 1 12 ? -8.817  6.476   2.599   1.00 0.00 ? 12 TYR A HD1  1 
ATOM 182  H HD2  . TYR A 1 12 ? -7.294  10.355  3.646   1.00 0.00 ? 12 TYR A HD2  1 
ATOM 183  H HE1  . TYR A 1 12 ? -11.005 7.491   2.024   1.00 0.00 ? 12 TYR A HE1  1 
ATOM 184  H HE2  . TYR A 1 12 ? -9.482  11.369  3.070   1.00 0.00 ? 12 TYR A HE2  1 
ATOM 185  H HH   . TYR A 1 12 ? -11.555 10.595  1.402   1.00 0.00 ? 12 TYR A HH   1 
ATOM 186  N N    . LEU A 1 13 ? -5.305  5.028   3.283   1.00 0.00 ? 13 LEU A N    1 
ATOM 187  C CA   . LEU A 1 13 ? -4.192  4.124   3.071   1.00 0.00 ? 13 LEU A CA   1 
ATOM 188  C C    . LEU A 1 13 ? -3.024  4.879   2.452   1.00 0.00 ? 13 LEU A C    1 
ATOM 189  O O    . LEU A 1 13 ? -3.190  5.565   1.446   1.00 0.00 ? 13 LEU A O    1 
ATOM 190  C CB   . LEU A 1 13 ? -4.634  2.976   2.169   1.00 0.00 ? 13 LEU A CB   1 
ATOM 191  C CG   . LEU A 1 13 ? -3.411  2.360   1.496   1.00 0.00 ? 13 LEU A CG   1 
ATOM 192  C CD1  . LEU A 1 13 ? -2.812  1.292   2.406   1.00 0.00 ? 13 LEU A CD1  1 
ATOM 193  C CD2  . LEU A 1 13 ? -3.826  1.725   0.171   1.00 0.00 ? 13 LEU A CD2  1 
ATOM 194  H H    . LEU A 1 13 ? -5.965  5.161   2.530   1.00 0.00 ? 13 LEU A H    1 
ATOM 195  H HA   . LEU A 1 13 ? -3.879  3.717   4.033   1.00 0.00 ? 13 LEU A HA   1 
ATOM 196  H HB2  . LEU A 1 13 ? -5.140  2.219   2.766   1.00 0.00 ? 13 LEU A HB2  1 
ATOM 197  H HB3  . LEU A 1 13 ? -5.316  3.354   1.407   1.00 0.00 ? 13 LEU A HB3  1 
ATOM 198  H HG   . LEU A 1 13 ? -2.668  3.135   1.310   1.00 0.00 ? 13 LEU A HG   1 
ATOM 199  H HD11 . LEU A 1 13 ? -2.266  0.565   1.805   1.00 0.00 ? 13 LEU A HD11 1 
ATOM 200  H HD12 . LEU A 1 13 ? -2.131  1.760   3.116   1.00 0.00 ? 13 LEU A HD12 1 
ATOM 201  H HD13 . LEU A 1 13 ? -3.611  0.787   2.949   1.00 0.00 ? 13 LEU A HD13 1 
ATOM 202  H HD21 . LEU A 1 13 ? -3.278  0.793   0.028   1.00 0.00 ? 13 LEU A HD21 1 
ATOM 203  H HD22 . LEU A 1 13 ? -4.896  1.518   0.187   1.00 0.00 ? 13 LEU A HD22 1 
ATOM 204  H HD23 . LEU A 1 13 ? -3.599  2.409   -0.646  1.00 0.00 ? 13 LEU A HD23 1 
ATOM 205  N N    . GLU A 1 14 ? -1.841  4.751   3.056   1.00 0.00 ? 14 GLU A N    1 
ATOM 206  C CA   . GLU A 1 14 ? -0.655  5.420   2.558   1.00 0.00 ? 14 GLU A CA   1 
ATOM 207  C C    . GLU A 1 14 ? 0.495   4.429   2.452   1.00 0.00 ? 14 GLU A C    1 
ATOM 208  O O    . GLU A 1 14 ? 0.612   3.519   3.270   1.00 0.00 ? 14 GLU A O    1 
ATOM 209  C CB   . GLU A 1 14 ? -0.292  6.571   3.492   1.00 0.00 ? 14 GLU A CB   1 
ATOM 210  C CG   . GLU A 1 14 ? -1.554  7.350   3.854   1.00 0.00 ? 14 GLU A CG   1 
ATOM 211  C CD   . GLU A 1 14 ? -1.499  7.835   5.295   1.00 0.00 ? 14 GLU A CD   1 
ATOM 212  O OE1  . GLU A 1 14 ? -0.942  8.935   5.503   1.00 0.00 ? 14 GLU A OE1  1 
ATOM 213  O OE2  . GLU A 1 14 ? -2.014  7.098   6.163   1.00 0.00 ? 14 GLU A OE2  1 
ATOM 214  H H    . GLU A 1 14 ? -1.757  4.175   3.881   1.00 0.00 ? 14 GLU A H    1 
ATOM 215  H HA   . GLU A 1 14 ? -0.866  5.823   1.567   1.00 0.00 ? 14 GLU A HA   1 
ATOM 216  H HB2  . GLU A 1 14 ? 0.162   6.173   4.400   1.00 0.00 ? 14 GLU A HB2  1 
ATOM 217  H HB3  . GLU A 1 14 ? 0.414   7.235   2.993   1.00 0.00 ? 14 GLU A HB3  1 
ATOM 218  H HG2  . GLU A 1 14 ? -1.646  8.210   3.190   1.00 0.00 ? 14 GLU A HG2  1 
ATOM 219  H HG3  . GLU A 1 14 ? -2.422  6.705   3.726   1.00 0.00 ? 14 GLU A HG3  1 
ATOM 220  N N    . ILE A 1 15 ? 1.347   4.608   1.439   1.00 0.00 ? 15 ILE A N    1 
ATOM 221  C CA   . ILE A 1 15 ? 2.483   3.734   1.230   1.00 0.00 ? 15 ILE A CA   1 
ATOM 222  C C    . ILE A 1 15 ? 3.719   4.564   0.913   1.00 0.00 ? 15 ILE A C    1 
ATOM 223  O O    . ILE A 1 15 ? 3.744   5.288   -0.080  1.00 0.00 ? 15 ILE A O    1 
ATOM 224  C CB   . ILE A 1 15 ? 2.176   2.763   0.094   1.00 0.00 ? 15 ILE A CB   1 
ATOM 225  C CG1  . ILE A 1 15 ? 0.983   1.893   0.475   1.00 0.00 ? 15 ILE A CG1  1 
ATOM 226  C CG2  . ILE A 1 15 ? 3.392   1.877   -0.161  1.00 0.00 ? 15 ILE A CG2  1 
ATOM 227  C CD1  . ILE A 1 15 ? 0.360   1.302   -0.785  1.00 0.00 ? 15 ILE A CD1  1 
ATOM 228  H H    . ILE A 1 15 ? 1.205   5.373   0.794   1.00 0.00 ? 15 ILE A H    1 
ATOM 229  H HA   . ILE A 1 15 ? 2.665   3.165   2.141   1.00 0.00 ? 15 ILE A HA   1 
ATOM 230  H HB   . ILE A 1 15 ? 1.941   3.326   -0.810  1.00 0.00 ? 15 ILE A HB   1 
ATOM 231  H HG12 . ILE A 1 15 ? 1.315   1.086   1.129   1.00 0.00 ? 15 ILE A HG12 1 
ATOM 232  H HG13 . ILE A 1 15 ? 0.242   2.499   0.997   1.00 0.00 ? 15 ILE A HG13 1 
ATOM 233  H HG21 . ILE A 1 15 ? 3.460   1.120   0.621   1.00 0.00 ? 15 ILE A HG21 1 
ATOM 234  H HG22 . ILE A 1 15 ? 3.289   1.389   -1.130  1.00 0.00 ? 15 ILE A HG22 1 
ATOM 235  H HG23 . ILE A 1 15 ? 4.294   2.488   -0.155  1.00 0.00 ? 15 ILE A HG23 1 
ATOM 236  H HD11 . ILE A 1 15 ? -0.155  0.374   -0.536  1.00 0.00 ? 15 ILE A HD11 1 
ATOM 237  H HD12 . ILE A 1 15 ? -0.355  2.011   -1.205  1.00 0.00 ? 15 ILE A HD12 1 
ATOM 238  H HD13 . ILE A 1 15 ? 1.142   1.098   -1.516  1.00 0.00 ? 15 ILE A HD13 1 
ATOM 239  N N    . HIS A 1 16 ? 4.747   4.457   1.759   1.00 0.00 ? 16 HIS A N    1 
ATOM 240  C CA   . HIS A 1 16 ? 5.978   5.196   1.566   1.00 0.00 ? 16 HIS A CA   1 
ATOM 241  C C    . HIS A 1 16 ? 7.144   4.228   1.423   1.00 0.00 ? 16 HIS A C    1 
ATOM 242  O O    . HIS A 1 16 ? 7.611   3.667   2.412   1.00 0.00 ? 16 HIS A O    1 
ATOM 243  C CB   . HIS A 1 16 ? 6.197   6.134   2.750   1.00 0.00 ? 16 HIS A CB   1 
ATOM 244  C CG   . HIS A 1 16 ? 6.385   5.399   4.048   1.00 0.00 ? 16 HIS A CG   1 
ATOM 245  N ND1  . HIS A 1 16 ? 7.595   5.116   4.651   1.00 0.00 ? 16 HIS A ND1  1 
ATOM 246  C CD2  . HIS A 1 16 ? 5.386   4.893   4.834   1.00 0.00 ? 16 HIS A CD2  1 
ATOM 247  C CE1  . HIS A 1 16 ? 7.334   4.448   5.790   1.00 0.00 ? 16 HIS A CE1  1 
ATOM 248  N NE2  . HIS A 1 16 ? 6.001   4.302   5.919   1.00 0.00 ? 16 HIS A NE2  1 
ATOM 249  H H    . HIS A 1 16 ? 4.673   3.846   2.561   1.00 0.00 ? 16 HIS A H    1 
ATOM 250  H HA   . HIS A 1 16 ? 5.896   5.789   0.655   1.00 0.00 ? 16 HIS A HA   1 
ATOM 251  H HB2  . HIS A 1 16 ? 7.083   6.740   2.559   1.00 0.00 ? 16 HIS A HB2  1 
ATOM 252  H HB3  . HIS A 1 16 ? 5.333   6.792   2.841   1.00 0.00 ? 16 HIS A HB3  1 
ATOM 253  H HD1  . HIS A 1 16 ? 8.509   5.367   4.302   1.00 0.00 ? 16 HIS A HD1  1 
ATOM 254  H HD2  . HIS A 1 16 ? 4.324   4.947   4.643   1.00 0.00 ? 16 HIS A HD2  1 
ATOM 255  H HE1  . HIS A 1 16 ? 8.075   4.086   6.487   1.00 0.00 ? 16 HIS A HE1  1 
ATOM 256  H HE2  . HIS A 1 16 ? 5.531   3.837   6.684   1.00 0.00 ? 16 HIS A HE2  1 
ATOM 257  N N    . ASN A 1 17 ? 7.613   4.033   0.189   1.00 0.00 ? 17 ASN A N    1 
ATOM 258  C CA   . ASN A 1 17 ? 8.721   3.136   -0.073  1.00 0.00 ? 17 ASN A CA   1 
ATOM 259  C C    . ASN A 1 17 ? 10.002  3.934   -0.260  1.00 0.00 ? 17 ASN A C    1 
ATOM 260  O O    . ASN A 1 17 ? 10.019  5.145   -0.049  1.00 0.00 ? 17 ASN A O    1 
ATOM 261  C CB   . ASN A 1 17 ? 8.416   2.304   -1.316  1.00 0.00 ? 17 ASN A CB   1 
ATOM 262  C CG   . ASN A 1 17 ? 8.042   3.198   -2.489  1.00 0.00 ? 17 ASN A CG   1 
ATOM 263  O OD1  . ASN A 1 17 ? 7.875   4.405   -2.325  1.00 0.00 ? 17 ASN A OD1  1 
ATOM 264  N ND2  . ASN A 1 17 ? 7.911   2.604   -3.678  1.00 0.00 ? 17 ASN A ND2  1 
ATOM 265  H H    . ASN A 1 17 ? 7.193   4.519   -0.590  1.00 0.00 ? 17 ASN A H    1 
ATOM 266  H HA   . ASN A 1 17 ? 8.843   2.467   0.778   1.00 0.00 ? 17 ASN A HA   1 
ATOM 267  H HB2  . ASN A 1 17 ? 9.296   1.718   -1.578  1.00 0.00 ? 17 ASN A HB2  1 
ATOM 268  H HB3  . ASN A 1 17 ? 7.586   1.630   -1.102  1.00 0.00 ? 17 ASN A HB3  1 
ATOM 269  H HD21 . ASN A 1 17 ? 8.060   1.608   -3.762  1.00 0.00 ? 17 ASN A HD21 1 
ATOM 270  H HD22 . ASN A 1 17 ? 7.666   3.151   -4.490  1.00 0.00 ? 17 ASN A HD22 1 
ATOM 271  N N    . ASN A 1 18 ? 11.079  3.253   -0.659  1.00 0.00 ? 18 ASN A N    1 
ATOM 272  C CA   . ASN A 1 18 ? 12.357  3.902   -0.873  1.00 0.00 ? 18 ASN A CA   1 
ATOM 273  C C    . ASN A 1 18 ? 12.840  4.538   0.423   1.00 0.00 ? 18 ASN A C    1 
ATOM 274  O O    . ASN A 1 18 ? 13.461  5.598   0.404   1.00 0.00 ? 18 ASN A O    1 
ATOM 275  C CB   . ASN A 1 18 ? 12.214  4.953   -1.970  1.00 0.00 ? 18 ASN A CB   1 
ATOM 276  C CG   . ASN A 1 18 ? 12.284  4.312   -3.348  1.00 0.00 ? 18 ASN A CG   1 
ATOM 277  O OD1  . ASN A 1 18 ? 13.178  3.514   -3.618  1.00 0.00 ? 18 ASN A OD1  1 
ATOM 278  N ND2  . ASN A 1 18 ? 11.336  4.664   -4.221  1.00 0.00 ? 18 ASN A ND2  1 
ATOM 279  H H    . ASN A 1 18 ? 11.013  2.258   -0.819  1.00 0.00 ? 18 ASN A H    1 
ATOM 280  H HA   . ASN A 1 18 ? 13.084  3.156   -1.191  1.00 0.00 ? 18 ASN A HA   1 
ATOM 281  H HB2  . ASN A 1 18 ? 11.256  5.460   -1.857  1.00 0.00 ? 18 ASN A HB2  1 
ATOM 282  H HB3  . ASN A 1 18 ? 13.018  5.683   -1.873  1.00 0.00 ? 18 ASN A HB3  1 
ATOM 283  H HD21 . ASN A 1 18 ? 10.622  5.324   -3.949  1.00 0.00 ? 18 ASN A HD21 1 
ATOM 284  H HD22 . ASN A 1 18 ? 11.335  4.268   -5.150  1.00 0.00 ? 18 ASN A HD22 1 
ATOM 285  N N    . GLU A 1 19 ? 12.552  3.887   1.553   1.00 0.00 ? 19 GLU A N    1 
ATOM 286  C CA   . GLU A 1 19 ? 12.960  4.391   2.849   1.00 0.00 ? 19 GLU A CA   1 
ATOM 287  C C    . GLU A 1 19 ? 12.230  5.692   3.152   1.00 0.00 ? 19 GLU A C    1 
ATOM 288  O O    . GLU A 1 19 ? 12.769  6.566   3.827   1.00 0.00 ? 19 GLU A O    1 
ATOM 289  C CB   . GLU A 1 19 ? 14.471  4.604   2.858   1.00 0.00 ? 19 GLU A CB   1 
ATOM 290  C CG   . GLU A 1 19 ? 15.175  3.253   2.785   1.00 0.00 ? 19 GLU A CG   1 
ATOM 291  C CD   . GLU A 1 19 ? 16.687  3.427   2.791   1.00 0.00 ? 19 GLU A CD   1 
ATOM 292  O OE1  . GLU A 1 19 ? 17.235  3.593   3.903   1.00 0.00 ? 19 GLU A OE1  1 
ATOM 293  O OE2  . GLU A 1 19 ? 17.267  3.392   1.684   1.00 0.00 ? 19 GLU A OE2  1 
ATOM 294  H H    . GLU A 1 19 ? 12.038  3.018   1.515   1.00 0.00 ? 19 GLU A H    1 
ATOM 295  H HA   . GLU A 1 19 ? 12.702  3.656   3.611   1.00 0.00 ? 19 GLU A HA   1 
ATOM 296  H HB2  . GLU A 1 19 ? 14.757  5.211   1.998   1.00 0.00 ? 19 GLU A HB2  1 
ATOM 297  H HB3  . GLU A 1 19 ? 14.760  5.116   3.775   1.00 0.00 ? 19 GLU A HB3  1 
ATOM 298  H HG2  . GLU A 1 19 ? 14.881  2.649   3.644   1.00 0.00 ? 19 GLU A HG2  1 
ATOM 299  H HG3  . GLU A 1 19 ? 14.878  2.742   1.869   1.00 0.00 ? 19 GLU A HG3  1 
ATOM 300  N N    . GLY A 1 20 ? 10.997  5.819   2.653   1.00 0.00 ? 20 GLY A N    1 
ATOM 301  C CA   . GLY A 1 20 ? 10.206  7.012   2.876   1.00 0.00 ? 20 GLY A CA   1 
ATOM 302  C C    . GLY A 1 20 ? 10.619  8.109   1.906   1.00 0.00 ? 20 GLY A C    1 
ATOM 303  O O    . GLY A 1 20 ? 10.774  9.262   2.299   1.00 0.00 ? 20 GLY A O    1 
ATOM 304  H H    . GLY A 1 20 ? 10.598  5.071   2.105   1.00 0.00 ? 20 GLY A H    1 
ATOM 305  H HA2  . GLY A 1 20 ? 9.151   6.776   2.727   1.00 0.00 ? 20 GLY A HA2  1 
ATOM 306  H HA3  . GLY A 1 20 ? 10.356  7.358   3.899   1.00 0.00 ? 20 GLY A HA3  1 
ATOM 307  N N    . ARG A 1 21 ? 10.798  7.745   0.633   1.00 0.00 ? 21 ARG A N    1 
ATOM 308  C CA   . ARG A 1 21 ? 11.193  8.697   -0.385  1.00 0.00 ? 21 ARG A CA   1 
ATOM 309  C C    . ARG A 1 21 ? 9.966   9.179   -1.145  1.00 0.00 ? 21 ARG A C    1 
ATOM 310  O O    . ARG A 1 21 ? 9.803   10.376  -1.369  1.00 0.00 ? 21 ARG A O    1 
ATOM 311  C CB   . ARG A 1 21 ? 12.192  8.039   -1.333  1.00 0.00 ? 21 ARG A CB   1 
ATOM 312  C CG   . ARG A 1 21 ? 13.017  9.118   -2.031  1.00 0.00 ? 21 ARG A CG   1 
ATOM 313  C CD   . ARG A 1 21 ? 12.420  9.404   -3.406  1.00 0.00 ? 21 ARG A CD   1 
ATOM 314  N NE   . ARG A 1 21 ? 13.413  10.008  -4.295  1.00 0.00 ? 21 ARG A NE   1 
ATOM 315  C CZ   . ARG A 1 21 ? 13.079  10.755  -5.355  1.00 0.00 ? 21 ARG A CZ   1 
ATOM 316  N NH1  . ARG A 1 21 ? 11.789  10.978  -5.639  1.00 0.00 ? 21 ARG A NH1  1 
ATOM 317  N NH2  . ARG A 1 21 ? 14.035  11.282  -6.133  1.00 0.00 ? 21 ARG A NH2  1 
ATOM 318  H H    . ARG A 1 21 ? 10.657  6.782   0.362   1.00 0.00 ? 21 ARG A H    1 
ATOM 319  H HA   . ARG A 1 21 ? 11.671  9.552   0.095   1.00 0.00 ? 21 ARG A HA   1 
ATOM 320  H HB2  . ARG A 1 21 ? 12.855  7.386   -0.766  1.00 0.00 ? 21 ARG A HB2  1 
ATOM 321  H HB3  . ARG A 1 21 ? 11.654  7.454   -2.079  1.00 0.00 ? 21 ARG A HB3  1 
ATOM 322  H HG2  . ARG A 1 21 ? 13.003  10.029  -1.433  1.00 0.00 ? 21 ARG A HG2  1 
ATOM 323  H HG3  . ARG A 1 21 ? 14.044  8.773   -2.145  1.00 0.00 ? 21 ARG A HG3  1 
ATOM 324  H HD2  . ARG A 1 21 ? 12.069  8.470   -3.846  1.00 0.00 ? 21 ARG A HD2  1 
ATOM 325  H HD3  . ARG A 1 21 ? 11.577  10.087  -3.296  1.00 0.00 ? 21 ARG A HD3  1 
ATOM 326  H HE   . ARG A 1 21 ? 14.389  9.848   -4.089  1.00 0.00 ? 21 ARG A HE   1 
ATOM 327  H HH11 . ARG A 1 21 ? 11.067  10.582  -5.053  1.00 0.00 ? 21 ARG A HH11 1 
ATOM 328  H HH12 . ARG A 1 21 ? 11.536  11.541  -6.439  1.00 0.00 ? 21 ARG A HH12 1 
ATOM 329  H HH21 . ARG A 1 21 ? 15.008  11.114  -5.919  1.00 0.00 ? 21 ARG A HH21 1 
ATOM 330  H HH22 . ARG A 1 21 ? 13.783  11.844  -6.932  1.00 0.00 ? 21 ARG A HH22 1 
ATOM 331  N N    . ASP A 1 22 ? 9.102   8.242   -1.541  1.00 0.00 ? 22 ASP A N    1 
ATOM 332  C CA   . ASP A 1 22 ? 7.896   8.575   -2.274  1.00 0.00 ? 22 ASP A CA   1 
ATOM 333  C C    . ASP A 1 22 ? 6.688   7.951   -1.589  1.00 0.00 ? 22 ASP A C    1 
ATOM 334  O O    . ASP A 1 22 ? 6.590   6.729   -1.492  1.00 0.00 ? 22 ASP A O    1 
ATOM 335  C CB   . ASP A 1 22 ? 8.020   8.077   -3.711  1.00 0.00 ? 22 ASP A CB   1 
ATOM 336  C CG   . ASP A 1 22 ? 9.088   8.856   -4.465  1.00 0.00 ? 22 ASP A CG   1 
ATOM 337  O OD1  . ASP A 1 22 ? 9.285   10.038  -4.112  1.00 0.00 ? 22 ASP A OD1  1 
ATOM 338  O OD2  . ASP A 1 22 ? 9.688   8.255   -5.382  1.00 0.00 ? 22 ASP A OD2  1 
ATOM 339  H H    . ASP A 1 22 ? 9.282   7.271   -1.332  1.00 0.00 ? 22 ASP A H    1 
ATOM 340  H HA   . ASP A 1 22 ? 7.775   9.658   -2.284  1.00 0.00 ? 22 ASP A HA   1 
ATOM 341  H HB2  . ASP A 1 22 ? 8.288   7.020   -3.701  1.00 0.00 ? 22 ASP A HB2  1 
ATOM 342  H HB3  . ASP A 1 22 ? 7.063   8.200   -4.217  1.00 0.00 ? 22 ASP A HB3  1 
ATOM 343  N N    . THR A 1 23 ? 5.768   8.792   -1.111  1.00 0.00 ? 23 THR A N    1 
ATOM 344  C CA   . THR A 1 23 ? 4.576   8.314   -0.441  1.00 0.00 ? 23 THR A CA   1 
ATOM 345  C C    . THR A 1 23 ? 3.386   8.382   -1.388  1.00 0.00 ? 23 THR A C    1 
ATOM 346  O O    . THR A 1 23 ? 3.324   9.254   -2.251  1.00 0.00 ? 23 THR A O    1 
ATOM 347  C CB   . THR A 1 23 ? 4.323   9.157   0.806   1.00 0.00 ? 23 THR A CB   1 
ATOM 348  O OG1  . THR A 1 23 ? 5.420   9.039   1.683   1.00 0.00 ? 23 THR A OG1  1 
ATOM 349  C CG2  . THR A 1 23 ? 3.058   8.666   1.504   1.00 0.00 ? 23 THR A CG2  1 
ATOM 350  H H    . THR A 1 23 ? 5.895   9.789   -1.216  1.00 0.00 ? 23 THR A H    1 
ATOM 351  H HA   . THR A 1 23 ? 4.730   7.278   -0.141  1.00 0.00 ? 23 THR A HA   1 
ATOM 352  H HB   . THR A 1 23 ? 4.197   10.202  0.519   1.00 0.00 ? 23 THR A HB   1 
ATOM 353  H HG1  . THR A 1 23 ? 6.101   9.655   1.403   1.00 0.00 ? 23 THR A HG1  1 
ATOM 354  H HG21 . THR A 1 23 ? 3.231   7.670   1.911   1.00 0.00 ? 23 THR A HG21 1 
ATOM 355  H HG22 . THR A 1 23 ? 2.802   9.349   2.314   1.00 0.00 ? 23 THR A HG22 1 
ATOM 356  H HG23 . THR A 1 23 ? 2.238   8.628   0.787   1.00 0.00 ? 23 THR A HG23 1 
ATOM 357  N N    . LEU A 1 24 ? 2.438   7.456   -1.223  1.00 0.00 ? 24 LEU A N    1 
ATOM 358  C CA   . LEU A 1 24 ? 1.257   7.414   -2.060  1.00 0.00 ? 24 LEU A CA   1 
ATOM 359  C C    . LEU A 1 24 ? 0.017   7.227   -1.196  1.00 0.00 ? 24 LEU A C    1 
ATOM 360  O O    . LEU A 1 24 ? -0.139  6.198   -0.544  1.00 0.00 ? 24 LEU A O    1 
ATOM 361  C CB   . LEU A 1 24 ? 1.388   6.276   -3.068  1.00 0.00 ? 24 LEU A CB   1 
ATOM 362  C CG   . LEU A 1 24 ? 2.834   6.184   -3.545  1.00 0.00 ? 24 LEU A CG   1 
ATOM 363  C CD1  . LEU A 1 24 ? 3.407   4.818   -3.174  1.00 0.00 ? 24 LEU A CD1  1 
ATOM 364  C CD2  . LEU A 1 24 ? 2.883   6.361   -5.060  1.00 0.00 ? 24 LEU A CD2  1 
ATOM 365  H H    . LEU A 1 24 ? 2.537   6.760   -0.498  1.00 0.00 ? 24 LEU A H    1 
ATOM 366  H HA   . LEU A 1 24 ? 1.171   8.357   -2.601  1.00 0.00 ? 24 LEU A HA   1 
ATOM 367  H HB2  . LEU A 1 24 ? 1.100   5.336   -2.596  1.00 0.00 ? 24 LEU A HB2  1 
ATOM 368  H HB3  . LEU A 1 24 ? 0.736   6.468   -3.920  1.00 0.00 ? 24 LEU A HB3  1 
ATOM 369  H HG   . LEU A 1 24 ? 3.424   6.966   -3.068  1.00 0.00 ? 24 LEU A HG   1 
ATOM 370  H HD11 . LEU A 1 24 ? 2.671   4.263   -2.591  1.00 0.00 ? 24 LEU A HD11 1 
ATOM 371  H HD12 . LEU A 1 24 ? 3.642   4.264   -4.083  1.00 0.00 ? 24 LEU A HD12 1 
ATOM 372  H HD13 . LEU A 1 24 ? 4.313   4.951   -2.584  1.00 0.00 ? 24 LEU A HD13 1 
ATOM 373  H HD21 . LEU A 1 24 ? 3.575   5.637   -5.489  1.00 0.00 ? 24 LEU A HD21 1 
ATOM 374  H HD22 . LEU A 1 24 ? 1.889   6.205   -5.476  1.00 0.00 ? 24 LEU A HD22 1 
ATOM 375  H HD23 . LEU A 1 24 ? 3.222   7.371   -5.296  1.00 0.00 ? 24 LEU A HD23 1 
ATOM 376  N N    . CYS A 1 25 ? -0.866  8.229   -1.192  1.00 0.00 ? 25 CYS A N    1 
ATOM 377  C CA   . CYS A 1 25 ? -2.085  8.173   -0.411  1.00 0.00 ? 25 CYS A CA   1 
ATOM 378  C C    . CYS A 1 25 ? -3.257  7.810   -1.310  1.00 0.00 ? 25 CYS A C    1 
ATOM 379  O O    . CYS A 1 25 ? -3.558  8.529   -2.260  1.00 0.00 ? 25 CYS A O    1 
ATOM 380  C CB   . CYS A 1 25 ? -2.318  9.521   0.264   1.00 0.00 ? 25 CYS A CB   1 
ATOM 381  S SG   . CYS A 1 25 ? -0.841  10.217  1.046   1.00 0.00 ? 25 CYS A SG   1 
ATOM 382  H H    . CYS A 1 25 ? -0.689  9.055   -1.746  1.00 0.00 ? 25 CYS A H    1 
ATOM 383  H HA   . CYS A 1 25 ? -1.977  7.406   0.357   1.00 0.00 ? 25 CYS A HA   1 
ATOM 384  H HB2  . CYS A 1 25 ? -2.678  10.226  -0.484  1.00 0.00 ? 25 CYS A HB2  1 
ATOM 385  H HB3  . CYS A 1 25 ? -3.087  9.398   1.027   1.00 0.00 ? 25 CYS A HB3  1 
ATOM 386  N N    . PHE A 1 26 ? -3.919  6.690   -1.010  1.00 0.00 ? 26 PHE A N    1 
ATOM 387  C CA   . PHE A 1 26 ? -5.052  6.241   -1.794  1.00 0.00 ? 26 PHE A CA   1 
ATOM 388  C C    . PHE A 1 26 ? -6.336  6.425   -0.997  1.00 0.00 ? 26 PHE A C    1 
ATOM 389  O O    . PHE A 1 26 ? -6.310  6.434   0.232   1.00 0.00 ? 26 PHE A O    1 
ATOM 390  C CB   . PHE A 1 26 ? -4.857  4.777   -2.175  1.00 0.00 ? 26 PHE A CB   1 
ATOM 391  C CG   . PHE A 1 26 ? -3.685  4.545   -3.100  1.00 0.00 ? 26 PHE A CG   1 
ATOM 392  C CD1  . PHE A 1 26 ? -3.816  4.794   -4.471  1.00 0.00 ? 26 PHE A CD1  1 
ATOM 393  C CD2  . PHE A 1 26 ? -2.467  4.085   -2.586  1.00 0.00 ? 26 PHE A CD2  1 
ATOM 394  C CE1  . PHE A 1 26 ? -2.730  4.582   -5.329  1.00 0.00 ? 26 PHE A CE1  1 
ATOM 395  C CE2  . PHE A 1 26 ? -1.382  3.872   -3.443  1.00 0.00 ? 26 PHE A CE2  1 
ATOM 396  C CZ   . PHE A 1 26 ? -1.513  4.121   -4.814  1.00 0.00 ? 26 PHE A CZ   1 
ATOM 397  H H    . PHE A 1 26 ? -3.631  6.133   -0.219  1.00 0.00 ? 26 PHE A H    1 
ATOM 398  H HA   . PHE A 1 26 ? -5.112  6.838   -2.704  1.00 0.00 ? 26 PHE A HA   1 
ATOM 399  H HB2  . PHE A 1 26 ? -4.700  4.197   -1.265  1.00 0.00 ? 26 PHE A HB2  1 
ATOM 400  H HB3  . PHE A 1 26 ? -5.763  4.420   -2.665  1.00 0.00 ? 26 PHE A HB3  1 
ATOM 401  H HD1  . PHE A 1 26 ? -4.757  5.151   -4.868  1.00 0.00 ? 26 PHE A HD1  1 
ATOM 402  H HD2  . PHE A 1 26 ? -2.366  3.893   -1.528  1.00 0.00 ? 26 PHE A HD2  1 
ATOM 403  H HE1  . PHE A 1 26 ? -2.831  4.774   -6.387  1.00 0.00 ? 26 PHE A HE1  1 
ATOM 404  H HE2  . PHE A 1 26 ? -0.442  3.516   -3.046  1.00 0.00 ? 26 PHE A HE2  1 
ATOM 405  H HZ   . PHE A 1 26 ? -0.674  3.957   -5.475  1.00 0.00 ? 26 PHE A HZ   1 
ATOM 406  N N    . ALA A 1 27 ? -7.461  6.570   -1.700  1.00 0.00 ? 27 ALA A N    1 
ATOM 407  C CA   . ALA A 1 27 ? -8.746  6.754   -1.057  1.00 0.00 ? 27 ALA A CA   1 
ATOM 408  C C    . ALA A 1 27 ? -9.818  5.985   -1.819  1.00 0.00 ? 27 ALA A C    1 
ATOM 409  O O    . ALA A 1 27 ? -9.544  5.410   -2.869  1.00 0.00 ? 27 ALA A O    1 
ATOM 410  C CB   . ALA A 1 27 ? -9.082  8.242   -1.007  1.00 0.00 ? 27 ALA A CB   1 
ATOM 411  H H    . ALA A 1 27 ? -7.427  6.555   -2.710  1.00 0.00 ? 27 ALA A H    1 
ATOM 412  H HA   . ALA A 1 27 ? -8.691  6.369   -0.040  1.00 0.00 ? 27 ALA A HA   1 
ATOM 413  H HB1  . ALA A 1 27 ? -9.607  8.464   -0.078  1.00 0.00 ? 27 ALA A HB1  1 
ATOM 414  H HB2  . ALA A 1 27 ? -8.160  8.824   -1.052  1.00 0.00 ? 27 ALA A HB2  1 
ATOM 415  H HB3  . ALA A 1 27 ? -9.716  8.501   -1.856  1.00 0.00 ? 27 ALA A HB3  1 
ATOM 416  N N    . ASN A 1 28 ? -11.041 5.977   -1.284  1.00 0.00 ? 28 ASN A N    1 
ATOM 417  C CA   . ASN A 1 28 ? -12.144 5.279   -1.916  1.00 0.00 ? 28 ASN A CA   1 
ATOM 418  C C    . ASN A 1 28 ? -11.878 3.781   -1.916  1.00 0.00 ? 28 ASN A C    1 
ATOM 419  O O    . ASN A 1 28 ? -10.733 3.351   -2.043  1.00 0.00 ? 28 ASN A O    1 
ATOM 420  C CB   . ASN A 1 28 ? -12.323 5.798   -3.339  1.00 0.00 ? 28 ASN A CB   1 
ATOM 421  C CG   . ASN A 1 28 ? -13.104 7.104   -3.348  1.00 0.00 ? 28 ASN A CG   1 
ATOM 422  O OD1  . ASN A 1 28 ? -13.265 7.740   -2.309  1.00 0.00 ? 28 ASN A OD1  1 
ATOM 423  N ND2  . ASN A 1 28 ? -13.589 7.503   -4.526  1.00 0.00 ? 28 ASN A ND2  1 
ATOM 424  H H    . ASN A 1 28 ? -11.215 6.466   -0.418  1.00 0.00 ? 28 ASN A H    1 
ATOM 425  H HA   . ASN A 1 28 ? -13.056 5.476   -1.352  1.00 0.00 ? 28 ASN A HA   1 
ATOM 426  H HB2  . ASN A 1 28 ? -11.342 5.964   -3.785  1.00 0.00 ? 28 ASN A HB2  1 
ATOM 427  H HB3  . ASN A 1 28 ? -12.862 5.055   -3.926  1.00 0.00 ? 28 ASN A HB3  1 
ATOM 428  H HD21 . ASN A 1 28 ? -13.429 6.946   -5.353  1.00 0.00 ? 28 ASN A HD21 1 
ATOM 429  H HD22 . ASN A 1 28 ? -14.116 8.364   -4.589  1.00 0.00 ? 28 ASN A HD22 1 
ATOM 430  N N    . ALA A 1 29 ? -12.941 2.985   -1.777  1.00 0.00 ? 29 ALA A N    1 
ATOM 431  C CA   . ALA A 1 29 ? -12.818 1.541   -1.762  1.00 0.00 ? 29 ALA A CA   1 
ATOM 432  C C    . ALA A 1 29 ? -12.285 1.056   -3.103  1.00 0.00 ? 29 ALA A C    1 
ATOM 433  O O    . ALA A 1 29 ? -11.958 -0.120  -3.254  1.00 0.00 ? 29 ALA A O    1 
ATOM 434  C CB   . ALA A 1 29 ? -14.178 0.919   -1.463  1.00 0.00 ? 29 ALA A CB   1 
ATOM 435  H H    . ALA A 1 29 ? -13.860 3.390   -1.678  1.00 0.00 ? 29 ALA A H    1 
ATOM 436  H HA   . ALA A 1 29 ? -12.117 1.254   -0.978  1.00 0.00 ? 29 ALA A HA   1 
ATOM 437  H HB1  . ALA A 1 29 ? -14.058 -0.149  -1.285  1.00 0.00 ? 29 ALA A HB1  1 
ATOM 438  H HB2  . ALA A 1 29 ? -14.606 1.390   -0.577  1.00 0.00 ? 29 ALA A HB2  1 
ATOM 439  H HB3  . ALA A 1 29 ? -14.843 1.073   -2.313  1.00 0.00 ? 29 ALA A HB3  1 
ATOM 440  N N    . GLY A 1 30 ? -12.199 1.963   -4.078  1.00 0.00 ? 30 GLY A N    1 
ATOM 441  C CA   . GLY A 1 30 ? -11.708 1.617   -5.397  1.00 0.00 ? 30 GLY A CA   1 
ATOM 442  C C    . GLY A 1 30 ? -10.559 0.625   -5.288  1.00 0.00 ? 30 GLY A C    1 
ATOM 443  O O    . GLY A 1 30 ? -9.882  0.564   -4.264  1.00 0.00 ? 30 GLY A O    1 
ATOM 444  H H    . GLY A 1 30 ? -12.481 2.916   -3.904  1.00 0.00 ? 30 GLY A H    1 
ATOM 445  H HA2  . GLY A 1 30 ? -12.515 1.172   -5.977  1.00 0.00 ? 30 GLY A HA2  1 
ATOM 446  H HA3  . GLY A 1 30 ? -11.358 2.520   -5.899  1.00 0.00 ? 30 GLY A HA3  1 
ATOM 447  N N    . THR A 1 31 ? -10.340 -0.156  -6.349  1.00 0.00 ? 31 THR A N    1 
ATOM 448  C CA   . THR A 1 31 ? -9.275  -1.139  -6.364  1.00 0.00 ? 31 THR A CA   1 
ATOM 449  C C    . THR A 1 31 ? -8.605  -1.156  -7.730  1.00 0.00 ? 31 THR A C    1 
ATOM 450  O O    . THR A 1 31 ? -9.248  -1.447  -8.737  1.00 0.00 ? 31 THR A O    1 
ATOM 451  C CB   . THR A 1 31 ? -9.847  -2.512  -6.025  1.00 0.00 ? 31 THR A CB   1 
ATOM 452  O OG1  . THR A 1 31 ? -10.236 -2.537  -4.670  1.00 0.00 ? 31 THR A OG1  1 
ATOM 453  C CG2  . THR A 1 31 ? -8.784  -3.580  -6.269  1.00 0.00 ? 31 THR A CG2  1 
ATOM 454  H H    . THR A 1 31 ? -10.924 -0.067  -7.168  1.00 0.00 ? 31 THR A H    1 
ATOM 455  H HA   . THR A 1 31 ? -8.534  -0.868  -5.612  1.00 0.00 ? 31 THR A HA   1 
ATOM 456  H HB   . THR A 1 31 ? -10.714 -2.711  -6.656  1.00 0.00 ? 31 THR A HB   1 
ATOM 457  H HG1  . THR A 1 31 ? -11.191 -2.631  -4.630  1.00 0.00 ? 31 THR A HG1  1 
ATOM 458  H HG21 . THR A 1 31 ? -8.958  -4.424  -5.600  1.00 0.00 ? 31 THR A HG21 1 
ATOM 459  H HG22 . THR A 1 31 ? -8.841  -3.919  -7.303  1.00 0.00 ? 31 THR A HG22 1 
ATOM 460  H HG23 . THR A 1 31 ? -7.798  -3.161  -6.077  1.00 0.00 ? 31 THR A HG23 1 
ATOM 461  N N    . MET A 1 32 ? -7.307  -0.845  -7.765  1.00 0.00 ? 32 MET A N    1 
ATOM 462  C CA   . MET A 1 32 ? -6.560  -0.825  -9.006  1.00 0.00 ? 32 MET A CA   1 
ATOM 463  C C    . MET A 1 32 ? -5.155  -1.362  -8.773  1.00 0.00 ? 32 MET A C    1 
ATOM 464  O O    . MET A 1 32 ? -4.654  -1.332  -7.652  1.00 0.00 ? 32 MET A O    1 
ATOM 465  C CB   . MET A 1 32 ? -6.510  0.602   -9.546  1.00 0.00 ? 32 MET A CB   1 
ATOM 466  C CG   . MET A 1 32 ? -5.479  1.407   -8.762  1.00 0.00 ? 32 MET A CG   1 
ATOM 467  S SD   . MET A 1 32 ? -5.377  3.146   -9.253  1.00 0.00 ? 32 MET A SD   1 
ATOM 468  C CE   . MET A 1 32 ? -4.171  3.722   -8.031  1.00 0.00 ? 32 MET A CE   1 
ATOM 469  H H    . MET A 1 32 ? -6.824  -0.612  -6.909  1.00 0.00 ? 32 MET A H    1 
ATOM 470  H HA   . MET A 1 32 ? -7.065  -1.461  -9.733  1.00 0.00 ? 32 MET A HA   1 
ATOM 471  H HB2  . MET A 1 32 ? -6.231  0.582   -10.600 1.00 0.00 ? 32 MET A HB2  1 
ATOM 472  H HB3  . MET A 1 32 ? -7.490  1.064   -9.439  1.00 0.00 ? 32 MET A HB3  1 
ATOM 473  H HG2  . MET A 1 32 ? -5.736  1.360   -7.704  1.00 0.00 ? 32 MET A HG2  1 
ATOM 474  H HG3  . MET A 1 32 ? -4.500  0.949   -8.906  1.00 0.00 ? 32 MET A HG3  1 
ATOM 475  H HE1  . MET A 1 32 ? -3.343  3.015   -7.977  1.00 0.00 ? 32 MET A HE1  1 
ATOM 476  H HE2  . MET A 1 32 ? -3.796  4.701   -8.325  1.00 0.00 ? 32 MET A HE2  1 
ATOM 477  H HE3  . MET A 1 32 ? -4.650  3.794   -7.055  1.00 0.00 ? 32 MET A HE3  1 
ATOM 478  N N    . PRO A 1 33 ? -4.519  -1.853  -9.840  1.00 0.00 ? 33 PRO A N    1 
ATOM 479  C CA   . PRO A 1 33 ? -3.181  -2.403  -9.809  1.00 0.00 ? 33 PRO A CA   1 
ATOM 480  C C    . PRO A 1 33 ? -2.170  -1.277  -9.637  1.00 0.00 ? 33 PRO A C    1 
ATOM 481  O O    . PRO A 1 33 ? -2.215  -0.285  -10.360 1.00 0.00 ? 33 PRO A O    1 
ATOM 482  C CB   . PRO A 1 33 ? -3.009  -3.090  -11.162 1.00 0.00 ? 33 PRO A CB   1 
ATOM 483  C CG   . PRO A 1 33 ? -3.902  -2.257  -12.081 1.00 0.00 ? 33 PRO A CG   1 
ATOM 484  C CD   . PRO A 1 33 ? -5.078  -1.903  -11.173 1.00 0.00 ? 33 PRO A CD   1 
ATOM 485  H HA   . PRO A 1 33 ? -3.072  -3.124  -9.000  1.00 0.00 ? 33 PRO A HA   1 
ATOM 486  H HB2  . PRO A 1 33 ? -1.970  -3.102  -11.491 1.00 0.00 ? 33 PRO A HB2  1 
ATOM 487  H HB3  . PRO A 1 33 ? -3.406  -4.104  -11.102 1.00 0.00 ? 33 PRO A HB3  1 
ATOM 488  H HG2  . PRO A 1 33 ? -3.376  -1.344  -12.358 1.00 0.00 ? 33 PRO A HG2  1 
ATOM 489  H HG3  . PRO A 1 33 ? -4.214  -2.808  -12.968 1.00 0.00 ? 33 PRO A HG3  1 
ATOM 490  H HD2  . PRO A 1 33 ? -5.516  -0.948  -11.460 1.00 0.00 ? 33 PRO A HD2  1 
ATOM 491  H HD3  . PRO A 1 33 ? -5.829  -2.693  -11.215 1.00 0.00 ? 33 PRO A HD3  1 
ATOM 492  N N    . VAL A 1 34 ? -1.259  -1.434  -8.674  1.00 0.00 ? 34 VAL A N    1 
ATOM 493  C CA   . VAL A 1 34 ? -0.245  -0.433  -8.411  1.00 0.00 ? 34 VAL A CA   1 
ATOM 494  C C    . VAL A 1 34 ? 1.120   -1.097  -8.302  1.00 0.00 ? 34 VAL A C    1 
ATOM 495  O O    . VAL A 1 34 ? 1.209   -2.303  -8.085  1.00 0.00 ? 34 VAL A O    1 
ATOM 496  C CB   . VAL A 1 34 ? -0.588  0.311   -7.122  1.00 0.00 ? 34 VAL A CB   1 
ATOM 497  C CG1  . VAL A 1 34 ? -2.042  0.772   -7.173  1.00 0.00 ? 34 VAL A CG1  1 
ATOM 498  C CG2  . VAL A 1 34 ? -0.391  -0.621  -5.930  1.00 0.00 ? 34 VAL A CG2  1 
ATOM 499  H H    . VAL A 1 34 ? -1.267  -2.269  -8.108  1.00 0.00 ? 34 VAL A H    1 
ATOM 500  H HA   . VAL A 1 34 ? -0.228  0.279   -9.235  1.00 0.00 ? 34 VAL A HA   1 
ATOM 501  H HB   . VAL A 1 34 ? 0.064   1.178   -7.018  1.00 0.00 ? 34 VAL A HB   1 
ATOM 502  H HG11 . VAL A 1 34 ? -2.644  0.150   -6.510  1.00 0.00 ? 34 VAL A HG11 1 
ATOM 503  H HG12 . VAL A 1 34 ? -2.104  1.812   -6.851  1.00 0.00 ? 34 VAL A HG12 1 
ATOM 504  H HG13 . VAL A 1 34 ? -2.416  0.684   -8.193  1.00 0.00 ? 34 VAL A HG13 1 
ATOM 505  H HG21 . VAL A 1 34 ? -1.302  -0.645  -5.332  1.00 0.00 ? 34 VAL A HG21 1 
ATOM 506  H HG22 . VAL A 1 34 ? -0.165  -1.626  -6.288  1.00 0.00 ? 34 VAL A HG22 1 
ATOM 507  H HG23 . VAL A 1 34 ? 0.435   -0.259  -5.318  1.00 0.00 ? 34 VAL A HG23 1 
ATOM 508  N N    . ALA A 1 35 ? 2.184   -0.307  -8.456  1.00 0.00 ? 35 ALA A N    1 
ATOM 509  C CA   . ALA A 1 35 ? 3.536   -0.821  -8.376  1.00 0.00 ? 35 ALA A CA   1 
ATOM 510  C C    . ALA A 1 35 ? 4.340   -0.006  -7.374  1.00 0.00 ? 35 ALA A C    1 
ATOM 511  O O    . ALA A 1 35 ? 4.650   1.158   -7.624  1.00 0.00 ? 35 ALA A O    1 
ATOM 512  C CB   . ALA A 1 35 ? 4.181   -0.769  -9.758  1.00 0.00 ? 35 ALA A CB   1 
ATOM 513  H H    . ALA A 1 35 ? 2.056   0.679   -8.634  1.00 0.00 ? 35 ALA A H    1 
ATOM 514  H HA   . ALA A 1 35 ? 3.502   -1.858  -8.041  1.00 0.00 ? 35 ALA A HA   1 
ATOM 515  H HB1  . ALA A 1 35 ? 5.230   -1.060  -9.680  1.00 0.00 ? 35 ALA A HB1  1 
ATOM 516  H HB2  . ALA A 1 35 ? 3.663   -1.455  -10.427 1.00 0.00 ? 35 ALA A HB2  1 
ATOM 517  H HB3  . ALA A 1 35 ? 4.114   0.245   -10.153 1.00 0.00 ? 35 ALA A HB3  1 
ATOM 518  N N    . ILE A 1 36 ? 4.677   -0.617  -6.236  1.00 0.00 ? 36 ILE A N    1 
ATOM 519  C CA   . ILE A 1 36 ? 5.442   0.051   -5.203  1.00 0.00 ? 36 ILE A CA   1 
ATOM 520  C C    . ILE A 1 36 ? 6.642   -0.802  -4.818  1.00 0.00 ? 36 ILE A C    1 
ATOM 521  O O    . ILE A 1 36 ? 6.486   -1.857  -4.207  1.00 0.00 ? 36 ILE A O    1 
ATOM 522  C CB   . ILE A 1 36 ? 4.548   0.306   -3.993  1.00 0.00 ? 36 ILE A CB   1 
ATOM 523  C CG1  . ILE A 1 36 ? 3.610   1.473   -4.291  1.00 0.00 ? 36 ILE A CG1  1 
ATOM 524  C CG2  . ILE A 1 36 ? 5.414   0.647   -2.784  1.00 0.00 ? 36 ILE A CG2  1 
ATOM 525  C CD1  . ILE A 1 36 ? 2.180   1.080   -3.928  1.00 0.00 ? 36 ILE A CD1  1 
ATOM 526  H H    . ILE A 1 36 ? 4.396   -1.575  -6.081  1.00 0.00 ? 36 ILE A H    1 
ATOM 527  H HA   . ILE A 1 36 ? 5.798   1.006   -5.589  1.00 0.00 ? 36 ILE A HA   1 
ATOM 528  H HB   . ILE A 1 36 ? 3.962   -0.587  -3.780  1.00 0.00 ? 36 ILE A HB   1 
ATOM 529  H HG12 . ILE A 1 36 ? 3.909   2.339   -3.703  1.00 0.00 ? 36 ILE A HG12 1 
ATOM 530  H HG13 . ILE A 1 36 ? 3.660   1.718   -5.352  1.00 0.00 ? 36 ILE A HG13 1 
ATOM 531  H HG21 . ILE A 1 36 ? 5.782   -0.273  -2.329  1.00 0.00 ? 36 ILE A HG21 1 
ATOM 532  H HG22 . ILE A 1 36 ? 6.259   1.257   -3.102  1.00 0.00 ? 36 ILE A HG22 1 
ATOM 533  H HG23 . ILE A 1 36 ? 4.822   1.200   -2.056  1.00 0.00 ? 36 ILE A HG23 1 
ATOM 534  H HD11 . ILE A 1 36 ? 1.883   1.595   -3.014  1.00 0.00 ? 36 ILE A HD11 1 
ATOM 535  H HD12 . ILE A 1 36 ? 1.509   1.362   -4.739  1.00 0.00 ? 36 ILE A HD12 1 
ATOM 536  H HD13 . ILE A 1 36 ? 2.128   0.003   -3.771  1.00 0.00 ? 36 ILE A HD13 1 
ATOM 537  N N    . TYR A 1 37 ? 7.844   -0.345  -5.177  1.00 0.00 ? 37 TYR A N    1 
ATOM 538  C CA   . TYR A 1 37 ? 9.060   -1.069  -4.868  1.00 0.00 ? 37 TYR A CA   1 
ATOM 539  C C    . TYR A 1 37 ? 9.769   -0.411  -3.693  1.00 0.00 ? 37 TYR A C    1 
ATOM 540  O O    . TYR A 1 37 ? 9.918   0.809   -3.658  1.00 0.00 ? 37 TYR A O    1 
ATOM 541  C CB   . TYR A 1 37 ? 9.962   -1.093  -6.099  1.00 0.00 ? 37 TYR A CB   1 
ATOM 542  C CG   . TYR A 1 37 ? 9.261   -1.560  -7.352  1.00 0.00 ? 37 TYR A CG   1 
ATOM 543  C CD1  . TYR A 1 37 ? 8.422   -0.684  -8.052  1.00 0.00 ? 37 TYR A CD1  1 
ATOM 544  C CD2  . TYR A 1 37 ? 9.449   -2.868  -7.813  1.00 0.00 ? 37 TYR A CD2  1 
ATOM 545  C CE1  . TYR A 1 37 ? 7.772   -1.117  -9.213  1.00 0.00 ? 37 TYR A CE1  1 
ATOM 546  C CE2  . TYR A 1 37 ? 8.799   -3.301  -8.975  1.00 0.00 ? 37 TYR A CE2  1 
ATOM 547  C CZ   . TYR A 1 37 ? 7.960   -2.426  -9.675  1.00 0.00 ? 37 TYR A CZ   1 
ATOM 548  O OH   . TYR A 1 37 ? 7.327   -2.847  -10.807 1.00 0.00 ? 37 TYR A OH   1 
ATOM 549  H H    . TYR A 1 37 ? 7.920   0.529   -5.679  1.00 0.00 ? 37 TYR A H    1 
ATOM 550  H HA   . TYR A 1 37 ? 8.804   -2.092  -4.598  1.00 0.00 ? 37 TYR A HA   1 
ATOM 551  H HB2  . TYR A 1 37 ? 10.346  -0.087  -6.269  1.00 0.00 ? 37 TYR A HB2  1 
ATOM 552  H HB3  . TYR A 1 37 ? 10.803  -1.759  -5.902  1.00 0.00 ? 37 TYR A HB3  1 
ATOM 553  H HD1  . TYR A 1 37 ? 8.277   0.324   -7.695  1.00 0.00 ? 37 TYR A HD1  1 
ATOM 554  H HD2  . TYR A 1 37 ? 10.097  -3.543  -7.273  1.00 0.00 ? 37 TYR A HD2  1 
ATOM 555  H HE1  . TYR A 1 37 ? 7.125   -0.442  -9.753  1.00 0.00 ? 37 TYR A HE1  1 
ATOM 556  H HE2  . TYR A 1 37 ? 8.945   -4.310  -9.332  1.00 0.00 ? 37 TYR A HE2  1 
ATOM 557  H HH   . TYR A 1 37 ? 6.463   -3.227  -10.635 1.00 0.00 ? 37 TYR A HH   1 
ATOM 558  N N    . GLY A 1 38 ? 10.207  -1.222  -2.726  1.00 0.00 ? 38 GLY A N    1 
ATOM 559  C CA   . GLY A 1 38 ? 10.896  -0.710  -1.559  1.00 0.00 ? 38 GLY A CA   1 
ATOM 560  C C    . GLY A 1 38 ? 9.890   -0.260  -0.508  1.00 0.00 ? 38 GLY A C    1 
ATOM 561  O O    . GLY A 1 38 ? 9.889   0.901   -0.104  1.00 0.00 ? 38 GLY A O    1 
ATOM 562  H H    . GLY A 1 38 ? 10.060  -2.218  -2.801  1.00 0.00 ? 38 GLY A H    1 
ATOM 563  H HA2  . GLY A 1 38 ? 11.527  -1.494  -1.140  1.00 0.00 ? 38 GLY A HA2  1 
ATOM 564  H HA3  . GLY A 1 38 ? 11.517  0.137   -1.848  1.00 0.00 ? 38 GLY A HA3  1 
ATOM 565  N N    . VAL A 1 39 ? 9.033   -1.183  -0.067  1.00 0.00 ? 39 VAL A N    1 
ATOM 566  C CA   . VAL A 1 39 ? 8.028   -0.879  0.931   1.00 0.00 ? 39 VAL A CA   1 
ATOM 567  C C    . VAL A 1 39 ? 8.651   -0.921  2.319   1.00 0.00 ? 39 VAL A C    1 
ATOM 568  O O    . VAL A 1 39 ? 9.087   -1.977  2.774   1.00 0.00 ? 39 VAL A O    1 
ATOM 569  C CB   . VAL A 1 39 ? 6.883   -1.881  0.822   1.00 0.00 ? 39 VAL A CB   1 
ATOM 570  C CG1  . VAL A 1 39 ? 5.737   -1.447  1.731   1.00 0.00 ? 39 VAL A CG1  1 
ATOM 571  C CG2  . VAL A 1 39 ? 6.393   -1.937  -0.623  1.00 0.00 ? 39 VAL A CG2  1 
ATOM 572  H H    . VAL A 1 39 ? 9.077   -2.124  -0.432  1.00 0.00 ? 39 VAL A H    1 
ATOM 573  H HA   . VAL A 1 39 ? 7.640   0.123   0.749   1.00 0.00 ? 39 VAL A HA   1 
ATOM 574  H HB   . VAL A 1 39 ? 7.234   -2.869  1.124   1.00 0.00 ? 39 VAL A HB   1 
ATOM 575  H HG11 . VAL A 1 39 ? 4.867   -2.077  1.545   1.00 0.00 ? 39 VAL A HG11 1 
ATOM 576  H HG12 . VAL A 1 39 ? 6.042   -1.548  2.773   1.00 0.00 ? 39 VAL A HG12 1 
ATOM 577  H HG13 . VAL A 1 39 ? 5.484   -0.407  1.525   1.00 0.00 ? 39 VAL A HG13 1 
ATOM 578  H HG21 . VAL A 1 39 ? 5.369   -1.567  -0.673  1.00 0.00 ? 39 VAL A HG21 1 
ATOM 579  H HG22 . VAL A 1 39 ? 7.036   -1.318  -1.248  1.00 0.00 ? 39 VAL A HG22 1 
ATOM 580  H HG23 . VAL A 1 39 ? 6.424   -2.967  -0.978  1.00 0.00 ? 39 VAL A HG23 1 
ATOM 581  N N    . ASN A 1 40 ? 8.694   0.230   2.993   1.00 0.00 ? 40 ASN A N    1 
ATOM 582  C CA   . ASN A 1 40 ? 9.263   0.316   4.322   1.00 0.00 ? 40 ASN A CA   1 
ATOM 583  C C    . ASN A 1 40 ? 8.150   0.345   5.361   1.00 0.00 ? 40 ASN A C    1 
ATOM 584  O O    . ASN A 1 40 ? 8.271   -0.266  6.421   1.00 0.00 ? 40 ASN A O    1 
ATOM 585  C CB   . ASN A 1 40 ? 10.129  1.568   4.424   1.00 0.00 ? 40 ASN A CB   1 
ATOM 586  C CG   . ASN A 1 40 ? 11.506  1.327   3.822   1.00 0.00 ? 40 ASN A CG   1 
ATOM 587  O OD1  . ASN A 1 40 ? 12.517  1.695   4.415   1.00 0.00 ? 40 ASN A OD1  1 
ATOM 588  N ND2  . ASN A 1 40 ? 11.543  0.703   2.643   1.00 0.00 ? 40 ASN A ND2  1 
ATOM 589  H H    . ASN A 1 40 ? 8.322   1.071   2.573   1.00 0.00 ? 40 ASN A H    1 
ATOM 590  H HA   . ASN A 1 40 ? 9.887   -0.560  4.498   1.00 0.00 ? 40 ASN A HA   1 
ATOM 591  H HB2  . ASN A 1 40 ? 9.642   2.384   3.890   1.00 0.00 ? 40 ASN A HB2  1 
ATOM 592  H HB3  . ASN A 1 40 ? 10.241  1.843   5.473   1.00 0.00 ? 40 ASN A HB3  1 
ATOM 593  H HD21 . ASN A 1 40 ? 10.683  0.419   2.196   1.00 0.00 ? 40 ASN A HD21 1 
ATOM 594  H HD22 . ASN A 1 40 ? 12.430  0.517   2.199   1.00 0.00 ? 40 ASN A HD22 1 
ATOM 595  N N    . TRP A 1 41 ? 7.063   1.056   5.055   1.00 0.00 ? 41 TRP A N    1 
ATOM 596  C CA   . TRP A 1 41 ? 5.938   1.156   5.963   1.00 0.00 ? 41 TRP A CA   1 
ATOM 597  C C    . TRP A 1 41 ? 4.705   1.633   5.210   1.00 0.00 ? 41 TRP A C    1 
ATOM 598  O O    . TRP A 1 41 ? 4.819   2.355   4.221   1.00 0.00 ? 41 TRP A O    1 
ATOM 599  C CB   . TRP A 1 41 ? 6.285   2.116   7.098   1.00 0.00 ? 41 TRP A CB   1 
ATOM 600  C CG   . TRP A 1 41 ? 5.144   2.465   7.998   1.00 0.00 ? 41 TRP A CG   1 
ATOM 601  C CD1  . TRP A 1 41 ? 3.971   3.002   7.600   1.00 0.00 ? 41 TRP A CD1  1 
ATOM 602  C CD2  . TRP A 1 41 ? 5.041   2.312   9.447   1.00 0.00 ? 41 TRP A CD2  1 
ATOM 603  N NE1  . TRP A 1 41 ? 3.153   3.192   8.694   1.00 0.00 ? 41 TRP A NE1  1 
ATOM 604  C CE2  . TRP A 1 41 ? 3.766   2.783   9.862   1.00 0.00 ? 41 TRP A CE2  1 
ATOM 605  C CE3  . TRP A 1 41 ? 5.895   1.826   10.453  1.00 0.00 ? 41 TRP A CE3  1 
ATOM 606  C CZ2  . TRP A 1 41 ? 3.359   2.771   11.199  1.00 0.00 ? 41 TRP A CZ2  1 
ATOM 607  C CZ3  . TRP A 1 41 ? 5.496   1.810   11.797  1.00 0.00 ? 41 TRP A CZ3  1 
ATOM 608  C CH2  . TRP A 1 41 ? 4.232   2.280   12.173  1.00 0.00 ? 41 TRP A CH2  1 
ATOM 609  H H    . TRP A 1 41 ? 7.011   1.540   4.170   1.00 0.00 ? 41 TRP A H    1 
ATOM 610  H HA   . TRP A 1 41 ? 5.735   0.171   6.384   1.00 0.00 ? 41 TRP A HA   1 
ATOM 611  H HB2  . TRP A 1 41 ? 7.072   1.664   7.701   1.00 0.00 ? 41 TRP A HB2  1 
ATOM 612  H HB3  . TRP A 1 41 ? 6.670   3.038   6.661   1.00 0.00 ? 41 TRP A HB3  1 
ATOM 613  H HD1  . TRP A 1 41 ? 3.712   3.246   6.580   1.00 0.00 ? 41 TRP A HD1  1 
ATOM 614  H HE1  . TRP A 1 41 ? 2.226   3.584   8.621   1.00 0.00 ? 41 TRP A HE1  1 
ATOM 615  H HE3  . TRP A 1 41 ? 6.874   1.458   10.186  1.00 0.00 ? 41 TRP A HE3  1 
ATOM 616  H HZ2  . TRP A 1 41 ? 2.381   3.137   11.476  1.00 0.00 ? 41 TRP A HZ2  1 
ATOM 617  H HZ3  . TRP A 1 41 ? 6.171   1.430   12.551  1.00 0.00 ? 41 TRP A HZ3  1 
ATOM 618  H HH2  . TRP A 1 41 ? 3.934   2.264   13.212  1.00 0.00 ? 41 TRP A HH2  1 
ATOM 619  N N    . VAL A 1 42 ? 3.523   1.229   5.681   1.00 0.00 ? 42 VAL A N    1 
ATOM 620  C CA   . VAL A 1 42 ? 2.276   1.615   5.052   1.00 0.00 ? 42 VAL A CA   1 
ATOM 621  C C    . VAL A 1 42 ? 1.271   2.031   6.116   1.00 0.00 ? 42 VAL A C    1 
ATOM 622  O O    . VAL A 1 42 ? 1.207   1.426   7.184   1.00 0.00 ? 42 VAL A O    1 
ATOM 623  C CB   . VAL A 1 42 ? 1.739   0.447   4.229   1.00 0.00 ? 42 VAL A CB   1 
ATOM 624  C CG1  . VAL A 1 42 ? 0.238   0.621   4.018   1.00 0.00 ? 42 VAL A CG1  1 
ATOM 625  C CG2  . VAL A 1 42 ? 2.443   0.416   2.874   1.00 0.00 ? 42 VAL A CG2  1 
ATOM 626  H H    . VAL A 1 42 ? 3.485   0.636   6.497   1.00 0.00 ? 42 VAL A H    1 
ATOM 627  H HA   . VAL A 1 42 ? 2.460   2.461   4.390   1.00 0.00 ? 42 VAL A HA   1 
ATOM 628  H HB   . VAL A 1 42 ? 1.926   -0.487  4.757   1.00 0.00 ? 42 VAL A HB   1 
ATOM 629  H HG11 . VAL A 1 42 ? -0.030  0.290   3.015   1.00 0.00 ? 42 VAL A HG11 1 
ATOM 630  H HG12 . VAL A 1 42 ? -0.303  0.027   4.754   1.00 0.00 ? 42 VAL A HG12 1 
ATOM 631  H HG13 . VAL A 1 42 ? -0.026  1.673   4.135   1.00 0.00 ? 42 VAL A HG13 1 
ATOM 632  H HG21 . VAL A 1 42 ? 1.896   -0.239  2.196   1.00 0.00 ? 42 VAL A HG21 1 
ATOM 633  H HG22 . VAL A 1 42 ? 2.476   1.423   2.458   1.00 0.00 ? 42 VAL A HG22 1 
ATOM 634  H HG23 . VAL A 1 42 ? 3.458   0.041   3.002   1.00 0.00 ? 42 VAL A HG23 1 
ATOM 635  N N    . GLU A 1 43 ? 0.483   3.069   5.823   1.00 0.00 ? 43 GLU A N    1 
ATOM 636  C CA   . GLU A 1 43 ? -0.513  3.557   6.756   1.00 0.00 ? 43 GLU A CA   1 
ATOM 637  C C    . GLU A 1 43 ? -1.870  2.945   6.434   1.00 0.00 ? 43 GLU A C    1 
ATOM 638  O O    . GLU A 1 43 ? -2.103  2.502   5.311   1.00 0.00 ? 43 GLU A O    1 
ATOM 639  C CB   . GLU A 1 43 ? -0.575  5.080   6.681   1.00 0.00 ? 43 GLU A CB   1 
ATOM 640  C CG   . GLU A 1 43 ? 0.841   5.645   6.644   1.00 0.00 ? 43 GLU A CG   1 
ATOM 641  C CD   . GLU A 1 43 ? 0.901   7.005   7.326   1.00 0.00 ? 43 GLU A CD   1 
ATOM 642  O OE1  . GLU A 1 43 ? 1.144   7.014   8.552   1.00 0.00 ? 43 GLU A OE1  1 
ATOM 643  O OE2  . GLU A 1 43 ? 0.704   8.008   6.608   1.00 0.00 ? 43 GLU A OE2  1 
ATOM 644  H H    . GLU A 1 43 ? 0.574   3.533   4.931   1.00 0.00 ? 43 GLU A H    1 
ATOM 645  H HA   . GLU A 1 43 ? -0.226  3.265   7.766   1.00 0.00 ? 43 GLU A HA   1 
ATOM 646  H HB2  . GLU A 1 43 ? -1.110  5.377   5.779   1.00 0.00 ? 43 GLU A HB2  1 
ATOM 647  H HB3  . GLU A 1 43 ? -1.097  5.466   7.557   1.00 0.00 ? 43 GLU A HB3  1 
ATOM 648  H HG2  . GLU A 1 43 ? 1.515   4.958   7.155   1.00 0.00 ? 43 GLU A HG2  1 
ATOM 649  H HG3  . GLU A 1 43 ? 1.158   5.751   5.605   1.00 0.00 ? 43 GLU A HG3  1 
ATOM 650  N N    . SER A 1 44 ? -2.766  2.924   7.423   1.00 0.00 ? 44 SER A N    1 
ATOM 651  C CA   . SER A 1 44 ? -4.092  2.369   7.240   1.00 0.00 ? 44 SER A CA   1 
ATOM 652  C C    . SER A 1 44 ? -5.058  3.003   8.231   1.00 0.00 ? 44 SER A C    1 
ATOM 653  O O    . SER A 1 44 ? -5.335  2.432   9.283   1.00 0.00 ? 44 SER A O    1 
ATOM 654  C CB   . SER A 1 44 ? -4.040  0.856   7.427   1.00 0.00 ? 44 SER A CB   1 
ATOM 655  O OG   . SER A 1 44 ? -2.859  0.351   6.849   1.00 0.00 ? 44 SER A OG   1 
ATOM 656  H H    . SER A 1 44 ? -2.524  3.301   8.328   1.00 0.00 ? 44 SER A H    1 
ATOM 657  H HA   . SER A 1 44 ? -4.430  2.588   6.228   1.00 0.00 ? 44 SER A HA   1 
ATOM 658  H HB2  . SER A 1 44 ? -4.052  0.621   8.492   1.00 0.00 ? 44 SER A HB2  1 
ATOM 659  H HB3  . SER A 1 44 ? -4.904  0.401   6.945   1.00 0.00 ? 44 SER A HB3  1 
ATOM 660  H HG   . SER A 1 44 ? -2.109  0.813   7.233   1.00 0.00 ? 44 SER A HG   1 
ATOM 661  N N    . GLY A 1 45 ? -5.572  4.189   7.893   1.00 0.00 ? 45 GLY A N    1 
ATOM 662  C CA   . GLY A 1 45 ? -6.503  4.888   8.756   1.00 0.00 ? 45 GLY A CA   1 
ATOM 663  C C    . GLY A 1 45 ? -7.586  3.936   9.245   1.00 0.00 ? 45 GLY A C    1 
ATOM 664  O O    . GLY A 1 45 ? -7.472  2.723   9.079   1.00 0.00 ? 45 GLY A O    1 
ATOM 665  H H    . GLY A 1 45 ? -5.313  4.618   7.016   1.00 0.00 ? 45 GLY A H    1 
ATOM 666  H HA2  . GLY A 1 45 ? -5.966  5.293   9.613   1.00 0.00 ? 45 GLY A HA2  1 
ATOM 667  H HA3  . GLY A 1 45 ? -6.965  5.705   8.200   1.00 0.00 ? 45 GLY A HA3  1 
ATOM 668  N N    . ASN A 1 46 ? -8.640  4.490   9.849   1.00 0.00 ? 46 ASN A N    1 
ATOM 669  C CA   . ASN A 1 46 ? -9.735  3.688   10.358  1.00 0.00 ? 46 ASN A CA   1 
ATOM 670  C C    . ASN A 1 46 ? -10.491 3.049   9.201   1.00 0.00 ? 46 ASN A C    1 
ATOM 671  O O    . ASN A 1 46 ? -11.700 3.227   9.072   1.00 0.00 ? 46 ASN A O    1 
ATOM 672  C CB   . ASN A 1 46 ? -10.664 4.569   11.189  1.00 0.00 ? 46 ASN A CB   1 
ATOM 673  C CG   . ASN A 1 46 ? -11.883 3.785   11.655  1.00 0.00 ? 46 ASN A CG   1 
ATOM 674  O OD1  . ASN A 1 46 ? -11.909 2.560   11.557  1.00 0.00 ? 46 ASN A OD1  1 
ATOM 675  N ND2  . ASN A 1 46 ? -12.892 4.494   12.164  1.00 0.00 ? 46 ASN A ND2  1 
ATOM 676  H H    . ASN A 1 46 ? -8.686  5.492   9.961   1.00 0.00 ? 46 ASN A H    1 
ATOM 677  H HA   . ASN A 1 46 ? -9.332  2.901   10.994  1.00 0.00 ? 46 ASN A HA   1 
ATOM 678  H HB2  . ASN A 1 46 ? -10.122 4.940   12.058  1.00 0.00 ? 46 ASN A HB2  1 
ATOM 679  H HB3  . ASN A 1 46 ? -10.992 5.414   10.584  1.00 0.00 ? 46 ASN A HB3  1 
ATOM 680  H HD21 . ASN A 1 46 ? -12.822 5.500   12.225  1.00 0.00 ? 46 ASN A HD21 1 
ATOM 681  H HD22 . ASN A 1 46 ? -13.725 4.024   12.489  1.00 0.00 ? 46 ASN A HD22 1 
ATOM 682  N N    . ASN A 1 47 ? -9.774  2.301   8.359   1.00 0.00 ? 47 ASN A N    1 
ATOM 683  C CA   . ASN A 1 47 ? -10.381 1.639   7.221   1.00 0.00 ? 47 ASN A CA   1 
ATOM 684  C C    . ASN A 1 47 ? -9.594  0.384   6.872   1.00 0.00 ? 47 ASN A C    1 
ATOM 685  O O    . ASN A 1 47 ? -8.369  0.367   6.971   1.00 0.00 ? 47 ASN A O    1 
ATOM 686  C CB   . ASN A 1 47 ? -10.418 2.601   6.036   1.00 0.00 ? 47 ASN A CB   1 
ATOM 687  C CG   . ASN A 1 47 ? -9.155  3.449   5.985   1.00 0.00 ? 47 ASN A CG   1 
ATOM 688  O OD1  . ASN A 1 47 ? -9.174  4.618   6.364   1.00 0.00 ? 47 ASN A OD1  1 
ATOM 689  N ND2  . ASN A 1 47 ? -8.055  2.856   5.515   1.00 0.00 ? 47 ASN A ND2  1 
ATOM 690  H H    . ASN A 1 47 ? -8.782  2.186   8.509   1.00 0.00 ? 47 ASN A H    1 
ATOM 691  H HA   . ASN A 1 47 ? -11.401 1.356   7.478   1.00 0.00 ? 47 ASN A HA   1 
ATOM 692  H HB2  . ASN A 1 47 ? -10.505 2.029   5.114   1.00 0.00 ? 47 ASN A HB2  1 
ATOM 693  H HB3  . ASN A 1 47 ? -11.284 3.256   6.135   1.00 0.00 ? 47 ASN A HB3  1 
ATOM 694  H HD21 . ASN A 1 47 ? -8.091  1.892   5.217   1.00 0.00 ? 47 ASN A HD21 1 
ATOM 695  H HD22 . ASN A 1 47 ? -7.190  3.372   5.459   1.00 0.00 ? 47 ASN A HD22 1 
ATOM 696  N N    . VAL A 1 48 ? -10.303 -0.669  6.459   1.00 0.00 ? 48 VAL A N    1 
ATOM 697  C CA   . VAL A 1 48 ? -9.671  -1.922  6.095   1.00 0.00 ? 48 VAL A CA   1 
ATOM 698  C C    . VAL A 1 48 ? -9.349  -1.924  4.608   1.00 0.00 ? 48 VAL A C    1 
ATOM 699  O O    . VAL A 1 48 ? -10.240 -1.762  3.778   1.00 0.00 ? 48 VAL A O    1 
ATOM 700  C CB   . VAL A 1 48 ? -10.599 -3.080  6.449   1.00 0.00 ? 48 VAL A CB   1 
ATOM 701  C CG1  . VAL A 1 48 ? -9.852  -4.400  6.281   1.00 0.00 ? 48 VAL A CG1  1 
ATOM 702  C CG2  . VAL A 1 48 ? -11.059 -2.938  7.898   1.00 0.00 ? 48 VAL A CG2  1 
ATOM 703  H H    . VAL A 1 48 ? -11.308 -0.603  6.394   1.00 0.00 ? 48 VAL A H    1 
ATOM 704  H HA   . VAL A 1 48 ? -8.744  -2.027  6.658   1.00 0.00 ? 48 VAL A HA   1 
ATOM 705  H HB   . VAL A 1 48 ? -11.466 -3.066  5.790   1.00 0.00 ? 48 VAL A HB   1 
ATOM 706  H HG11 . VAL A 1 48 ? -10.560 -5.187  6.020   1.00 0.00 ? 48 VAL A HG11 1 
ATOM 707  H HG12 . VAL A 1 48 ? -9.112  -4.300  5.486   1.00 0.00 ? 48 VAL A HG12 1 
ATOM 708  H HG13 . VAL A 1 48 ? -9.351  -4.656  7.213   1.00 0.00 ? 48 VAL A HG13 1 
ATOM 709  H HG21 . VAL A 1 48 ? -10.627 -3.740  8.496   1.00 0.00 ? 48 VAL A HG21 1 
ATOM 710  H HG22 . VAL A 1 48 ? -10.733 -1.975  8.290   1.00 0.00 ? 48 VAL A HG22 1 
ATOM 711  H HG23 . VAL A 1 48 ? -12.146 -2.998  7.941   1.00 0.00 ? 48 VAL A HG23 1 
ATOM 712  N N    . VAL A 1 49 ? -8.070  -2.107  4.273   1.00 0.00 ? 49 VAL A N    1 
ATOM 713  C CA   . VAL A 1 49 ? -7.636  -2.129  2.890   1.00 0.00 ? 49 VAL A CA   1 
ATOM 714  C C    . VAL A 1 49 ? -6.663  -3.279  2.674   1.00 0.00 ? 49 VAL A C    1 
ATOM 715  O O    . VAL A 1 49 ? -5.826  -3.556  3.531   1.00 0.00 ? 49 VAL A O    1 
ATOM 716  C CB   . VAL A 1 49 ? -6.984  -0.795  2.541   1.00 0.00 ? 49 VAL A CB   1 
ATOM 717  C CG1  . VAL A 1 49 ? -6.284  -0.909  1.189   1.00 0.00 ? 49 VAL A CG1  1 
ATOM 718  C CG2  . VAL A 1 49 ? -8.054  0.291   2.470   1.00 0.00 ? 49 VAL A CG2  1 
ATOM 719  H H    . VAL A 1 49 ? -7.375  -2.234  4.995   1.00 0.00 ? 49 VAL A H    1 
ATOM 720  H HA   . VAL A 1 49 ? -8.505  -2.276  2.249   1.00 0.00 ? 49 VAL A HA   1 
ATOM 721  H HB   . VAL A 1 49 ? -6.254  -0.536  3.308   1.00 0.00 ? 49 VAL A HB   1 
ATOM 722  H HG11 . VAL A 1 49 ? -5.979  -1.942  1.024   1.00 0.00 ? 49 VAL A HG11 1 
ATOM 723  H HG12 . VAL A 1 49 ? -6.968  -0.600  0.399   1.00 0.00 ? 49 VAL A HG12 1 
ATOM 724  H HG13 . VAL A 1 49 ? -5.405  -0.264  1.180   1.00 0.00 ? 49 VAL A HG13 1 
ATOM 725  H HG21 . VAL A 1 49 ? -9.022  -0.166  2.265   1.00 0.00 ? 49 VAL A HG21 1 
ATOM 726  H HG22 . VAL A 1 49 ? -8.097  0.822   3.421   1.00 0.00 ? 49 VAL A HG22 1 
ATOM 727  H HG23 . VAL A 1 49 ? -7.807  0.993   1.673   1.00 0.00 ? 49 VAL A HG23 1 
ATOM 728  N N    . THR A 1 50 ? -6.772  -3.949  1.524   1.00 0.00 ? 50 THR A N    1 
ATOM 729  C CA   . THR A 1 50 ? -5.901  -5.062  1.207   1.00 0.00 ? 50 THR A CA   1 
ATOM 730  C C    . THR A 1 50 ? -4.788  -4.600  0.276   1.00 0.00 ? 50 THR A C    1 
ATOM 731  O O    . THR A 1 50 ? -5.046  -3.919  -0.714  1.00 0.00 ? 50 THR A O    1 
ATOM 732  C CB   . THR A 1 50 ? -6.717  -6.178  0.562   1.00 0.00 ? 50 THR A CB   1 
ATOM 733  O OG1  . THR A 1 50 ? -7.339  -6.947  1.567   1.00 0.00 ? 50 THR A OG1  1 
ATOM 734  C CG2  . THR A 1 50 ? -5.795  -7.071  -0.265  1.00 0.00 ? 50 THR A CG2  1 
ATOM 735  H H    . THR A 1 50 ? -7.477  -3.682  0.853   1.00 0.00 ? 50 THR A H    1 
ATOM 736  H HA   . THR A 1 50 ? -5.456  -5.437  2.129   1.00 0.00 ? 50 THR A HA   1 
ATOM 737  H HB   . THR A 1 50 ? -7.478  -5.743  -0.087  1.00 0.00 ? 50 THR A HB   1 
ATOM 738  H HG1  . THR A 1 50 ? -7.632  -6.356  2.264   1.00 0.00 ? 50 THR A HG1  1 
ATOM 739  H HG21 . THR A 1 50 ? -5.753  -6.702  -1.289  1.00 0.00 ? 50 THR A HG21 1 
ATOM 740  H HG22 . THR A 1 50 ? -4.794  -7.058  0.168   1.00 0.00 ? 50 THR A HG22 1 
ATOM 741  H HG23 . THR A 1 50 ? -6.178  -8.091  -0.261  1.00 0.00 ? 50 THR A HG23 1 
ATOM 742  N N    . LEU A 1 51 ? -3.547  -4.973  0.596   1.00 0.00 ? 51 LEU A N    1 
ATOM 743  C CA   . LEU A 1 51 ? -2.403  -4.598  -0.211  1.00 0.00 ? 51 LEU A CA   1 
ATOM 744  C C    . LEU A 1 51 ? -1.859  -5.820  -0.935  1.00 0.00 ? 51 LEU A C    1 
ATOM 745  O O    . LEU A 1 51 ? -1.545  -6.829  -0.307  1.00 0.00 ? 51 LEU A O    1 
ATOM 746  C CB   . LEU A 1 51 ? -1.333  -3.978  0.684   1.00 0.00 ? 51 LEU A CB   1 
ATOM 747  C CG   . LEU A 1 51 ? -1.690  -2.522  0.969   1.00 0.00 ? 51 LEU A CG   1 
ATOM 748  C CD1  . LEU A 1 51 ? -0.457  -1.788  1.489   1.00 0.00 ? 51 LEU A CD1  1 
ATOM 749  C CD2  . LEU A 1 51 ? -2.176  -1.857  -0.315  1.00 0.00 ? 51 LEU A CD2  1 
ATOM 750  H H    . LEU A 1 51 ? -3.389  -5.534  1.421   1.00 0.00 ? 51 LEU A H    1 
ATOM 751  H HA   . LEU A 1 51 ? -2.718  -3.860  -0.949  1.00 0.00 ? 51 LEU A HA   1 
ATOM 752  H HB2  . LEU A 1 51 ? -1.279  -4.530  1.622   1.00 0.00 ? 51 LEU A HB2  1 
ATOM 753  H HB3  . LEU A 1 51 ? -0.368  -4.023  0.179   1.00 0.00 ? 51 LEU A HB3  1 
ATOM 754  H HG   . LEU A 1 51 ? -2.479  -2.483  1.720   1.00 0.00 ? 51 LEU A HG   1 
ATOM 755  H HD11 . LEU A 1 51 ? -0.462  -1.797  2.579   1.00 0.00 ? 51 LEU A HD11 1 
ATOM 756  H HD12 . LEU A 1 51 ? 0.442   -2.287  1.126   1.00 0.00 ? 51 LEU A HD12 1 
ATOM 757  H HD13 . LEU A 1 51 ? -0.470  -0.759  1.132   1.00 0.00 ? 51 LEU A HD13 1 
ATOM 758  H HD21 . LEU A 1 51 ? -3.168  -2.231  -0.566  1.00 0.00 ? 51 LEU A HD21 1 
ATOM 759  H HD22 . LEU A 1 51 ? -2.220  -0.777  -0.170  1.00 0.00 ? 51 LEU A HD22 1 
ATOM 760  H HD23 . LEU A 1 51 ? -1.485  -2.086  -1.127  1.00 0.00 ? 51 LEU A HD23 1 
ATOM 761  N N    . GLN A 1 52 ? -1.746  -5.729  -2.263  1.00 0.00 ? 52 GLN A N    1 
ATOM 762  C CA   . GLN A 1 52 ? -1.242  -6.825  -3.065  1.00 0.00 ? 52 GLN A CA   1 
ATOM 763  C C    . GLN A 1 52 ? 0.132   -6.472  -3.616  1.00 0.00 ? 52 GLN A C    1 
ATOM 764  O O    . GLN A 1 52 ? 0.250   -5.622  -4.497  1.00 0.00 ? 52 GLN A O    1 
ATOM 765  C CB   . GLN A 1 52 ? -2.221  -7.116  -4.199  1.00 0.00 ? 52 GLN A CB   1 
ATOM 766  C CG   . GLN A 1 52 ? -3.348  -8.006  -3.682  1.00 0.00 ? 52 GLN A CG   1 
ATOM 767  C CD   . GLN A 1 52 ? -3.707  -9.075  -4.703  1.00 0.00 ? 52 GLN A CD   1 
ATOM 768  O OE1  . GLN A 1 52 ? -4.787  -9.038  -5.291  1.00 0.00 ? 52 GLN A OE1  1 
ATOM 769  N NE2  . GLN A 1 52 ? -2.799  -10.030 -4.914  1.00 0.00 ? 52 GLN A NE2  1 
ATOM 770  H H    . GLN A 1 52 ? -2.019  -4.876  -2.731  1.00 0.00 ? 52 GLN A H    1 
ATOM 771  H HA   . GLN A 1 52 ? -1.154  -7.711  -2.437  1.00 0.00 ? 52 GLN A HA   1 
ATOM 772  H HB2  . GLN A 1 52 ? -2.638  -6.179  -4.567  1.00 0.00 ? 52 GLN A HB2  1 
ATOM 773  H HB3  . GLN A 1 52 ? -1.698  -7.626  -5.007  1.00 0.00 ? 52 GLN A HB3  1 
ATOM 774  H HG2  . GLN A 1 52 ? -3.030  -8.487  -2.757  1.00 0.00 ? 52 GLN A HG2  1 
ATOM 775  H HG3  . GLN A 1 52 ? -4.226  -7.392  -3.482  1.00 0.00 ? 52 GLN A HG3  1 
ATOM 776  H HE21 . GLN A 1 52 ? -1.927  -10.018 -4.407  1.00 0.00 ? 52 GLN A HE21 1 
ATOM 777  H HE22 . GLN A 1 52 ? -2.987  -10.765 -5.582  1.00 0.00 ? 52 GLN A HE22 1 
ATOM 778  N N    . PHE A 1 53 ? 1.173   -7.127  -3.097  1.00 0.00 ? 53 PHE A N    1 
ATOM 779  C CA   . PHE A 1 53 ? 2.530   -6.880  -3.542  1.00 0.00 ? 53 PHE A CA   1 
ATOM 780  C C    . PHE A 1 53 ? 3.261   -8.200  -3.731  1.00 0.00 ? 53 PHE A C    1 
ATOM 781  O O    . PHE A 1 53 ? 2.906   -9.203  -3.114  1.00 0.00 ? 53 PHE A O    1 
ATOM 782  C CB   . PHE A 1 53 ? 3.248   -6.005  -2.516  1.00 0.00 ? 53 PHE A CB   1 
ATOM 783  C CG   . PHE A 1 53 ? 3.389   -6.658  -1.161  1.00 0.00 ? 53 PHE A CG   1 
ATOM 784  C CD1  . PHE A 1 53 ? 2.355   -6.556  -0.224  1.00 0.00 ? 53 PHE A CD1  1 
ATOM 785  C CD2  . PHE A 1 53 ? 4.556   -7.361  -0.843  1.00 0.00 ? 53 PHE A CD2  1 
ATOM 786  C CE1  . PHE A 1 53 ? 2.487   -7.159  1.033   1.00 0.00 ? 53 PHE A CE1  1 
ATOM 787  C CE2  . PHE A 1 53 ? 4.689   -7.965  0.413   1.00 0.00 ? 53 PHE A CE2  1 
ATOM 788  C CZ   . PHE A 1 53 ? 3.655   -7.864  1.351   1.00 0.00 ? 53 PHE A CZ   1 
ATOM 789  H H    . PHE A 1 53 ? 1.022   -7.817  -2.374  1.00 0.00 ? 53 PHE A H    1 
ATOM 790  H HA   . PHE A 1 53 ? 2.499   -6.352  -4.495  1.00 0.00 ? 53 PHE A HA   1 
ATOM 791  H HB2  . PHE A 1 53 ? 4.242   -5.770  -2.895  1.00 0.00 ? 53 PHE A HB2  1 
ATOM 792  H HB3  . PHE A 1 53 ? 2.689   -5.076  -2.398  1.00 0.00 ? 53 PHE A HB3  1 
ATOM 793  H HD1  . PHE A 1 53 ? 1.455   -6.013  -0.470  1.00 0.00 ? 53 PHE A HD1  1 
ATOM 794  H HD2  . PHE A 1 53 ? 5.355   -7.440  -1.567  1.00 0.00 ? 53 PHE A HD2  1 
ATOM 795  H HE1  . PHE A 1 53 ? 1.689   -7.081  1.756   1.00 0.00 ? 53 PHE A HE1  1 
ATOM 796  H HE2  . PHE A 1 53 ? 5.589   -8.508  0.659   1.00 0.00 ? 53 PHE A HE2  1 
ATOM 797  H HZ   . PHE A 1 53 ? 3.756   -8.329  2.320   1.00 0.00 ? 53 PHE A HZ   1 
ATOM 798  N N    . GLN A 1 54 ? 4.285   -8.200  -4.587  1.00 0.00 ? 54 GLN A N    1 
ATOM 799  C CA   . GLN A 1 54 ? 5.059   -9.396  -4.853  1.00 0.00 ? 54 GLN A CA   1 
ATOM 800  C C    . GLN A 1 54 ? 6.366   -9.350  -4.073  1.00 0.00 ? 54 GLN A C    1 
ATOM 801  O O    . GLN A 1 54 ? 7.238   -8.537  -4.368  1.00 0.00 ? 54 GLN A O    1 
ATOM 802  C CB   . GLN A 1 54 ? 5.327   -9.504  -6.352  1.00 0.00 ? 54 GLN A CB   1 
ATOM 803  C CG   . GLN A 1 54 ? 5.520   -10.970 -6.731  1.00 0.00 ? 54 GLN A CG   1 
ATOM 804  C CD   . GLN A 1 54 ? 5.452   -11.154 -8.240  1.00 0.00 ? 54 GLN A CD   1 
ATOM 805  O OE1  . GLN A 1 54 ? 4.366   -11.257 -8.806  1.00 0.00 ? 54 GLN A OE1  1 
ATOM 806  N NE2  . GLN A 1 54 ? 6.618   -11.194 -8.891  1.00 0.00 ? 54 GLN A NE2  1 
ATOM 807  H H    . GLN A 1 54 ? 4.536   -7.349  -5.069  1.00 0.00 ? 54 GLN A H    1 
ATOM 808  H HA   . GLN A 1 54 ? 4.486   -10.267 -4.533  1.00 0.00 ? 54 GLN A HA   1 
ATOM 809  H HB2  . GLN A 1 54 ? 4.479   -9.095  -6.902  1.00 0.00 ? 54 GLN A HB2  1 
ATOM 810  H HB3  . GLN A 1 54 ? 6.226   -8.943  -6.601  1.00 0.00 ? 54 GLN A HB3  1 
ATOM 811  H HG2  . GLN A 1 54 ? 6.493   -11.307 -6.372  1.00 0.00 ? 54 GLN A HG2  1 
ATOM 812  H HG3  . GLN A 1 54 ? 4.739   -11.567 -6.261  1.00 0.00 ? 54 GLN A HG3  1 
ATOM 813  H HE21 . GLN A 1 54 ? 7.484   -11.105 -8.379  1.00 0.00 ? 54 GLN A HE21 1 
ATOM 814  H HE22 . GLN A 1 54 ? 6.630   -11.316 -9.894  1.00 0.00 ? 54 GLN A HE22 1 
ATOM 815  N N    . ARG A 1 55 ? 6.498   -10.229 -3.077  1.00 0.00 ? 55 ARG A N    1 
ATOM 816  C CA   . ARG A 1 55 ? 7.694   -10.285 -2.261  1.00 0.00 ? 55 ARG A CA   1 
ATOM 817  C C    . ARG A 1 55 ? 8.925   -10.344 -3.155  1.00 0.00 ? 55 ARG A C    1 
ATOM 818  O O    . ARG A 1 55 ? 9.687   -9.382  -3.230  1.00 0.00 ? 55 ARG A O    1 
ATOM 819  C CB   . ARG A 1 55 ? 7.630   -11.506 -1.349  1.00 0.00 ? 55 ARG A CB   1 
ATOM 820  C CG   . ARG A 1 55 ? 8.149   -11.133 0.037   1.00 0.00 ? 55 ARG A CG   1 
ATOM 821  C CD   . ARG A 1 55 ? 7.994   -12.325 0.977   1.00 0.00 ? 55 ARG A CD   1 
ATOM 822  N NE   . ARG A 1 55 ? 7.311   -11.936 2.211   1.00 0.00 ? 55 ARG A NE   1 
ATOM 823  C CZ   . ARG A 1 55 ? 7.437   -12.619 3.357   1.00 0.00 ? 55 ARG A CZ   1 
ATOM 824  N NH1  . ARG A 1 55 ? 8.215   -13.709 3.405   1.00 0.00 ? 55 ARG A NH1  1 
ATOM 825  N NH2  . ARG A 1 55 ? 6.785   -12.212 4.455   1.00 0.00 ? 55 ARG A NH2  1 
ATOM 826  H H    . ARG A 1 55 ? 5.750   -10.877 -2.877  1.00 0.00 ? 55 ARG A H    1 
ATOM 827  H HA   . ARG A 1 55 ? 7.747   -9.386  -1.647  1.00 0.00 ? 55 ARG A HA   1 
ATOM 828  H HB2  . ARG A 1 55 ? 6.598   -11.847 -1.270  1.00 0.00 ? 55 ARG A HB2  1 
ATOM 829  H HB3  . ARG A 1 55 ? 8.247   -12.303 -1.765  1.00 0.00 ? 55 ARG A HB3  1 
ATOM 830  H HG2  . ARG A 1 55 ? 9.203   -10.860 -0.031  1.00 0.00 ? 55 ARG A HG2  1 
ATOM 831  H HG3  . ARG A 1 55 ? 7.579   -10.289 0.424   1.00 0.00 ? 55 ARG A HG3  1 
ATOM 832  H HD2  . ARG A 1 55 ? 7.413   -13.101 0.477   1.00 0.00 ? 55 ARG A HD2  1 
ATOM 833  H HD3  . ARG A 1 55 ? 8.979   -12.719 1.223   1.00 0.00 ? 55 ARG A HD3  1 
ATOM 834  H HE   . ARG A 1 55 ? 6.723   -11.115 2.184   1.00 0.00 ? 55 ARG A HE   1 
ATOM 835  H HH11 . ARG A 1 55 ? 8.706   -14.015 2.577   1.00 0.00 ? 55 ARG A HH11 1 
ATOM 836  H HH12 . ARG A 1 55 ? 8.310   -14.224 4.269   1.00 0.00 ? 55 ARG A HH12 1 
ATOM 837  H HH21 . ARG A 1 55 ? 6.198   -11.391 4.418   1.00 0.00 ? 55 ARG A HH21 1 
ATOM 838  H HH22 . ARG A 1 55 ? 6.879   -12.727 5.318   1.00 0.00 ? 55 ARG A HH22 1 
ATOM 839  N N    . ASN A 1 56 ? 9.120   -11.477 -3.834  1.00 0.00 ? 56 ASN A N    1 
ATOM 840  C CA   . ASN A 1 56 ? 10.255  -11.652 -4.717  1.00 0.00 ? 56 ASN A CA   1 
ATOM 841  C C    . ASN A 1 56 ? 9.839   -11.383 -6.156  1.00 0.00 ? 56 ASN A C    1 
ATOM 842  O O    . ASN A 1 56 ? 8.723   -11.711 -6.555  1.00 0.00 ? 56 ASN A O    1 
ATOM 843  C CB   . ASN A 1 56 ? 10.798  -13.070 -4.569  1.00 0.00 ? 56 ASN A CB   1 
ATOM 844  C CG   . ASN A 1 56 ? 11.468  -13.256 -3.214  1.00 0.00 ? 56 ASN A CG   1 
ATOM 845  O OD1  . ASN A 1 56 ? 10.993  -12.734 -2.208  1.00 0.00 ? 56 ASN A OD1  1 
ATOM 846  N ND2  . ASN A 1 56 ? 12.574  -14.003 -3.191  1.00 0.00 ? 56 ASN A ND2  1 
ATOM 847  H H    . ASN A 1 56 ? 8.463   -12.239 -3.738  1.00 0.00 ? 56 ASN A H    1 
ATOM 848  H HA   . ASN A 1 56 ? 11.034  -10.944 -4.438  1.00 0.00 ? 56 ASN A HA   1 
ATOM 849  H HB2  . ASN A 1 56 ? 9.976   -13.780 -4.663  1.00 0.00 ? 56 ASN A HB2  1 
ATOM 850  H HB3  . ASN A 1 56 ? 11.527  -13.259 -5.356  1.00 0.00 ? 56 ASN A HB3  1 
ATOM 851  H HD21 . ASN A 1 56 ? 12.924  -14.413 -4.046  1.00 0.00 ? 56 ASN A HD21 1 
ATOM 852  H HD22 . ASN A 1 56 ? 13.058  -14.160 -2.318  1.00 0.00 ? 56 ASN A HD22 1 
ATOM 853  N N    . LEU A 1 57 ? 10.741  -10.783 -6.937  1.00 0.00 ? 57 LEU A N    1 
ATOM 854  C CA   . LEU A 1 57 ? 10.466  -10.473 -8.326  1.00 0.00 ? 57 LEU A CA   1 
ATOM 855  C C    . LEU A 1 57 ? 10.755  -11.690 -9.194  1.00 0.00 ? 57 LEU A C    1 
ATOM 856  O O    . LEU A 1 57 ? 9.914   -12.102 -9.988  1.00 0.00 ? 57 LEU A O    1 
ATOM 857  C CB   . LEU A 1 57 ? 11.318  -9.284  -8.760  1.00 0.00 ? 57 LEU A CB   1 
ATOM 858  C CG   . LEU A 1 57 ? 11.331  -9.197  -10.284 1.00 0.00 ? 57 LEU A CG   1 
ATOM 859  C CD1  . LEU A 1 57 ? 9.933   -8.843  -10.785 1.00 0.00 ? 57 LEU A CD1  1 
ATOM 860  C CD2  . LEU A 1 57 ? 12.318  -8.119  -10.723 1.00 0.00 ? 57 LEU A CD2  1 
ATOM 861  H H    . LEU A 1 57 ? 11.644  -10.534 -6.559  1.00 0.00 ? 57 LEU A H    1 
ATOM 862  H HA   . LEU A 1 57 ? 9.412   -10.210 -8.428  1.00 0.00 ? 57 LEU A HA   1 
ATOM 863  H HB2  . LEU A 1 57 ? 10.899  -8.367  -8.347  1.00 0.00 ? 57 LEU A HB2  1 
ATOM 864  H HB3  . LEU A 1 57 ? 12.336  -9.415  -8.395  1.00 0.00 ? 57 LEU A HB3  1 
ATOM 865  H HG   . LEU A 1 57 ? 11.633  -10.158 -10.699 1.00 0.00 ? 57 LEU A HG   1 
ATOM 866  H HD11 . LEU A 1 57 ? 9.188   -9.289  -10.127 1.00 0.00 ? 57 LEU A HD11 1 
ATOM 867  H HD12 . LEU A 1 57 ? 9.813   -7.760  -10.790 1.00 0.00 ? 57 LEU A HD12 1 
ATOM 868  H HD13 . LEU A 1 57 ? 9.802   -9.229  -11.796 1.00 0.00 ? 57 LEU A HD13 1 
ATOM 869  H HD21 . LEU A 1 57 ? 12.361  -7.336  -9.965  1.00 0.00 ? 57 LEU A HD21 1 
ATOM 870  H HD22 . LEU A 1 57 ? 13.307  -8.561  -10.845 1.00 0.00 ? 57 LEU A HD22 1 
ATOM 871  H HD23 . LEU A 1 57 ? 11.989  -7.691  -11.670 1.00 0.00 ? 57 LEU A HD23 1 
ATOM 872  N N    . SER A 1 58 ? 11.950  -12.263 -9.040  1.00 0.00 ? 58 SER A N    1 
ATOM 873  C CA   . SER A 1 58 ? 12.343  -13.427 -9.808  1.00 0.00 ? 58 SER A CA   1 
ATOM 874  C C    . SER A 1 58 ? 11.259  -14.492 -9.723  1.00 0.00 ? 58 SER A C    1 
ATOM 875  O O    . SER A 1 58 ? 10.880  -15.078 -10.735 1.00 0.00 ? 58 SER A O    1 
ATOM 876  C CB   . SER A 1 58 ? 13.670  -13.963 -9.276  1.00 0.00 ? 58 SER A CB   1 
ATOM 877  O OG   . SER A 1 58 ? 14.352  -14.636 -10.310 1.00 0.00 ? 58 SER A OG   1 
ATOM 878  H H    . SER A 1 58 ? 12.607  -11.884 -8.373  1.00 0.00 ? 58 SER A H    1 
ATOM 879  H HA   . SER A 1 58 ? 12.472  -13.136 -10.851 1.00 0.00 ? 58 SER A HA   1 
ATOM 880  H HB2  . SER A 1 58 ? 14.279  -13.133 -8.918  1.00 0.00 ? 58 SER A HB2  1 
ATOM 881  H HB3  . SER A 1 58 ? 13.480  -14.654 -8.456  1.00 0.00 ? 58 SER A HB3  1 
ATOM 882  H HG   . SER A 1 58 ? 14.623  -15.499 -9.986  1.00 0.00 ? 58 SER A HG   1 
ATOM 883  N N    . ASP A 1 59 ? 10.759  -14.741 -8.511  1.00 0.00 ? 59 ASP A N    1 
ATOM 884  C CA   . ASP A 1 59 ? 9.722   -15.732 -8.301  1.00 0.00 ? 59 ASP A CA   1 
ATOM 885  C C    . ASP A 1 59 ? 8.384   -15.040 -8.088  1.00 0.00 ? 59 ASP A C    1 
ATOM 886  O O    . ASP A 1 59 ? 8.323   -13.975 -7.477  1.00 0.00 ? 59 ASP A O    1 
ATOM 887  C CB   . ASP A 1 59 ? 10.082  -16.595 -7.094  1.00 0.00 ? 59 ASP A CB   1 
ATOM 888  C CG   . ASP A 1 59 ? 9.091   -17.739 -6.929  1.00 0.00 ? 59 ASP A CG   1 
ATOM 889  O OD1  . ASP A 1 59 ? 8.035   -17.489 -6.309  1.00 0.00 ? 59 ASP A OD1  1 
ATOM 890  O OD2  . ASP A 1 59 ? 9.409   -18.841 -7.426  1.00 0.00 ? 59 ASP A OD2  1 
ATOM 891  H H    . ASP A 1 59 ? 11.105  -14.231 -7.711  1.00 0.00 ? 59 ASP A H    1 
ATOM 892  H HA   . ASP A 1 59 ? 9.656   -16.368 -9.183  1.00 0.00 ? 59 ASP A HA   1 
ATOM 893  H HB2  . ASP A 1 59 ? 11.082  -17.005 -7.233  1.00 0.00 ? 59 ASP A HB2  1 
ATOM 894  H HB3  . ASP A 1 59 ? 10.069  -15.978 -6.196  1.00 0.00 ? 59 ASP A HB3  1 
ATOM 895  N N    . PRO A 1 60 ? 7.308   -15.646 -8.596  1.00 0.00 ? 60 PRO A N    1 
ATOM 896  C CA   . PRO A 1 60 ? 5.958   -15.137 -8.491  1.00 0.00 ? 60 PRO A CA   1 
ATOM 897  C C    . PRO A 1 60 ? 5.462   -15.298 -7.062  1.00 0.00 ? 60 PRO A C    1 
ATOM 898  O O    . PRO A 1 60 ? 4.342   -15.755 -6.839  1.00 0.00 ? 60 PRO A O    1 
ATOM 899  C CB   . PRO A 1 60 ? 5.140   -15.993 -9.455  1.00 0.00 ? 60 PRO A CB   1 
ATOM 900  C CG   . PRO A 1 60 ? 5.882   -17.329 -9.434  1.00 0.00 ? 60 PRO A CG   1 
ATOM 901  C CD   . PRO A 1 60 ? 7.343   -16.898 -9.322  1.00 0.00 ? 60 PRO A CD   1 
ATOM 902  H HA   . PRO A 1 60 ? 5.912   -14.087 -8.782  1.00 0.00 ? 60 PRO A HA   1 
ATOM 903  H HB2  . PRO A 1 60 ? 4.100   -16.091 -9.141  1.00 0.00 ? 60 PRO A HB2  1 
ATOM 904  H HB3  . PRO A 1 60 ? 5.203   -15.566 -10.456 1.00 0.00 ? 60 PRO A HB3  1 
ATOM 905  H HG2  . PRO A 1 60 ? 5.600   -17.880 -8.537  1.00 0.00 ? 60 PRO A HG2  1 
ATOM 906  H HG3  . PRO A 1 60 ? 5.693   -17.923 -10.328 1.00 0.00 ? 60 PRO A HG3  1 
ATOM 907  H HD2  . PRO A 1 60 ? 7.930   -17.650 -8.795  1.00 0.00 ? 60 PRO A HD2  1 
ATOM 908  H HD3  . PRO A 1 60 ? 7.755   -16.723 -10.315 1.00 0.00 ? 60 PRO A HD3  1 
ATOM 909  N N    . ARG A 1 61 ? 6.299   -14.924 -6.091  1.00 0.00 ? 61 ARG A N    1 
ATOM 910  C CA   . ARG A 1 61 ? 5.944   -15.031 -4.690  1.00 0.00 ? 61 ARG A CA   1 
ATOM 911  C C    . ARG A 1 61 ? 4.955   -13.934 -4.323  1.00 0.00 ? 61 ARG A C    1 
ATOM 912  O O    . ARG A 1 61 ? 5.352   -12.876 -3.839  1.00 0.00 ? 61 ARG A O    1 
ATOM 913  C CB   . ARG A 1 61 ? 7.204   -14.930 -3.838  1.00 0.00 ? 61 ARG A CB   1 
ATOM 914  C CG   . ARG A 1 61 ? 7.392   -16.224 -3.051  1.00 0.00 ? 61 ARG A CG   1 
ATOM 915  C CD   . ARG A 1 61 ? 7.902   -15.900 -1.650  1.00 0.00 ? 61 ARG A CD   1 
ATOM 916  N NE   . ARG A 1 61 ? 8.145   -17.121 -0.883  1.00 0.00 ? 61 ARG A NE   1 
ATOM 917  C CZ   . ARG A 1 61 ? 8.835   -17.132 0.266   1.00 0.00 ? 61 ARG A CZ   1 
ATOM 918  N NH1  . ARG A 1 61 ? 9.334   -15.990 0.759   1.00 0.00 ? 61 ARG A NH1  1 
ATOM 919  N NH2  . ARG A 1 61 ? 9.024   -18.284 0.923   1.00 0.00 ? 61 ARG A NH2  1 
ATOM 920  H H    . ARG A 1 61 ? 7.208   -14.555 -6.329  1.00 0.00 ? 61 ARG A H    1 
ATOM 921  H HA   . ARG A 1 61 ? 5.476   -16.001 -4.517  1.00 0.00 ? 61 ARG A HA   1 
ATOM 922  H HB2  . ARG A 1 61 ? 8.068   -14.768 -4.483  1.00 0.00 ? 61 ARG A HB2  1 
ATOM 923  H HB3  . ARG A 1 61 ? 7.108   -14.095 -3.144  1.00 0.00 ? 61 ARG A HB3  1 
ATOM 924  H HG2  . ARG A 1 61 ? 6.439   -16.747 -2.979  1.00 0.00 ? 61 ARG A HG2  1 
ATOM 925  H HG3  . ARG A 1 61 ? 8.117   -16.859 -3.563  1.00 0.00 ? 61 ARG A HG3  1 
ATOM 926  H HD2  . ARG A 1 61 ? 8.832   -15.336 -1.730  1.00 0.00 ? 61 ARG A HD2  1 
ATOM 927  H HD3  . ARG A 1 61 ? 7.160   -15.293 -1.132  1.00 0.00 ? 61 ARG A HD3  1 
ATOM 928  H HE   . ARG A 1 61 ? 7.772   -17.987 -1.245  1.00 0.00 ? 61 ARG A HE   1 
ATOM 929  H HH11 . ARG A 1 61 ? 9.190   -15.121 0.263   1.00 0.00 ? 61 ARG A HH11 1 
ATOM 930  H HH12 . ARG A 1 61 ? 9.854   -15.998 1.624   1.00 0.00 ? 61 ARG A HH12 1 
ATOM 931  H HH21 . ARG A 1 61 ? 8.648   -19.145 0.551   1.00 0.00 ? 61 ARG A HH21 1 
ATOM 932  H HH22 . ARG A 1 61 ? 9.545   -18.292 1.788   1.00 0.00 ? 61 ARG A HH22 1 
ATOM 933  N N    . LEU A 1 62 ? 3.665   -14.188 -4.555  1.00 0.00 ? 62 LEU A N    1 
ATOM 934  C CA   . LEU A 1 62 ? 2.628   -13.222 -4.249  1.00 0.00 ? 62 LEU A CA   1 
ATOM 935  C C    . LEU A 1 62 ? 2.355   -13.216 -2.751  1.00 0.00 ? 62 LEU A C    1 
ATOM 936  O O    . LEU A 1 62 ? 2.296   -14.272 -2.125  1.00 0.00 ? 62 LEU A O    1 
ATOM 937  C CB   . LEU A 1 62 ? 1.363   -13.571 -5.027  1.00 0.00 ? 62 LEU A CB   1 
ATOM 938  C CG   . LEU A 1 62 ? 1.017   -12.424 -5.973  1.00 0.00 ? 62 LEU A CG   1 
ATOM 939  C CD1  . LEU A 1 62 ? 0.242   -11.352 -5.210  1.00 0.00 ? 62 LEU A CD1  1 
ATOM 940  C CD2  . LEU A 1 62 ? 2.301   -11.821 -6.534  1.00 0.00 ? 62 LEU A CD2  1 
ATOM 941  H H    . LEU A 1 62 ? 3.392   -15.074 -4.956  1.00 0.00 ? 62 LEU A H    1 
ATOM 942  H HA   . LEU A 1 62 ? 2.968   -12.231 -4.550  1.00 0.00 ? 62 LEU A HA   1 
ATOM 943  H HB2  . LEU A 1 62 ? 1.531   -14.480 -5.605  1.00 0.00 ? 62 LEU A HB2  1 
ATOM 944  H HB3  . LEU A 1 62 ? 0.540   -13.729 -4.331  1.00 0.00 ? 62 LEU A HB3  1 
ATOM 945  H HG   . LEU A 1 62 ? 0.403   -12.800 -6.791  1.00 0.00 ? 62 LEU A HG   1 
ATOM 946  H HD11 . LEU A 1 62 ? -0.389  -10.797 -5.904  1.00 0.00 ? 62 LEU A HD11 1 
ATOM 947  H HD12 . LEU A 1 62 ? -0.381  -11.826 -4.451  1.00 0.00 ? 62 LEU A HD12 1 
ATOM 948  H HD13 . LEU A 1 62 ? 0.943   -10.670 -4.730  1.00 0.00 ? 62 LEU A HD13 1 
ATOM 949  H HD21 . LEU A 1 62 ? 2.122   -11.466 -7.550  1.00 0.00 ? 62 LEU A HD21 1 
ATOM 950  H HD22 . LEU A 1 62 ? 2.615   -10.987 -5.908  1.00 0.00 ? 62 LEU A HD22 1 
ATOM 951  H HD23 . LEU A 1 62 ? 3.083   -12.580 -6.547  1.00 0.00 ? 62 LEU A HD23 1 
ATOM 952  N N    . GLU A 1 63 ? 2.188   -12.022 -2.178  1.00 0.00 ? 63 GLU A N    1 
ATOM 953  C CA   . GLU A 1 63 ? 1.921   -11.889 -0.759  1.00 0.00 ? 63 GLU A CA   1 
ATOM 954  C C    . GLU A 1 63 ? 0.803   -10.882 -0.535  1.00 0.00 ? 63 GLU A C    1 
ATOM 955  O O    . GLU A 1 63 ? 0.783   -9.822  -1.157  1.00 0.00 ? 63 GLU A O    1 
ATOM 956  C CB   . GLU A 1 63 ? 3.195   -11.451 -0.042  1.00 0.00 ? 63 GLU A CB   1 
ATOM 957  C CG   . GLU A 1 63 ? 4.287   -12.493 -0.266  1.00 0.00 ? 63 GLU A CG   1 
ATOM 958  C CD   . GLU A 1 63 ? 3.866   -13.849 0.281   1.00 0.00 ? 63 GLU A CD   1 
ATOM 959  O OE1  . GLU A 1 63 ? 2.933   -13.860 1.112   1.00 0.00 ? 63 GLU A OE1  1 
ATOM 960  O OE2  . GLU A 1 63 ? 4.487   -14.849 -0.140  1.00 0.00 ? 63 GLU A OE2  1 
ATOM 961  H H    . GLU A 1 63 ? 2.246   -11.183 -2.737  1.00 0.00 ? 63 GLU A H    1 
ATOM 962  H HA   . GLU A 1 63 ? 1.609   -12.857 -0.366  1.00 0.00 ? 63 GLU A HA   1 
ATOM 963  H HB2  . GLU A 1 63 ? 3.522   -10.490 -0.438  1.00 0.00 ? 63 GLU A HB2  1 
ATOM 964  H HB3  . GLU A 1 63 ? 2.997   -11.357 1.026   1.00 0.00 ? 63 GLU A HB3  1 
ATOM 965  H HG2  . GLU A 1 63 ? 4.482   -12.584 -1.335  1.00 0.00 ? 63 GLU A HG2  1 
ATOM 966  H HG3  . GLU A 1 63 ? 5.199   -12.170 0.238   1.00 0.00 ? 63 GLU A HG3  1 
ATOM 967  N N    . THR A 1 64 ? -0.131  -11.213 0.361   1.00 0.00 ? 64 THR A N    1 
ATOM 968  C CA   . THR A 1 64 ? -1.244  -10.335 0.662   1.00 0.00 ? 64 THR A CA   1 
ATOM 969  C C    . THR A 1 64 ? -1.204  -9.933  2.129   1.00 0.00 ? 64 THR A C    1 
ATOM 970  O O    . THR A 1 64 ? -0.875  -10.745 2.990   1.00 0.00 ? 64 THR A O    1 
ATOM 971  C CB   . THR A 1 64 ? -2.554  -11.044 0.331   1.00 0.00 ? 64 THR A CB   1 
ATOM 972  O OG1  . THR A 1 64 ? -2.463  -12.400 0.707   1.00 0.00 ? 64 THR A OG1  1 
ATOM 973  C CG2  . THR A 1 64 ? -2.818  -10.950 -1.169  1.00 0.00 ? 64 THR A CG2  1 
ATOM 974  H H    . THR A 1 64 ? -0.070  -12.097 0.846   1.00 0.00 ? 64 THR A H    1 
ATOM 975  H HA   . THR A 1 64 ? -1.162  -9.438  0.047   1.00 0.00 ? 64 THR A HA   1 
ATOM 976  H HB   . THR A 1 64 ? -3.370  -10.569 0.875   1.00 0.00 ? 64 THR A HB   1 
ATOM 977  H HG1  . THR A 1 64 ? -3.215  -12.868 0.340   1.00 0.00 ? 64 THR A HG1  1 
ATOM 978  H HG21 . THR A 1 64 ? -3.591  -10.204 -1.355  1.00 0.00 ? 64 THR A HG21 1 
ATOM 979  H HG22 . THR A 1 64 ? -1.902  -10.659 -1.683  1.00 0.00 ? 64 THR A HG22 1 
ATOM 980  H HG23 . THR A 1 64 ? -3.151  -11.918 -1.541  1.00 0.00 ? 64 THR A HG23 1 
ATOM 981  N N    . ILE A 1 65 ? -1.542  -8.672  2.412   1.00 0.00 ? 65 ILE A N    1 
ATOM 982  C CA   . ILE A 1 65 ? -1.547  -8.166  3.770   1.00 0.00 ? 65 ILE A CA   1 
ATOM 983  C C    . ILE A 1 65 ? -2.781  -7.305  3.994   1.00 0.00 ? 65 ILE A C    1 
ATOM 984  O O    . ILE A 1 65 ? -3.078  -6.420  3.194   1.00 0.00 ? 65 ILE A O    1 
ATOM 985  C CB   . ILE A 1 65 ? -0.273  -7.362  4.016   1.00 0.00 ? 65 ILE A CB   1 
ATOM 986  C CG1  . ILE A 1 65 ? -0.046  -7.216  5.518   1.00 0.00 ? 65 ILE A CG1  1 
ATOM 987  C CG2  . ILE A 1 65 ? -0.415  -5.978  3.386   1.00 0.00 ? 65 ILE A CG2  1 
ATOM 988  C CD1  . ILE A 1 65 ? 1.201   -6.372  5.764   1.00 0.00 ? 65 ILE A CD1  1 
ATOM 989  H H    . ILE A 1 65 ? -1.804  -8.044  1.665   1.00 0.00 ? 65 ILE A H    1 
ATOM 990  H HA   . ILE A 1 65 ? -1.572  -9.008  4.461   1.00 0.00 ? 65 ILE A HA   1 
ATOM 991  H HB   . ILE A 1 65 ? 0.575   -7.879  3.568   1.00 0.00 ? 65 ILE A HB   1 
ATOM 992  H HG12 . ILE A 1 65 ? -0.909  -6.728  5.971   1.00 0.00 ? 65 ILE A HG12 1 
ATOM 993  H HG13 . ILE A 1 65 ? 0.090   -8.202  5.963   1.00 0.00 ? 65 ILE A HG13 1 
ATOM 994  H HG21 . ILE A 1 65 ? -1.250  -5.983  2.686   1.00 0.00 ? 65 ILE A HG21 1 
ATOM 995  H HG22 . ILE A 1 65 ? -0.601  -5.242  4.168   1.00 0.00 ? 65 ILE A HG22 1 
ATOM 996  H HG23 . ILE A 1 65 ? 0.502   -5.724  2.857   1.00 0.00 ? 65 ILE A HG23 1 
ATOM 997  H HD11 . ILE A 1 65 ? 1.482   -5.861  4.843   1.00 0.00 ? 65 ILE A HD11 1 
ATOM 998  H HD12 . ILE A 1 65 ? 0.994   -5.634  6.540   1.00 0.00 ? 65 ILE A HD12 1 
ATOM 999  H HD13 . ILE A 1 65 ? 2.020   -7.017  6.085   1.00 0.00 ? 65 ILE A HD13 1 
ATOM 1000 N N    . THR A 1 66 ? -3.504  -7.564  5.086   1.00 0.00 ? 66 THR A N    1 
ATOM 1001 C CA   . THR A 1 66 ? -4.699  -6.811  5.406   1.00 0.00 ? 66 THR A CA   1 
ATOM 1002 C C    . THR A 1 66 ? -4.397  -5.800  6.503   1.00 0.00 ? 66 THR A C    1 
ATOM 1003 O O    . THR A 1 66 ? -3.947  -6.170  7.585   1.00 0.00 ? 66 THR A O    1 
ATOM 1004 C CB   . THR A 1 66 ? -5.802  -7.770  5.843   1.00 0.00 ? 66 THR A CB   1 
ATOM 1005 O OG1  . THR A 1 66 ? -6.188  -8.571  4.748   1.00 0.00 ? 66 THR A OG1  1 
ATOM 1006 C CG2  . THR A 1 66 ? -7.005  -6.972  6.338   1.00 0.00 ? 66 THR A CG2  1 
ATOM 1007 H H    . THR A 1 66 ? -3.218  -8.302  5.714   1.00 0.00 ? 66 THR A H    1 
ATOM 1008 H HA   . THR A 1 66 ? -5.028  -6.277  4.514   1.00 0.00 ? 66 THR A HA   1 
ATOM 1009 H HB   . THR A 1 66 ? -5.433  -8.406  6.646   1.00 0.00 ? 66 THR A HB   1 
ATOM 1010 H HG1  . THR A 1 66 ? -5.749  -9.422  4.823   1.00 0.00 ? 66 THR A HG1  1 
ATOM 1011 H HG21 . THR A 1 66 ? -7.439  -7.469  7.205   1.00 0.00 ? 66 THR A HG21 1 
ATOM 1012 H HG22 . THR A 1 66 ? -6.684  -5.969  6.619   1.00 0.00 ? 66 THR A HG22 1 
ATOM 1013 H HG23 . THR A 1 66 ? -7.748  -6.906  5.545   1.00 0.00 ? 66 THR A HG23 1 
ATOM 1014 N N    . LEU A 1 67 ? -4.649  -4.520  6.222   1.00 0.00 ? 67 LEU A N    1 
ATOM 1015 C CA   . LEU A 1 67 ? -4.404  -3.463  7.183   1.00 0.00 ? 67 LEU A CA   1 
ATOM 1016 C C    . LEU A 1 67 ? -5.693  -3.128  7.921   1.00 0.00 ? 67 LEU A C    1 
ATOM 1017 O O    . LEU A 1 67 ? -6.706  -2.820  7.297   1.00 0.00 ? 67 LEU A O    1 
ATOM 1018 C CB   . LEU A 1 67 ? -3.861  -2.234  6.460   1.00 0.00 ? 67 LEU A CB   1 
ATOM 1019 C CG   . LEU A 1 67 ? -2.831  -2.669  5.421   1.00 0.00 ? 67 LEU A CG   1 
ATOM 1020 C CD1  . LEU A 1 67 ? -2.578  -1.524  4.445   1.00 0.00 ? 67 LEU A CD1  1 
ATOM 1021 C CD2  . LEU A 1 67 ? -1.527  -3.038  6.122   1.00 0.00 ? 67 LEU A CD2  1 
ATOM 1022 H H    . LEU A 1 67 ? -5.020  -4.268  5.316   1.00 0.00 ? 67 LEU A H    1 
ATOM 1023 H HA   . LEU A 1 67 ? -3.662  -3.806  7.904   1.00 0.00 ? 67 LEU A HA   1 
ATOM 1024 H HB2  . LEU A 1 67 ? -4.680  -1.713  5.964   1.00 0.00 ? 67 LEU A HB2  1 
ATOM 1025 H HB3  . LEU A 1 67 ? -3.389  -1.567  7.182   1.00 0.00 ? 67 LEU A HB3  1 
ATOM 1026 H HG   . LEU A 1 67 ? -3.208  -3.534  4.876   1.00 0.00 ? 67 LEU A HG   1 
ATOM 1027 H HD11 . LEU A 1 67 ? -2.241  -1.929  3.489   1.00 0.00 ? 67 LEU A HD11 1 
ATOM 1028 H HD12 . LEU A 1 67 ? -3.500  -0.963  4.296   1.00 0.00 ? 67 LEU A HD12 1 
ATOM 1029 H HD13 . LEU A 1 67 ? -1.811  -0.864  4.849   1.00 0.00 ? 67 LEU A HD13 1 
ATOM 1030 H HD21 . LEU A 1 67 ? -1.271  -2.265  6.846   1.00 0.00 ? 67 LEU A HD21 1 
ATOM 1031 H HD22 . LEU A 1 67 ? -1.647  -3.991  6.637   1.00 0.00 ? 67 LEU A HD22 1 
ATOM 1032 H HD23 . LEU A 1 67 ? -0.729  -3.122  5.384   1.00 0.00 ? 67 LEU A HD23 1 
ATOM 1033 N N    . GLN A 1 68 ? -5.652  -3.189  9.254   1.00 0.00 ? 68 GLN A N    1 
ATOM 1034 C CA   . GLN A 1 68 ? -6.813  -2.893  10.068  1.00 0.00 ? 68 GLN A CA   1 
ATOM 1035 C C    . GLN A 1 68 ? -6.915  -1.392  10.298  1.00 0.00 ? 68 GLN A C    1 
ATOM 1036 O O    . GLN A 1 68 ? -6.090  -0.628  9.801   1.00 0.00 ? 68 GLN A O    1 
ATOM 1037 C CB   . GLN A 1 68 ? -6.705  -3.637  11.396  1.00 0.00 ? 68 GLN A CB   1 
ATOM 1038 C CG   . GLN A 1 68 ? -6.546  -5.132  11.130  1.00 0.00 ? 68 GLN A CG   1 
ATOM 1039 C CD   . GLN A 1 68 ? -7.888  -5.769  10.800  1.00 0.00 ? 68 GLN A CD   1 
ATOM 1040 O OE1  . GLN A 1 68 ? -8.517  -6.378  11.663  1.00 0.00 ? 68 GLN A OE1  1 
ATOM 1041 N NE2  . GLN A 1 68 ? -8.324  -5.629  9.546   1.00 0.00 ? 68 GLN A NE2  1 
ATOM 1042 H H    . GLN A 1 68 ? -4.793  -3.447  9.719   1.00 0.00 ? 68 GLN A H    1 
ATOM 1043 H HA   . GLN A 1 68 ? -7.707  -3.231  9.545   1.00 0.00 ? 68 GLN A HA   1 
ATOM 1044 H HB2  . GLN A 1 68 ? -5.838  -3.272  11.947  1.00 0.00 ? 68 GLN A HB2  1 
ATOM 1045 H HB3  . GLN A 1 68 ? -7.607  -3.466  11.983  1.00 0.00 ? 68 GLN A HB3  1 
ATOM 1046 H HG2  . GLN A 1 68 ? -5.864  -5.276  10.292  1.00 0.00 ? 68 GLN A HG2  1 
ATOM 1047 H HG3  . GLN A 1 68 ? -6.131  -5.610  12.018  1.00 0.00 ? 68 GLN A HG3  1 
ATOM 1048 H HE21 . GLN A 1 68 ? -7.769  -5.121  8.873   1.00 0.00 ? 68 GLN A HE21 1 
ATOM 1049 H HE22 . GLN A 1 68 ? -9.208  -6.033  9.272   1.00 0.00 ? 68 GLN A HE22 1 
ATOM 1050 N N    . LYS A 1 69 ? -7.930  -0.968  11.055  1.00 0.00 ? 69 LYS A N    1 
ATOM 1051 C CA   . LYS A 1 69 ? -8.131  0.436   11.346  1.00 0.00 ? 69 LYS A CA   1 
ATOM 1052 C C    . LYS A 1 69 ? -6.882  1.016   11.995  1.00 0.00 ? 69 LYS A C    1 
ATOM 1053 O O    . LYS A 1 69 ? -6.374  0.465   12.969  1.00 0.00 ? 69 LYS A O    1 
ATOM 1054 C CB   . LYS A 1 69 ? -9.340  0.597   12.263  1.00 0.00 ? 69 LYS A CB   1 
ATOM 1055 C CG   . LYS A 1 69 ? -10.490 -0.263  11.744  1.00 0.00 ? 69 LYS A CG   1 
ATOM 1056 C CD   . LYS A 1 69 ? -10.883 -1.283  12.809  1.00 0.00 ? 69 LYS A CD   1 
ATOM 1057 C CE   . LYS A 1 69 ? -11.642 -2.434  12.154  1.00 0.00 ? 69 LYS A CE   1 
ATOM 1058 N NZ   . LYS A 1 69 ? -12.343 -3.244  13.163  1.00 0.00 ? 69 LYS A NZ   1 
ATOM 1059 H H    . LYS A 1 69 ? -8.581  -1.638  11.441  1.00 0.00 ? 69 LYS A H    1 
ATOM 1060 H HA   . LYS A 1 69 ? -8.322  0.968   10.413  1.00 0.00 ? 69 LYS A HA   1 
ATOM 1061 H HB2  . LYS A 1 69 ? -9.076  0.280   13.271  1.00 0.00 ? 69 LYS A HB2  1 
ATOM 1062 H HB3  . LYS A 1 69 ? -9.648  1.643   12.279  1.00 0.00 ? 69 LYS A HB3  1 
ATOM 1063 H HG2  . LYS A 1 69 ? -11.345 0.373   11.516  1.00 0.00 ? 69 LYS A HG2  1 
ATOM 1064 H HG3  . LYS A 1 69 ? -10.174 -0.785  10.840  1.00 0.00 ? 69 LYS A HG3  1 
ATOM 1065 H HD2  . LYS A 1 69 ? -9.986  -1.668  13.293  1.00 0.00 ? 69 LYS A HD2  1 
ATOM 1066 H HD3  . LYS A 1 69 ? -11.520 -0.804  13.553  1.00 0.00 ? 69 LYS A HD3  1 
ATOM 1067 H HE2  . LYS A 1 69 ? -12.371 -2.029  11.452  1.00 0.00 ? 69 LYS A HE2  1 
ATOM 1068 H HE3  . LYS A 1 69 ? -10.938 -3.066  11.615  1.00 0.00 ? 69 LYS A HE3  1 
ATOM 1069 H HZ1  . LYS A 1 69 ? -13.099 -2.706  13.562  1.00 0.00 ? 69 LYS A HZ1  1 
ATOM 1070 H HZ2  . LYS A 1 69 ? -12.715 -4.076  12.727  1.00 0.00 ? 69 LYS A HZ2  1 
ATOM 1071 H HZ3  . LYS A 1 69 ? -11.696 -3.507  13.892  1.00 0.00 ? 69 LYS A HZ3  1 
ATOM 1072 N N    . TRP A 1 70 ? -6.387  2.130   11.452  1.00 0.00 ? 70 TRP A N    1 
ATOM 1073 C CA   . TRP A 1 70 ? -5.203  2.774   11.984  1.00 0.00 ? 70 TRP A CA   1 
ATOM 1074 C C    . TRP A 1 70 ? -4.030  1.804   11.962  1.00 0.00 ? 70 TRP A C    1 
ATOM 1075 O O    . TRP A 1 70 ? -3.139  1.884   12.804  1.00 0.00 ? 70 TRP A O    1 
ATOM 1076 C CB   . TRP A 1 70 ? -5.481  3.255   13.405  1.00 0.00 ? 70 TRP A CB   1 
ATOM 1077 C CG   . TRP A 1 70 ? -6.724  4.072   13.561  1.00 0.00 ? 70 TRP A CG   1 
ATOM 1078 C CD1  . TRP A 1 70 ? -7.822  3.697   14.254  1.00 0.00 ? 70 TRP A CD1  1 
ATOM 1079 C CD2  . TRP A 1 70 ? -7.023  5.398   13.026  1.00 0.00 ? 70 TRP A CD2  1 
ATOM 1080 N NE1  . TRP A 1 70 ? -8.773  4.694   14.185  1.00 0.00 ? 70 TRP A NE1  1 
ATOM 1081 C CE2  . TRP A 1 70 ? -8.331  5.767   13.438  1.00 0.00 ? 70 TRP A CE2  1 
ATOM 1082 C CE3  . TRP A 1 70 ? -6.322  6.324   12.234  1.00 0.00 ? 70 TRP A CE3  1 
ATOM 1083 C CZ2  . TRP A 1 70 ? -8.913  6.987   13.086  1.00 0.00 ? 70 TRP A CZ2  1 
ATOM 1084 C CZ3  . TRP A 1 70 ? -6.897  7.553   11.875  1.00 0.00 ? 70 TRP A CZ3  1 
ATOM 1085 C CH2  . TRP A 1 70 ? -8.189  7.887   12.298  1.00 0.00 ? 70 TRP A CH2  1 
ATOM 1086 H H    . TRP A 1 70 ? -6.841  2.544   10.652  1.00 0.00 ? 70 TRP A H    1 
ATOM 1087 H HA   . TRP A 1 70 ? -4.960  3.635   11.362  1.00 0.00 ? 70 TRP A HA   1 
ATOM 1088 H HB2  . TRP A 1 70 ? -5.562  2.382   14.052  1.00 0.00 ? 70 TRP A HB2  1 
ATOM 1089 H HB3  . TRP A 1 70 ? -4.633  3.854   13.737  1.00 0.00 ? 70 TRP A HB3  1 
ATOM 1090 H HD1  . TRP A 1 70 ? -7.936  2.762   14.782  1.00 0.00 ? 70 TRP A HD1  1 
ATOM 1091 H HE1  . TRP A 1 70 ? -9.674  4.619   14.636  1.00 0.00 ? 70 TRP A HE1  1 
ATOM 1092 H HE3  . TRP A 1 70 ? -5.324  6.087   11.897  1.00 0.00 ? 70 TRP A HE3  1 
ATOM 1093 H HZ2  . TRP A 1 70 ? -9.911  7.234   13.418  1.00 0.00 ? 70 TRP A HZ2  1 
ATOM 1094 H HZ3  . TRP A 1 70 ? -6.337  8.246   11.265  1.00 0.00 ? 70 TRP A HZ3  1 
ATOM 1095 H HH2  . TRP A 1 70 ? -8.624  8.834   12.015  1.00 0.00 ? 70 TRP A HH2  1 
ATOM 1096 N N    . GLY A 1 71 ? -4.033  0.884   10.995  1.00 0.00 ? 71 GLY A N    1 
ATOM 1097 C CA   . GLY A 1 71 ? -2.971  -0.094  10.873  1.00 0.00 ? 71 GLY A CA   1 
ATOM 1098 C C    . GLY A 1 71 ? -1.821  0.475   10.054  1.00 0.00 ? 71 GLY A C    1 
ATOM 1099 O O    . GLY A 1 71 ? -2.026  1.353   9.219   1.00 0.00 ? 71 GLY A O    1 
ATOM 1100 H H    . GLY A 1 71 ? -4.789  0.859   10.326  1.00 0.00 ? 71 GLY A H    1 
ATOM 1101 H HA2  . GLY A 1 71 ? -2.608  -0.359  11.866  1.00 0.00 ? 71 GLY A HA2  1 
ATOM 1102 H HA3  . GLY A 1 71 ? -3.357  -0.986  10.381  1.00 0.00 ? 71 GLY A HA3  1 
ATOM 1103 N N    . SER A 1 72 ? -0.608  -0.029  10.294  1.00 0.00 ? 72 SER A N    1 
ATOM 1104 C CA   . SER A 1 72 ? 0.565   0.431   9.577   1.00 0.00 ? 72 SER A CA   1 
ATOM 1105 C C    . SER A 1 72 ? 1.441   -0.757  9.205   1.00 0.00 ? 72 SER A C    1 
ATOM 1106 O O    . SER A 1 72 ? 1.331   -1.824  9.805   1.00 0.00 ? 72 SER A O    1 
ATOM 1107 C CB   . SER A 1 72 ? 1.336   1.420   10.448  1.00 0.00 ? 72 SER A CB   1 
ATOM 1108 O OG   . SER A 1 72 ? 0.565   1.747   11.582  1.00 0.00 ? 72 SER A OG   1 
ATOM 1109 H H    . SER A 1 72 ? -0.494  -0.750  10.991  1.00 0.00 ? 72 SER A H    1 
ATOM 1110 H HA   . SER A 1 72 ? 0.247   0.935   8.666   1.00 0.00 ? 72 SER A HA   1 
ATOM 1111 H HB2  . SER A 1 72 ? 2.276   0.968   10.765  1.00 0.00 ? 72 SER A HB2  1 
ATOM 1112 H HB3  . SER A 1 72 ? 1.542   2.323   9.875   1.00 0.00 ? 72 SER A HB3  1 
ATOM 1113 H HG   . SER A 1 72 ? -0.316  1.996   11.290  1.00 0.00 ? 72 SER A HG   1 
ATOM 1114 N N    . TRP A 1 73 ? 2.314   -0.570  8.213   1.00 0.00 ? 73 TRP A N    1 
ATOM 1115 C CA   . TRP A 1 73 ? 3.202   -1.626  7.772   1.00 0.00 ? 73 TRP A CA   1 
ATOM 1116 C C    . TRP A 1 73 ? 4.638   -1.121  7.751   1.00 0.00 ? 73 TRP A C    1 
ATOM 1117 O O    . TRP A 1 73 ? 4.895   0.009   7.344   1.00 0.00 ? 73 TRP A O    1 
ATOM 1118 C CB   . TRP A 1 73 ? 2.777   -2.101  6.386   1.00 0.00 ? 73 TRP A CB   1 
ATOM 1119 C CG   . TRP A 1 73 ? 3.393   -3.390  5.944   1.00 0.00 ? 73 TRP A CG   1 
ATOM 1120 C CD1  . TRP A 1 73 ? 3.848   -4.360  6.768   1.00 0.00 ? 73 TRP A CD1  1 
ATOM 1121 C CD2  . TRP A 1 73 ? 3.636   -3.873  4.588   1.00 0.00 ? 73 TRP A CD2  1 
ATOM 1122 N NE1  . TRP A 1 73 ? 4.351   -5.402  6.020   1.00 0.00 ? 73 TRP A NE1  1 
ATOM 1123 C CE2  . TRP A 1 73 ? 4.245   -5.155  4.667   1.00 0.00 ? 73 TRP A CE2  1 
ATOM 1124 C CE3  . TRP A 1 73 ? 3.403   -3.360  3.299   1.00 0.00 ? 73 TRP A CE3  1 
ATOM 1125 C CZ2  . TRP A 1 73 ? 4.605   -5.887  3.531   1.00 0.00 ? 73 TRP A CZ2  1 
ATOM 1126 C CZ3  . TRP A 1 73 ? 3.759   -4.087  2.154   1.00 0.00 ? 73 TRP A CZ3  1 
ATOM 1127 C CH2  . TRP A 1 73 ? 4.359   -5.346  2.266   1.00 0.00 ? 73 TRP A CH2  1 
ATOM 1128 H H    . TRP A 1 73 ? 2.365   0.327   7.751   1.00 0.00 ? 73 TRP A H    1 
ATOM 1129 H HA   . TRP A 1 73 ? 3.132   -2.461  8.468   1.00 0.00 ? 73 TRP A HA   1 
ATOM 1130 H HB2  . TRP A 1 73 ? 1.693   -2.222  6.382   1.00 0.00 ? 73 TRP A HB2  1 
ATOM 1131 H HB3  . TRP A 1 73 ? 3.041   -1.330  5.662   1.00 0.00 ? 73 TRP A HB3  1 
ATOM 1132 H HD1  . TRP A 1 73 ? 3.821   -4.323  7.848   1.00 0.00 ? 73 TRP A HD1  1 
ATOM 1133 H HE1  . TRP A 1 73 ? 4.744   -6.234  6.438   1.00 0.00 ? 73 TRP A HE1  1 
ATOM 1134 H HE3  . TRP A 1 73 ? 2.941   -2.390  3.191   1.00 0.00 ? 73 TRP A HE3  1 
ATOM 1135 H HZ2  . TRP A 1 73 ? 5.067   -6.858  3.630   1.00 0.00 ? 73 TRP A HZ2  1 
ATOM 1136 H HZ3  . TRP A 1 73 ? 3.569   -3.669  1.176   1.00 0.00 ? 73 TRP A HZ3  1 
ATOM 1137 H HH2  . TRP A 1 73 ? 4.630   -5.900  1.378   1.00 0.00 ? 73 TRP A HH2  1 
ATOM 1138 N N    . ASN A 1 74 ? 5.574   -1.963  8.193   1.00 0.00 ? 74 ASN A N    1 
ATOM 1139 C CA   . ASN A 1 74 ? 6.977   -1.598  8.222   1.00 0.00 ? 74 ASN A CA   1 
ATOM 1140 C C    . ASN A 1 74 ? 7.840   -2.838  8.031   1.00 0.00 ? 74 ASN A C    1 
ATOM 1141 O O    . ASN A 1 74 ? 8.477   -3.305  8.973   1.00 0.00 ? 74 ASN A O    1 
ATOM 1142 C CB   . ASN A 1 74 ? 7.296   -0.918  9.550   1.00 0.00 ? 74 ASN A CB   1 
ATOM 1143 C CG   . ASN A 1 74 ? 6.956   -1.827  10.722  1.00 0.00 ? 74 ASN A CG   1 
ATOM 1144 O OD1  . ASN A 1 74 ? 6.434   -2.922  10.529  1.00 0.00 ? 74 ASN A OD1  1 
ATOM 1145 N ND2  . ASN A 1 74 ? 7.256   -1.370  11.940  1.00 0.00 ? 74 ASN A ND2  1 
ATOM 1146 H H    . ASN A 1 74 ? 5.311   -2.883  8.517   1.00 0.00 ? 74 ASN A H    1 
ATOM 1147 H HA   . ASN A 1 74 ? 7.178   -0.901  7.410   1.00 0.00 ? 74 ASN A HA   1 
ATOM 1148 H HB2  . ASN A 1 74 ? 8.357   -0.672  9.581   1.00 0.00 ? 74 ASN A HB2  1 
ATOM 1149 H HB3  . ASN A 1 74 ? 6.713   0.001   9.630   1.00 0.00 ? 74 ASN A HB3  1 
ATOM 1150 H HD21 . ASN A 1 74 ? 7.687   -0.463  12.047  1.00 0.00 ? 74 ASN A HD21 1 
ATOM 1151 H HD22 . ASN A 1 74 ? 7.054   -1.934  12.754  1.00 0.00 ? 74 ASN A HD22 1 
ATOM 1152 N N    . PRO A 1 75 ? 7.859   -3.370  6.807   1.00 0.00 ? 75 PRO A N    1 
ATOM 1153 C CA   . PRO A 1 75 ? 8.622   -4.543  6.439   1.00 0.00 ? 75 PRO A CA   1 
ATOM 1154 C C    . PRO A 1 75 ? 10.103  -4.194  6.389   1.00 0.00 ? 75 PRO A C    1 
ATOM 1155 O O    . PRO A 1 75 ? 10.815  -4.357  7.377   1.00 0.00 ? 75 PRO A O    1 
ATOM 1156 C CB   . PRO A 1 75 ? 8.103   -4.930  5.056   1.00 0.00 ? 75 PRO A CB   1 
ATOM 1157 C CG   . PRO A 1 75 ? 7.682   -3.587  4.465   1.00 0.00 ? 75 PRO A CG   1 
ATOM 1158 C CD   . PRO A 1 75 ? 7.122   -2.847  5.677   1.00 0.00 ? 75 PRO A CD   1 
ATOM 1159 H HA   . PRO A 1 75 ? 8.457   -5.355  7.148   1.00 0.00 ? 75 PRO A HA   1 
ATOM 1160 H HB2  . PRO A 1 75 ? 8.861   -5.431  4.455   1.00 0.00 ? 75 PRO A HB2  1 
ATOM 1161 H HB3  . PRO A 1 75 ? 7.221   -5.561  5.169   1.00 0.00 ? 75 PRO A HB3  1 
ATOM 1162 H HG2  . PRO A 1 75 ? 8.567   -3.063  4.102   1.00 0.00 ? 75 PRO A HG2  1 
ATOM 1163 H HG3  . PRO A 1 75 ? 6.944   -3.695  3.669   1.00 0.00 ? 75 PRO A HG3  1 
ATOM 1164 H HD2  . PRO A 1 75 ? 7.258   -1.770  5.574   1.00 0.00 ? 75 PRO A HD2  1 
ATOM 1165 H HD3  . PRO A 1 75 ? 6.065   -3.085  5.800   1.00 0.00 ? 75 PRO A HD3  1 
ATOM 1166 N N    . GLY A 1 76 ? 10.565  -3.715  5.232   1.00 0.00 ? 76 GLY A N    1 
ATOM 1167 C CA   . GLY A 1 76 ? 11.958  -3.349  5.063   1.00 0.00 ? 76 GLY A CA   1 
ATOM 1168 C C    . GLY A 1 76 ? 12.294  -3.221  3.583   1.00 0.00 ? 76 GLY A C    1 
ATOM 1169 O O    . GLY A 1 76 ? 13.106  -3.982  3.061   1.00 0.00 ? 76 GLY A O    1 
ATOM 1170 H H    . GLY A 1 76 ? 9.939   -3.599  4.448   1.00 0.00 ? 76 GLY A H    1 
ATOM 1171 H HA2  . GLY A 1 76 ? 12.143  -2.396  5.558   1.00 0.00 ? 76 GLY A HA2  1 
ATOM 1172 H HA3  . GLY A 1 76 ? 12.589  -4.117  5.511   1.00 0.00 ? 76 GLY A HA3  1 
ATOM 1173 N N    . HIS A 1 77 ? 11.665  -2.256  2.908   1.00 0.00 ? 77 HIS A N    1 
ATOM 1174 C CA   . HIS A 1 77 ? 11.898  -2.033  1.496   1.00 0.00 ? 77 HIS A CA   1 
ATOM 1175 C C    . HIS A 1 77 ? 11.396  -3.227  0.696   1.00 0.00 ? 77 HIS A C    1 
ATOM 1176 O O    . HIS A 1 77 ? 12.086  -4.237  0.584   1.00 0.00 ? 77 HIS A O    1 
ATOM 1177 C CB   . HIS A 1 77 ? 13.389  -1.812  1.255   1.00 0.00 ? 77 HIS A CB   1 
ATOM 1178 C CG   . HIS A 1 77 ? 13.712  -1.553  -0.190  1.00 0.00 ? 77 HIS A CG   1 
ATOM 1179 N ND1  . HIS A 1 77 ? 13.283  -2.309  -1.264  1.00 0.00 ? 77 HIS A ND1  1 
ATOM 1180 C CD2  . HIS A 1 77 ? 14.480  -0.528  -0.668  1.00 0.00 ? 77 HIS A CD2  1 
ATOM 1181 C CE1  . HIS A 1 77 ? 13.785  -1.749  -2.381  1.00 0.00 ? 77 HIS A CE1  1 
ATOM 1182 N NE2  . HIS A 1 77 ? 14.515  -0.668  -2.042  1.00 0.00 ? 77 HIS A NE2  1 
ATOM 1183 H H    . HIS A 1 77 ? 11.006  -1.659  3.386   1.00 0.00 ? 77 HIS A H    1 
ATOM 1184 H HA   . HIS A 1 77 ? 11.354  -1.142  1.183   1.00 0.00 ? 77 HIS A HA   1 
ATOM 1185 H HB2  . HIS A 1 77 ? 13.717  -0.958  1.847   1.00 0.00 ? 77 HIS A HB2  1 
ATOM 1186 H HB3  . HIS A 1 77 ? 13.933  -2.699  1.583   1.00 0.00 ? 77 HIS A HB3  1 
ATOM 1187 H HD1  . HIS A 1 77 ? 12.699  -3.131  -1.220  1.00 0.00 ? 77 HIS A HD1  1 
ATOM 1188 H HD2  . HIS A 1 77 ? 14.966  0.241   -0.085  1.00 0.00 ? 77 HIS A HD2  1 
ATOM 1189 H HE1  . HIS A 1 77 ? 13.629  -2.109  -3.387  1.00 0.00 ? 77 HIS A HE1  1 
ATOM 1190 H HE2  . HIS A 1 77 ? 15.004  -0.063  -2.685  1.00 0.00 ? 77 HIS A HE2  1 
ATOM 1191 N N    . ILE A 1 78 ? 10.188  -3.108  0.138   1.00 0.00 ? 78 ILE A N    1 
ATOM 1192 C CA   . ILE A 1 78 ? 9.599   -4.173  -0.648  1.00 0.00 ? 78 ILE A CA   1 
ATOM 1193 C C    . ILE A 1 78 ? 9.951   -3.984  -2.117  1.00 0.00 ? 78 ILE A C    1 
ATOM 1194 O O    . ILE A 1 78 ? 10.114  -2.855  -2.577  1.00 0.00 ? 78 ILE A O    1 
ATOM 1195 C CB   . ILE A 1 78 ? 8.086   -4.175  -0.449  1.00 0.00 ? 78 ILE A CB   1 
ATOM 1196 C CG1  . ILE A 1 78 ? 7.768   -4.279  1.039   1.00 0.00 ? 78 ILE A CG1  1 
ATOM 1197 C CG2  . ILE A 1 78 ? 7.478   -5.366  -1.185  1.00 0.00 ? 78 ILE A CG2  1 
ATOM 1198 C CD1  . ILE A 1 78 ? 7.603   -5.748  1.422   1.00 0.00 ? 78 ILE A CD1  1 
ATOM 1199 H H    . ILE A 1 78 ? 9.661   -2.256  0.262   1.00 0.00 ? 78 ILE A H    1 
ATOM 1200 H HA   . ILE A 1 78 ? 10.001  -5.128  -0.310  1.00 0.00 ? 78 ILE A HA   1 
ATOM 1201 H HB   . ILE A 1 78 ? 7.666   -3.250  -0.846  1.00 0.00 ? 78 ILE A HB   1 
ATOM 1202 H HG12 . ILE A 1 78 ? 8.583   -3.843  1.617   1.00 0.00 ? 78 ILE A HG12 1 
ATOM 1203 H HG13 . ILE A 1 78 ? 6.843   -3.743  1.252   1.00 0.00 ? 78 ILE A HG13 1 
ATOM 1204 H HG21 . ILE A 1 78 ? 7.172   -5.059  -2.184  1.00 0.00 ? 78 ILE A HG21 1 
ATOM 1205 H HG22 . ILE A 1 78 ? 8.218   -6.162  -1.261  1.00 0.00 ? 78 ILE A HG22 1 
ATOM 1206 H HG23 . ILE A 1 78 ? 6.610   -5.728  -0.634  1.00 0.00 ? 78 ILE A HG23 1 
ATOM 1207 H HD11 . ILE A 1 78 ? 8.142   -6.372  0.710   1.00 0.00 ? 78 ILE A HD11 1 
ATOM 1208 H HD12 . ILE A 1 78 ? 8.003   -5.909  2.424   1.00 0.00 ? 78 ILE A HD12 1 
ATOM 1209 H HD13 . ILE A 1 78 ? 6.545   -6.010  1.406   1.00 0.00 ? 78 ILE A HD13 1 
ATOM 1210 N N    . HIS A 1 79 ? 10.067  -5.091  -2.854  1.00 0.00 ? 79 HIS A N    1 
ATOM 1211 C CA   . HIS A 1 79 ? 10.398  -5.041  -4.264  1.00 0.00 ? 79 HIS A CA   1 
ATOM 1212 C C    . HIS A 1 79 ? 9.538   -3.997  -4.959  1.00 0.00 ? 79 HIS A C    1 
ATOM 1213 O O    . HIS A 1 79 ? 10.001  -2.892  -5.235  1.00 0.00 ? 79 HIS A O    1 
ATOM 1214 C CB   . HIS A 1 79 ? 10.184  -6.419  -4.884  1.00 0.00 ? 79 HIS A CB   1 
ATOM 1215 C CG   . HIS A 1 79 ? 10.124  -6.376  -6.386  1.00 0.00 ? 79 HIS A CG   1 
ATOM 1216 N ND1  . HIS A 1 79 ? 11.008  -5.710  -7.214  1.00 0.00 ? 79 HIS A ND1  1 
ATOM 1217 C CD2  . HIS A 1 79 ? 9.185   -6.988  -7.168  1.00 0.00 ? 79 HIS A CD2  1 
ATOM 1218 C CE1  . HIS A 1 79 ? 10.610  -5.916  -8.482  1.00 0.00 ? 79 HIS A CE1  1 
ATOM 1219 N NE2  . HIS A 1 79 ? 9.506   -6.688  -8.477  1.00 0.00 ? 79 HIS A NE2  1 
ATOM 1220 H H    . HIS A 1 79 ? 9.922   -5.994  -2.427  1.00 0.00 ? 79 HIS A H    1 
ATOM 1221 H HA   . HIS A 1 79 ? 11.448  -4.764  -4.371  1.00 0.00 ? 79 HIS A HA   1 
ATOM 1222 H HB2  . HIS A 1 79 ? 11.004  -7.071  -4.584  1.00 0.00 ? 79 HIS A HB2  1 
ATOM 1223 H HB3  . HIS A 1 79 ? 9.249   -6.832  -4.506  1.00 0.00 ? 79 HIS A HB3  1 
ATOM 1224 H HD1  . HIS A 1 79 ? 11.808  -5.168  -6.919  1.00 0.00 ? 79 HIS A HD1  1 
ATOM 1225 H HD2  . HIS A 1 79 ? 8.353   -7.589  -6.828  1.00 0.00 ? 79 HIS A HD2  1 
ATOM 1226 H HE1  . HIS A 1 79 ? 11.098  -5.525  -9.363  1.00 0.00 ? 79 HIS A HE1  1 
ATOM 1227 H HE2  . HIS A 1 79 ? 8.999   -6.997  -9.295  1.00 0.00 ? 79 HIS A HE2  1 
ATOM 1228 N N    . GLU A 1 80 ? 8.282   -4.347  -5.245  1.00 0.00 ? 80 GLU A N    1 
ATOM 1229 C CA   . GLU A 1 80 ? 7.367   -3.437  -5.903  1.00 0.00 ? 80 GLU A CA   1 
ATOM 1230 C C    . GLU A 1 80 ? 5.931   -3.881  -5.667  1.00 0.00 ? 80 GLU A C    1 
ATOM 1231 O O    . GLU A 1 80 ? 5.661   -5.072  -5.532  1.00 0.00 ? 80 GLU A O    1 
ATOM 1232 C CB   . GLU A 1 80 ? 7.681   -3.396  -7.396  1.00 0.00 ? 80 GLU A CB   1 
ATOM 1233 C CG   . GLU A 1 80 ? 6.786   -2.364  -8.077  1.00 0.00 ? 80 GLU A CG   1 
ATOM 1234 C CD   . GLU A 1 80 ? 6.231   -2.906  -9.387  1.00 0.00 ? 80 GLU A CD   1 
ATOM 1235 O OE1  . GLU A 1 80 ? 6.252   -4.146  -9.542  1.00 0.00 ? 80 GLU A OE1  1 
ATOM 1236 O OE2  . GLU A 1 80 ? 5.797   -2.069  -10.208 1.00 0.00 ? 80 GLU A OE2  1 
ATOM 1237 H H    . GLU A 1 80 ? 7.949   -5.268  -4.997  1.00 0.00 ? 80 GLU A H    1 
ATOM 1238 H HA   . GLU A 1 80 ? 7.501   -2.438  -5.487  1.00 0.00 ? 80 GLU A HA   1 
ATOM 1239 H HB2  . GLU A 1 80 ? 8.726   -3.122  -7.541  1.00 0.00 ? 80 GLU A HB2  1 
ATOM 1240 H HB3  . GLU A 1 80 ? 7.501   -4.378  -7.833  1.00 0.00 ? 80 GLU A HB3  1 
ATOM 1241 H HG2  . GLU A 1 80 ? 5.958   -2.115  -7.413  1.00 0.00 ? 80 GLU A HG2  1 
ATOM 1242 H HG3  . GLU A 1 80 ? 7.367   -1.464  -8.279  1.00 0.00 ? 80 GLU A HG3  1 
ATOM 1243 N N    . ILE A 1 81 ? 5.008   -2.917  -5.616  1.00 0.00 ? 81 ILE A N    1 
ATOM 1244 C CA   . ILE A 1 81 ? 3.606   -3.210  -5.398  1.00 0.00 ? 81 ILE A CA   1 
ATOM 1245 C C    . ILE A 1 81 ? 2.962   -3.650  -6.706  1.00 0.00 ? 81 ILE A C    1 
ATOM 1246 O O    . ILE A 1 81 ? 3.229   -3.071  -7.757  1.00 0.00 ? 81 ILE A O    1 
ATOM 1247 C CB   . ILE A 1 81 ? 2.909   -1.971  -4.842  1.00 0.00 ? 81 ILE A CB   1 
ATOM 1248 C CG1  . ILE A 1 81 ? 3.423   -1.688  -3.433  1.00 0.00 ? 81 ILE A CG1  1 
ATOM 1249 C CG2  . ILE A 1 81 ? 1.403   -2.213  -4.795  1.00 0.00 ? 81 ILE A CG2  1 
ATOM 1250 C CD1  . ILE A 1 81 ? 2.961   -2.796  -2.490  1.00 0.00 ? 81 ILE A CD1  1 
ATOM 1251 H H    . ILE A 1 81 ? 5.284   -1.953  -5.733  1.00 0.00 ? 81 ILE A H    1 
ATOM 1252 H HA   . ILE A 1 81 ? 3.521   -4.019  -4.673  1.00 0.00 ? 81 ILE A HA   1 
ATOM 1253 H HB   . ILE A 1 81 ? 3.120   -1.116  -5.484  1.00 0.00 ? 81 ILE A HB   1 
ATOM 1254 H HG12 . ILE A 1 81 ? 4.512   -1.651  -3.444  1.00 0.00 ? 81 ILE A HG12 1 
ATOM 1255 H HG13 . ILE A 1 81 ? 3.030   -0.731  -3.088  1.00 0.00 ? 81 ILE A HG13 1 
ATOM 1256 H HG21 . ILE A 1 81 ? 1.047   -2.482  -5.789  1.00 0.00 ? 81 ILE A HG21 1 
ATOM 1257 H HG22 . ILE A 1 81 ? 1.187   -3.024  -4.100  1.00 0.00 ? 81 ILE A HG22 1 
ATOM 1258 H HG23 . ILE A 1 81 ? 0.899   -1.306  -4.462  1.00 0.00 ? 81 ILE A HG23 1 
ATOM 1259 H HD11 . ILE A 1 81 ? 2.471   -3.582  -3.066  1.00 0.00 ? 81 ILE A HD11 1 
ATOM 1260 H HD12 . ILE A 1 81 ? 3.823   -3.211  -1.968  1.00 0.00 ? 81 ILE A HD12 1 
ATOM 1261 H HD13 . ILE A 1 81 ? 2.259   -2.386  -1.764  1.00 0.00 ? 81 ILE A HD13 1 
ATOM 1262 N N    . LEU A 1 82 ? 2.111   -4.677  -6.640  1.00 0.00 ? 82 LEU A N    1 
ATOM 1263 C CA   . LEU A 1 82 ? 1.436   -5.187  -7.816  1.00 0.00 ? 82 LEU A CA   1 
ATOM 1264 C C    . LEU A 1 82 ? 0.125   -4.443  -8.022  1.00 0.00 ? 82 LEU A C    1 
ATOM 1265 O O    . LEU A 1 82 ? -0.057  -3.771  -9.034  1.00 0.00 ? 82 LEU A O    1 
ATOM 1266 C CB   . LEU A 1 82 ? 1.188   -6.684  -7.649  1.00 0.00 ? 82 LEU A CB   1 
ATOM 1267 C CG   . LEU A 1 82 ? 2.494   -7.378  -7.276  1.00 0.00 ? 82 LEU A CG   1 
ATOM 1268 C CD1  . LEU A 1 82 ? 2.349   -8.883  -7.481  1.00 0.00 ? 82 LEU A CD1  1 
ATOM 1269 C CD2  . LEU A 1 82 ? 3.621   -6.851  -8.162  1.00 0.00 ? 82 LEU A CD2  1 
ATOM 1270 H H    . LEU A 1 82 ? 1.927   -5.118  -5.751  1.00 0.00 ? 82 LEU A H    1 
ATOM 1271 H HA   . LEU A 1 82 ? 2.073   -5.030  -8.686  1.00 0.00 ? 82 LEU A HA   1 
ATOM 1272 H HB2  . LEU A 1 82 ? 0.454   -6.845  -6.859  1.00 0.00 ? 82 LEU A HB2  1 
ATOM 1273 H HB3  . LEU A 1 82 ? 0.811   -7.096  -8.585  1.00 0.00 ? 82 LEU A HB3  1 
ATOM 1274 H HG   . LEU A 1 82 ? 2.730   -7.175  -6.231  1.00 0.00 ? 82 LEU A HG   1 
ATOM 1275 H HD11 . LEU A 1 82 ? 3.205   -9.260  -8.039  1.00 0.00 ? 82 LEU A HD11 1 
ATOM 1276 H HD12 . LEU A 1 82 ? 2.302   -9.379  -6.510  1.00 0.00 ? 82 LEU A HD12 1 
ATOM 1277 H HD13 . LEU A 1 82 ? 1.434   -9.087  -8.038  1.00 0.00 ? 82 LEU A HD13 1 
ATOM 1278 H HD21 . LEU A 1 82 ? 4.324   -7.657  -8.373  1.00 0.00 ? 82 LEU A HD21 1 
ATOM 1279 H HD22 . LEU A 1 82 ? 3.204   -6.479  -9.097  1.00 0.00 ? 82 LEU A HD22 1 
ATOM 1280 H HD23 . LEU A 1 82 ? 4.139   -6.042  -7.647  1.00 0.00 ? 82 LEU A HD23 1 
ATOM 1281 N N    . SER A 1 83 ? -0.791  -4.566  -7.058  1.00 0.00 ? 83 SER A N    1 
ATOM 1282 C CA   . SER A 1 83 ? -2.078  -3.905  -7.140  1.00 0.00 ? 83 SER A CA   1 
ATOM 1283 C C    . SER A 1 83 ? -2.530  -3.482  -5.748  1.00 0.00 ? 83 SER A C    1 
ATOM 1284 O O    . SER A 1 83 ? -1.920  -3.864  -4.752  1.00 0.00 ? 83 SER A O    1 
ATOM 1285 C CB   . SER A 1 83 ? -3.094  -4.848  -7.776  1.00 0.00 ? 83 SER A CB   1 
ATOM 1286 O OG   . SER A 1 83 ? -4.216  -4.109  -8.206  1.00 0.00 ? 83 SER A OG   1 
ATOM 1287 H H    . SER A 1 83 ? -0.592  -5.132  -6.245  1.00 0.00 ? 83 SER A H    1 
ATOM 1288 H HA   . SER A 1 83 ? -1.981  -3.016  -7.764  1.00 0.00 ? 83 SER A HA   1 
ATOM 1289 H HB2  . SER A 1 83 ? -2.640  -5.348  -8.631  1.00 0.00 ? 83 SER A HB2  1 
ATOM 1290 H HB3  . SER A 1 83 ? -3.408  -5.591  -7.043  1.00 0.00 ? 83 SER A HB3  1 
ATOM 1291 H HG   . SER A 1 83 ? -4.085  -3.864  -9.124  1.00 0.00 ? 83 SER A HG   1 
ATOM 1292 N N    . ILE A 1 84 ? -3.604  -2.693  -5.683  1.00 0.00 ? 84 ILE A N    1 
ATOM 1293 C CA   . ILE A 1 84 ? -4.136  -2.224  -4.419  1.00 0.00 ? 84 ILE A CA   1 
ATOM 1294 C C    . ILE A 1 84 ? -5.648  -2.397  -4.400  1.00 0.00 ? 84 ILE A C    1 
ATOM 1295 O O    . ILE A 1 84 ? -6.337  -1.949  -5.315  1.00 0.00 ? 84 ILE A O    1 
ATOM 1296 C CB   . ILE A 1 84 ? -3.755  -0.760  -4.219  1.00 0.00 ? 84 ILE A CB   1 
ATOM 1297 C CG1  . ILE A 1 84 ? -2.291  -0.667  -3.798  1.00 0.00 ? 84 ILE A CG1  1 
ATOM 1298 C CG2  . ILE A 1 84 ? -4.635  -0.149  -3.132  1.00 0.00 ? 84 ILE A CG2  1 
ATOM 1299 C CD1  . ILE A 1 84 ? -1.896  0.800   -3.650  1.00 0.00 ? 84 ILE A CD1  1 
ATOM 1300 H H    . ILE A 1 84 ? -4.069  -2.407  -6.533  1.00 0.00 ? 84 ILE A H    1 
ATOM 1301 H HA   . ILE A 1 84 ? -3.702  -2.815  -3.612  1.00 0.00 ? 84 ILE A HA   1 
ATOM 1302 H HB   . ILE A 1 84 ? -3.900  -0.216  -5.153  1.00 0.00 ? 84 ILE A HB   1 
ATOM 1303 H HG12 . ILE A 1 84 ? -2.153  -1.178  -2.846  1.00 0.00 ? 84 ILE A HG12 1 
ATOM 1304 H HG13 . ILE A 1 84 ? -1.665  -1.137  -4.556  1.00 0.00 ? 84 ILE A HG13 1 
ATOM 1305 H HG21 . ILE A 1 84 ? -5.683  -0.327  -3.373  1.00 0.00 ? 84 ILE A HG21 1 
ATOM 1306 H HG22 . ILE A 1 84 ? -4.400  -0.609  -2.173  1.00 0.00 ? 84 ILE A HG22 1 
ATOM 1307 H HG23 . ILE A 1 84 ? -4.452  0.923   -3.076  1.00 0.00 ? 84 ILE A HG23 1 
ATOM 1308 H HD11 . ILE A 1 84 ? -2.153  1.339   -4.561  1.00 0.00 ? 84 ILE A HD11 1 
ATOM 1309 H HD12 . ILE A 1 84 ? -2.431  1.236   -2.806  1.00 0.00 ? 84 ILE A HD12 1 
ATOM 1310 H HD13 . ILE A 1 84 ? -0.822  0.871   -3.476  1.00 0.00 ? 84 ILE A HD13 1 
ATOM 1311 N N    . ARG A 1 85 ? -6.164  -3.048  -3.356  1.00 0.00 ? 85 ARG A N    1 
ATOM 1312 C CA   . ARG A 1 85 ? -7.588  -3.277  -3.225  1.00 0.00 ? 85 ARG A CA   1 
ATOM 1313 C C    . ARG A 1 85 ? -8.103  -2.614  -1.954  1.00 0.00 ? 85 ARG A C    1 
ATOM 1314 O O    . ARG A 1 85 ? -7.532  -2.798  -0.882  1.00 0.00 ? 85 ARG A O    1 
ATOM 1315 C CB   . ARG A 1 85 ? -7.861  -4.778  -3.199  1.00 0.00 ? 85 ARG A CB   1 
ATOM 1316 C CG   . ARG A 1 85 ? -9.312  -5.025  -2.794  1.00 0.00 ? 85 ARG A CG   1 
ATOM 1317 C CD   . ARG A 1 85 ? -9.563  -6.526  -2.686  1.00 0.00 ? 85 ARG A CD   1 
ATOM 1318 N NE   . ARG A 1 85 ? -10.955 -6.849  -2.991  1.00 0.00 ? 85 ARG A NE   1 
ATOM 1319 C CZ   . ARG A 1 85 ? -11.344 -8.059  -3.415  1.00 0.00 ? 85 ARG A CZ   1 
ATOM 1320 N NH1  . ARG A 1 85 ? -10.440 -9.035  -3.575  1.00 0.00 ? 85 ARG A NH1  1 
ATOM 1321 N NH2  . ARG A 1 85 ? -12.637 -8.294  -3.680  1.00 0.00 ? 85 ARG A NH2  1 
ATOM 1322 H H    . ARG A 1 85 ? -5.553  -3.396  -2.630  1.00 0.00 ? 85 ARG A H    1 
ATOM 1323 H HA   . ARG A 1 85 ? -8.098  -2.838  -4.083  1.00 0.00 ? 85 ARG A HA   1 
ATOM 1324 H HB2  . ARG A 1 85 ? -7.684  -5.196  -4.190  1.00 0.00 ? 85 ARG A HB2  1 
ATOM 1325 H HB3  . ARG A 1 85 ? -7.197  -5.255  -2.479  1.00 0.00 ? 85 ARG A HB3  1 
ATOM 1326 H HG2  . ARG A 1 85 ? -9.505  -4.554  -1.830  1.00 0.00 ? 85 ARG A HG2  1 
ATOM 1327 H HG3  . ARG A 1 85 ? -9.977  -4.598  -3.546  1.00 0.00 ? 85 ARG A HG3  1 
ATOM 1328 H HD2  . ARG A 1 85 ? -8.912  -7.048  -3.388  1.00 0.00 ? 85 ARG A HD2  1 
ATOM 1329 H HD3  . ARG A 1 85 ? -9.333  -6.854  -1.673  1.00 0.00 ? 85 ARG A HD3  1 
ATOM 1330 H HE   . ARG A 1 85 ? -11.646 -6.120  -2.873  1.00 0.00 ? 85 ARG A HE   1 
ATOM 1331 H HH11 . ARG A 1 85 ? -9.466  -8.859  -3.375  1.00 0.00 ? 85 ARG A HH11 1 
ATOM 1332 H HH12 . ARG A 1 85 ? -10.733 -9.948  -3.895  1.00 0.00 ? 85 ARG A HH12 1 
ATOM 1333 H HH21 . ARG A 1 85 ? -13.318 -7.559  -3.559  1.00 0.00 ? 85 ARG A HH21 1 
ATOM 1334 H HH22 . ARG A 1 85 ? -12.928 -9.207  -4.000  1.00 0.00 ? 85 ARG A HH22 1 
ATOM 1335 N N    . ILE A 1 86 ? -9.183  -1.839  -2.078  1.00 0.00 ? 86 ILE A N    1 
ATOM 1336 C CA   . ILE A 1 86 ? -9.771  -1.155  -0.943  1.00 0.00 ? 86 ILE A CA   1 
ATOM 1337 C C    . ILE A 1 86 ? -11.162 -1.710  -0.671  1.00 0.00 ? 86 ILE A C    1 
ATOM 1338 O O    . ILE A 1 86 ? -11.944 -1.911  -1.598  1.00 0.00 ? 86 ILE A O    1 
ATOM 1339 C CB   . ILE A 1 86 ? -9.830  0.343   -1.228  1.00 0.00 ? 86 ILE A CB   1 
ATOM 1340 C CG1  . ILE A 1 86 ? -8.452  0.833   -1.664  1.00 0.00 ? 86 ILE A CG1  1 
ATOM 1341 C CG2  . ILE A 1 86 ? -10.258 1.083   0.034   1.00 0.00 ? 86 ILE A CG2  1 
ATOM 1342 C CD1  . ILE A 1 86 ? -8.504  2.337   -1.917  1.00 0.00 ? 86 ILE A CD1  1 
ATOM 1343 H H    . ILE A 1 86 ? -9.614  -1.721  -2.984  1.00 0.00 ? 86 ILE A H    1 
ATOM 1344 H HA   . ILE A 1 86 ? -9.145  -1.324  -0.066  1.00 0.00 ? 86 ILE A HA   1 
ATOM 1345 H HB   . ILE A 1 86 ? -10.551 0.532   -2.023  1.00 0.00 ? 86 ILE A HB   1 
ATOM 1346 H HG12 . ILE A 1 86 ? -7.726  0.622   -0.879  1.00 0.00 ? 86 ILE A HG12 1 
ATOM 1347 H HG13 . ILE A 1 86 ? -8.157  0.321   -2.580  1.00 0.00 ? 86 ILE A HG13 1 
ATOM 1348 H HG21 . ILE A 1 86 ? -11.118 1.715   -0.189  1.00 0.00 ? 86 ILE A HG21 1 
ATOM 1349 H HG22 . ILE A 1 86 ? -10.527 0.362   0.806   1.00 0.00 ? 86 ILE A HG22 1 
ATOM 1350 H HG23 . ILE A 1 86 ? -9.434  1.704   0.389   1.00 0.00 ? 86 ILE A HG23 1 
ATOM 1351 H HD11 . ILE A 1 86 ? -7.569  2.793   -1.593  1.00 0.00 ? 86 ILE A HD11 1 
ATOM 1352 H HD12 . ILE A 1 86 ? -8.649  2.522   -2.981  1.00 0.00 ? 86 ILE A HD12 1 
ATOM 1353 H HD13 . ILE A 1 86 ? -9.332  2.771   -1.358  1.00 0.00 ? 86 ILE A HD13 1 
ATOM 1354 N N    . TYR A 1 87 ? -11.470 -1.956  0.604   1.00 0.00 ? 87 TYR A N    1 
ATOM 1355 C CA   . TYR A 1 87 ? -12.763 -2.486  0.988   1.00 0.00 ? 87 TYR A CA   1 
ATOM 1356 C C    . TYR A 1 87 ? -13.764 -1.349  1.135   1.00 0.00 ? 87 TYR A C    1 
ATOM 1357 O O    . TYR A 1 87 ? -14.927 -1.581  1.456   1.00 0.00 ? 87 TYR A O    1 
ATOM 1358 C CB   . TYR A 1 87 ? -12.626 -3.259  2.297   1.00 0.00 ? 87 TYR A CB   1 
ATOM 1359 C CG   . TYR A 1 87 ? -11.898 -4.573  2.148   1.00 0.00 ? 87 TYR A CG   1 
ATOM 1360 C CD1  . TYR A 1 87 ? -10.591 -4.597  1.645   1.00 0.00 ? 87 TYR A CD1  1 
ATOM 1361 C CD2  . TYR A 1 87 ? -12.530 -5.769  2.511   1.00 0.00 ? 87 TYR A CD2  1 
ATOM 1362 C CE1  . TYR A 1 87 ? -9.917  -5.816  1.506   1.00 0.00 ? 87 TYR A CE1  1 
ATOM 1363 C CE2  . TYR A 1 87 ? -11.855 -6.987  2.372   1.00 0.00 ? 87 TYR A CE2  1 
ATOM 1364 C CZ   . TYR A 1 87 ? -10.550 -7.011  1.870   1.00 0.00 ? 87 TYR A CZ   1 
ATOM 1365 O OH   . TYR A 1 87 ? -9.893  -8.200  1.734   1.00 0.00 ? 87 TYR A OH   1 
ATOM 1366 H H    . TYR A 1 87 ? -10.790 -1.773  1.330   1.00 0.00 ? 87 TYR A H    1 
ATOM 1367 H HA   . TYR A 1 87 ? -13.111 -3.166  0.210   1.00 0.00 ? 87 TYR A HA   1 
ATOM 1368 H HB2  . TYR A 1 87 ? -12.083 -2.640  3.012   1.00 0.00 ? 87 TYR A HB2  1 
ATOM 1369 H HB3  . TYR A 1 87 ? -13.623 -3.456  2.691   1.00 0.00 ? 87 TYR A HB3  1 
ATOM 1370 H HD1  . TYR A 1 87 ? -10.103 -3.676  1.366   1.00 0.00 ? 87 TYR A HD1  1 
ATOM 1371 H HD2  . TYR A 1 87 ? -13.538 -5.750  2.898   1.00 0.00 ? 87 TYR A HD2  1 
ATOM 1372 H HE1  . TYR A 1 87 ? -8.909  -5.835  1.119   1.00 0.00 ? 87 TYR A HE1  1 
ATOM 1373 H HE2  . TYR A 1 87 ? -12.343 -7.909  2.652   1.00 0.00 ? 87 TYR A HE2  1 
ATOM 1374 H HH   . TYR A 1 87 ? -8.980  -8.094  1.456   1.00 0.00 ? 87 TYR A HH   1 
# 
